data_7OG6
# 
_entry.id   7OG6 
# 
_audit_conform.dict_name       mmcif_pdbx.dic 
_audit_conform.dict_version    5.404 
_audit_conform.dict_location   http://mmcif.pdb.org/dictionaries/ascii/mmcif_pdbx.dic 
# 
loop_
_database_2.database_id 
_database_2.database_code 
_database_2.pdbx_database_accession 
_database_2.pdbx_DOI 
PDB   7OG6         pdb_00007og6 10.2210/pdb7og6/pdb 
WWPDB D_1292115724 ?            ?                   
EMDB  EMD-12879    ?            ?                   
# 
loop_
_pdbx_audit_revision_history.ordinal 
_pdbx_audit_revision_history.data_content_type 
_pdbx_audit_revision_history.major_revision 
_pdbx_audit_revision_history.minor_revision 
_pdbx_audit_revision_history.revision_date 
_pdbx_audit_revision_history.part_number 
1 'Structure model' 1 0 2021-06-23 ? 
2 'EM metadata'     1 0 2021-06-23 ? 
3 Image             1 0 2021-06-23 ? 
4 'Primary map'     1 0 2021-06-23 ? 
5 'Structure model' 1 1 2024-07-10 ? 
6 Image             1 0 2021-06-23 ? 
7 'Primary map'     1 0 2021-06-23 ? 
8 'Structure model' 1 2 2025-07-09 ? 
9 'EM metadata'     1 1 2025-07-09 ? 
# 
loop_
_pdbx_audit_revision_details.ordinal 
_pdbx_audit_revision_details.revision_ordinal 
_pdbx_audit_revision_details.data_content_type 
_pdbx_audit_revision_details.provider 
_pdbx_audit_revision_details.type 
_pdbx_audit_revision_details.description 
_pdbx_audit_revision_details.details 
1 1 'Structure model' repository 'Initial release' ? ? 
2 2 'EM metadata'     repository 'Initial release' ? ? 
3 3 Image             repository 'Initial release' ? ? 
4 4 'Primary map'     repository 'Initial release' ? ? 
5 6 Image             repository 'Initial release' ? ? 
6 7 'Primary map'     repository 'Initial release' ? ? 
# 
loop_
_pdbx_audit_revision_group.ordinal 
_pdbx_audit_revision_group.revision_ordinal 
_pdbx_audit_revision_group.data_content_type 
_pdbx_audit_revision_group.group 
1 5 'Structure model' 'Data collection'      
2 5 'Structure model' 'Database references'  
3 8 'Structure model' 'Data collection'      
4 8 'Structure model' 'Structure summary'    
5 9 'EM metadata'     'Data processing'      
6 9 'EM metadata'     'Experimental summary' 
# 
loop_
_pdbx_audit_revision_category.ordinal 
_pdbx_audit_revision_category.revision_ordinal 
_pdbx_audit_revision_category.data_content_type 
_pdbx_audit_revision_category.category 
1 5 'Structure model' chem_comp_atom     
2 5 'Structure model' chem_comp_bond     
3 5 'Structure model' database_2         
4 5 'Structure model' em_admin           
5 8 'Structure model' em_admin           
6 8 'Structure model' em_software        
7 8 'Structure model' pdbx_entry_details 
8 9 'EM metadata'     em_admin           
9 9 'EM metadata'     em_software        
# 
loop_
_pdbx_audit_revision_item.ordinal 
_pdbx_audit_revision_item.revision_ordinal 
_pdbx_audit_revision_item.data_content_type 
_pdbx_audit_revision_item.item 
1 5 'Structure model' '_database_2.pdbx_DOI'                
2 5 'Structure model' '_database_2.pdbx_database_accession' 
3 5 'Structure model' '_em_admin.last_update'               
4 8 'Structure model' '_em_admin.last_update'               
5 8 'Structure model' '_em_software.name'                   
6 9 'EM metadata'     '_em_admin.last_update'               
7 9 'EM metadata'     '_em_software.name'                   
# 
_pdbx_database_status.status_code                     REL 
_pdbx_database_status.status_code_sf                  ? 
_pdbx_database_status.status_code_mr                  ? 
_pdbx_database_status.entry_id                        7OG6 
_pdbx_database_status.recvd_initial_deposition_date   2021-05-06 
_pdbx_database_status.SG_entry                        N 
_pdbx_database_status.deposit_site                    PDBE 
_pdbx_database_status.process_site                    PDBE 
_pdbx_database_status.status_code_cs                  ? 
_pdbx_database_status.status_code_nmr_data            ? 
_pdbx_database_status.methods_development_category    ? 
_pdbx_database_status.pdb_format_compatible           Y 
# 
_pdbx_database_related.db_name        EMDB 
_pdbx_database_related.details        'Structure of Alternanthera Mosaic VLP by cryoEM' 
_pdbx_database_related.db_id          EMD-12879 
_pdbx_database_related.content_type   'associated EM volume' 
# 
loop_
_audit_author.name 
_audit_author.pdbx_ordinal 
_audit_author.identifier_ORCID 
'Byrne, M.J.'       1 0000-0001-8111-4605 
'Ranson, N.A.'      2 0000-0002-3640-5275 
'Lomonossoff, G.P.' 3 ?                   
'Thuenemann, E.C.'  4 ?                   
# 
_citation.abstract                  ? 
_citation.abstract_id_CAS           ? 
_citation.book_id_ISBN              ? 
_citation.book_publisher            ? 
_citation.book_publisher_city       ? 
_citation.book_title                ? 
_citation.coordinate_linkage        ? 
_citation.country                   CH 
_citation.database_id_Medline       ? 
_citation.details                   ? 
_citation.id                        primary 
_citation.journal_abbrev            Viruses 
_citation.journal_id_ASTM           ? 
_citation.journal_id_CSD            ? 
_citation.journal_id_ISSN           1999-4915 
_citation.journal_full              ? 
_citation.journal_issue             ? 
_citation.journal_volume            13 
_citation.language                  ? 
_citation.page_first                ? 
_citation.page_last                 ? 
_citation.title                     
'A Replicating Viral Vector Greatly Enhances Accumulation of Helical Virus-Like Particles in Plants.' 
_citation.year                      2021 
_citation.database_id_CSD           ? 
_citation.pdbx_database_id_DOI      10.3390/v13050885 
_citation.pdbx_database_id_PubMed   34064959 
_citation.pdbx_database_id_patent   ? 
_citation.unpublished_flag          ? 
# 
loop_
_citation_author.citation_id 
_citation_author.name 
_citation_author.ordinal 
_citation_author.identifier_ORCID 
primary 'Thuenemann, E.C.'     1  0000-0002-9083-2593 
primary 'Byrne, M.J.'          2  ?                   
primary 'Peyret, H.'           3  0000-0002-7808-5089 
primary 'Saunders, K.'         4  0000-0002-5606-9627 
primary 'Castells-Graells, R.' 5  0000-0002-3985-6194 
primary 'Ferriol, I.'          6  0000-0003-0111-7537 
primary 'Santoni, M.'          7  0000-0001-5694-7605 
primary 'Steele, J.F.C.'       8  0000-0002-4388-4956 
primary 'Ranson, N.A.'         9  0000-0002-3640-5275 
primary 'Avesani, L.'          10 0000-0003-4007-7013 
primary 'Lopez-Moya, J.J.'     11 0000-0002-3176-9651 
primary 'Lomonossoff, G.P.'    12 0000-0003-0700-906X 
# 
loop_
_entity.id 
_entity.type 
_entity.src_method 
_entity.pdbx_description 
_entity.formula_weight 
_entity.pdbx_number_of_molecules 
_entity.pdbx_ec 
_entity.pdbx_mutation 
_entity.pdbx_fragment 
_entity.details 
1 polymer man 'Coat protein'                   22243.895 1 ? ? ? ? 
2 polymer man 
;RNA (5'-R(P*UP*UP*UP*UP*U)-3')
;
1485.872  1 ? ? ? ? 
# 
loop_
_entity_poly.entity_id 
_entity_poly.type 
_entity_poly.nstd_linkage 
_entity_poly.nstd_monomer 
_entity_poly.pdbx_seq_one_letter_code 
_entity_poly.pdbx_seq_one_letter_code_can 
_entity_poly.pdbx_strand_id 
_entity_poly.pdbx_target_identifier 
1 'polypeptide(L)'   no no 
;MSTPFPQVTQEQMNAFTPHTTSNLLPSPEQLTTIANLLVAAKVPAASTTTIALELVNFCYDNGSSTYTAVVGPSSLAEVS
LSQVANIVKASGTSLRKFCRFFAPIIWNLRTDKTPPANWEANGFKPTEKFAAFDFFDGVENPAAMQPPGGLVRTPSQAER
IANATNKQVNLFQAAAQDNNFASNSAFITKGQLSSNSPTIQYLPPPE
;
;MSTPFPQVTQEQMNAFTPHTTSNLLPSPEQLTTIANLLVAAKVPAASTTTIALELVNFCYDNGSSTYTAVVGPSSLAEVS
LSQVANIVKASGTSLRKFCRFFAPIIWNLRTDKTPPANWEANGFKPTEKFAAFDFFDGVENPAAMQPPGGLVRTPSQAER
IANATNKQVNLFQAAAQDNNFASNSAFITKGQLSSNSPTIQYLPPPE
;
A ? 
2 polyribonucleotide no no UUUUU UUUUU R ? 
# 
loop_
_entity_poly_seq.entity_id 
_entity_poly_seq.num 
_entity_poly_seq.mon_id 
_entity_poly_seq.hetero 
1 1   MET n 
1 2   SER n 
1 3   THR n 
1 4   PRO n 
1 5   PHE n 
1 6   PRO n 
1 7   GLN n 
1 8   VAL n 
1 9   THR n 
1 10  GLN n 
1 11  GLU n 
1 12  GLN n 
1 13  MET n 
1 14  ASN n 
1 15  ALA n 
1 16  PHE n 
1 17  THR n 
1 18  PRO n 
1 19  HIS n 
1 20  THR n 
1 21  THR n 
1 22  SER n 
1 23  ASN n 
1 24  LEU n 
1 25  LEU n 
1 26  PRO n 
1 27  SER n 
1 28  PRO n 
1 29  GLU n 
1 30  GLN n 
1 31  LEU n 
1 32  THR n 
1 33  THR n 
1 34  ILE n 
1 35  ALA n 
1 36  ASN n 
1 37  LEU n 
1 38  LEU n 
1 39  VAL n 
1 40  ALA n 
1 41  ALA n 
1 42  LYS n 
1 43  VAL n 
1 44  PRO n 
1 45  ALA n 
1 46  ALA n 
1 47  SER n 
1 48  THR n 
1 49  THR n 
1 50  THR n 
1 51  ILE n 
1 52  ALA n 
1 53  LEU n 
1 54  GLU n 
1 55  LEU n 
1 56  VAL n 
1 57  ASN n 
1 58  PHE n 
1 59  CYS n 
1 60  TYR n 
1 61  ASP n 
1 62  ASN n 
1 63  GLY n 
1 64  SER n 
1 65  SER n 
1 66  THR n 
1 67  TYR n 
1 68  THR n 
1 69  ALA n 
1 70  VAL n 
1 71  VAL n 
1 72  GLY n 
1 73  PRO n 
1 74  SER n 
1 75  SER n 
1 76  LEU n 
1 77  ALA n 
1 78  GLU n 
1 79  VAL n 
1 80  SER n 
1 81  LEU n 
1 82  SER n 
1 83  GLN n 
1 84  VAL n 
1 85  ALA n 
1 86  ASN n 
1 87  ILE n 
1 88  VAL n 
1 89  LYS n 
1 90  ALA n 
1 91  SER n 
1 92  GLY n 
1 93  THR n 
1 94  SER n 
1 95  LEU n 
1 96  ARG n 
1 97  LYS n 
1 98  PHE n 
1 99  CYS n 
1 100 ARG n 
1 101 PHE n 
1 102 PHE n 
1 103 ALA n 
1 104 PRO n 
1 105 ILE n 
1 106 ILE n 
1 107 TRP n 
1 108 ASN n 
1 109 LEU n 
1 110 ARG n 
1 111 THR n 
1 112 ASP n 
1 113 LYS n 
1 114 THR n 
1 115 PRO n 
1 116 PRO n 
1 117 ALA n 
1 118 ASN n 
1 119 TRP n 
1 120 GLU n 
1 121 ALA n 
1 122 ASN n 
1 123 GLY n 
1 124 PHE n 
1 125 LYS n 
1 126 PRO n 
1 127 THR n 
1 128 GLU n 
1 129 LYS n 
1 130 PHE n 
1 131 ALA n 
1 132 ALA n 
1 133 PHE n 
1 134 ASP n 
1 135 PHE n 
1 136 PHE n 
1 137 ASP n 
1 138 GLY n 
1 139 VAL n 
1 140 GLU n 
1 141 ASN n 
1 142 PRO n 
1 143 ALA n 
1 144 ALA n 
1 145 MET n 
1 146 GLN n 
1 147 PRO n 
1 148 PRO n 
1 149 GLY n 
1 150 GLY n 
1 151 LEU n 
1 152 VAL n 
1 153 ARG n 
1 154 THR n 
1 155 PRO n 
1 156 SER n 
1 157 GLN n 
1 158 ALA n 
1 159 GLU n 
1 160 ARG n 
1 161 ILE n 
1 162 ALA n 
1 163 ASN n 
1 164 ALA n 
1 165 THR n 
1 166 ASN n 
1 167 LYS n 
1 168 GLN n 
1 169 VAL n 
1 170 ASN n 
1 171 LEU n 
1 172 PHE n 
1 173 GLN n 
1 174 ALA n 
1 175 ALA n 
1 176 ALA n 
1 177 GLN n 
1 178 ASP n 
1 179 ASN n 
1 180 ASN n 
1 181 PHE n 
1 182 ALA n 
1 183 SER n 
1 184 ASN n 
1 185 SER n 
1 186 ALA n 
1 187 PHE n 
1 188 ILE n 
1 189 THR n 
1 190 LYS n 
1 191 GLY n 
1 192 GLN n 
1 193 LEU n 
1 194 SER n 
1 195 SER n 
1 196 ASN n 
1 197 SER n 
1 198 PRO n 
1 199 THR n 
1 200 ILE n 
1 201 GLN n 
1 202 TYR n 
1 203 LEU n 
1 204 PRO n 
1 205 PRO n 
1 206 PRO n 
1 207 GLU n 
2 1   U   n 
2 2   U   n 
2 3   U   n 
2 4   U   n 
2 5   U   n 
# 
loop_
_entity_src_gen.entity_id 
_entity_src_gen.pdbx_src_id 
_entity_src_gen.pdbx_alt_source_flag 
_entity_src_gen.pdbx_seq_type 
_entity_src_gen.pdbx_beg_seq_num 
_entity_src_gen.pdbx_end_seq_num 
_entity_src_gen.gene_src_common_name 
_entity_src_gen.gene_src_genus 
_entity_src_gen.pdbx_gene_src_gene 
_entity_src_gen.gene_src_species 
_entity_src_gen.gene_src_strain 
_entity_src_gen.gene_src_tissue 
_entity_src_gen.gene_src_tissue_fraction 
_entity_src_gen.gene_src_details 
_entity_src_gen.pdbx_gene_src_fragment 
_entity_src_gen.pdbx_gene_src_scientific_name 
_entity_src_gen.pdbx_gene_src_ncbi_taxonomy_id 
_entity_src_gen.pdbx_gene_src_variant 
_entity_src_gen.pdbx_gene_src_cell_line 
_entity_src_gen.pdbx_gene_src_atcc 
_entity_src_gen.pdbx_gene_src_organ 
_entity_src_gen.pdbx_gene_src_organelle 
_entity_src_gen.pdbx_gene_src_cell 
_entity_src_gen.pdbx_gene_src_cellular_location 
_entity_src_gen.host_org_common_name 
_entity_src_gen.pdbx_host_org_scientific_name 
_entity_src_gen.pdbx_host_org_ncbi_taxonomy_id 
_entity_src_gen.host_org_genus 
_entity_src_gen.pdbx_host_org_gene 
_entity_src_gen.pdbx_host_org_organ 
_entity_src_gen.host_org_species 
_entity_src_gen.pdbx_host_org_tissue 
_entity_src_gen.pdbx_host_org_tissue_fraction 
_entity_src_gen.pdbx_host_org_strain 
_entity_src_gen.pdbx_host_org_variant 
_entity_src_gen.pdbx_host_org_cell_line 
_entity_src_gen.pdbx_host_org_atcc 
_entity_src_gen.pdbx_host_org_culture_collection 
_entity_src_gen.pdbx_host_org_cell 
_entity_src_gen.pdbx_host_org_organelle 
_entity_src_gen.pdbx_host_org_cellular_location 
_entity_src_gen.pdbx_host_org_vector_type 
_entity_src_gen.pdbx_host_org_vector 
_entity_src_gen.host_org_details 
_entity_src_gen.expression_system_id 
_entity_src_gen.plasmid_name 
_entity_src_gen.plasmid_details 
_entity_src_gen.pdbx_description 
1 1 sample 'Biological sequence' 1 207 ? ? CP ? ? ? ? ? ? 'Alternanthera mosaic virus' 85454 ? ? ? ? ? ? ? ? 
'Nicotiana benthamiana' 4100 ? ? ? ? ? ? ? ? ? ? ? ? ? ? ? ? ? ? ? ? ? 
2 1 sample 'Biological sequence' 1 5   ? ? ?  ? ? ? ? ? ? 'Alternanthera mosaic virus' 85454 ? ? ? ? ? ? ? ? 
'Nicotiana benthamiana' 4100 ? ? ? ? ? ? ? ? ? ? ? ? ? ? ? ? ? ? ? ? ? 
# 
loop_
_chem_comp.id 
_chem_comp.type 
_chem_comp.mon_nstd_flag 
_chem_comp.name 
_chem_comp.pdbx_synonyms 
_chem_comp.formula 
_chem_comp.formula_weight 
ALA 'L-peptide linking' y ALANINE                    ? 'C3 H7 N O2'     89.093  
ARG 'L-peptide linking' y ARGININE                   ? 'C6 H15 N4 O2 1' 175.209 
ASN 'L-peptide linking' y ASPARAGINE                 ? 'C4 H8 N2 O3'    132.118 
ASP 'L-peptide linking' y 'ASPARTIC ACID'            ? 'C4 H7 N O4'     133.103 
CYS 'L-peptide linking' y CYSTEINE                   ? 'C3 H7 N O2 S'   121.158 
GLN 'L-peptide linking' y GLUTAMINE                  ? 'C5 H10 N2 O3'   146.144 
GLU 'L-peptide linking' y 'GLUTAMIC ACID'            ? 'C5 H9 N O4'     147.129 
GLY 'peptide linking'   y GLYCINE                    ? 'C2 H5 N O2'     75.067  
HIS 'L-peptide linking' y HISTIDINE                  ? 'C6 H10 N3 O2 1' 156.162 
ILE 'L-peptide linking' y ISOLEUCINE                 ? 'C6 H13 N O2'    131.173 
LEU 'L-peptide linking' y LEUCINE                    ? 'C6 H13 N O2'    131.173 
LYS 'L-peptide linking' y LYSINE                     ? 'C6 H15 N2 O2 1' 147.195 
MET 'L-peptide linking' y METHIONINE                 ? 'C5 H11 N O2 S'  149.211 
PHE 'L-peptide linking' y PHENYLALANINE              ? 'C9 H11 N O2'    165.189 
PRO 'L-peptide linking' y PROLINE                    ? 'C5 H9 N O2'     115.130 
SER 'L-peptide linking' y SERINE                     ? 'C3 H7 N O3'     105.093 
THR 'L-peptide linking' y THREONINE                  ? 'C4 H9 N O3'     119.119 
TRP 'L-peptide linking' y TRYPTOPHAN                 ? 'C11 H12 N2 O2'  204.225 
TYR 'L-peptide linking' y TYROSINE                   ? 'C9 H11 N O3'    181.189 
U   'RNA linking'       y "URIDINE-5'-MONOPHOSPHATE" ? 'C9 H13 N2 O9 P' 324.181 
VAL 'L-peptide linking' y VALINE                     ? 'C5 H11 N O2'    117.146 
# 
loop_
_pdbx_poly_seq_scheme.asym_id 
_pdbx_poly_seq_scheme.entity_id 
_pdbx_poly_seq_scheme.seq_id 
_pdbx_poly_seq_scheme.mon_id 
_pdbx_poly_seq_scheme.ndb_seq_num 
_pdbx_poly_seq_scheme.pdb_seq_num 
_pdbx_poly_seq_scheme.auth_seq_num 
_pdbx_poly_seq_scheme.pdb_mon_id 
_pdbx_poly_seq_scheme.auth_mon_id 
_pdbx_poly_seq_scheme.pdb_strand_id 
_pdbx_poly_seq_scheme.pdb_ins_code 
_pdbx_poly_seq_scheme.hetero 
A 1 1   MET 1   1   ?   ?   ?   A . n 
A 1 2   SER 2   2   ?   ?   ?   A . n 
A 1 3   THR 3   3   ?   ?   ?   A . n 
A 1 4   PRO 4   4   ?   ?   ?   A . n 
A 1 5   PHE 5   5   5   PHE PHE A . n 
A 1 6   PRO 6   6   6   PRO PRO A . n 
A 1 7   GLN 7   7   7   GLN GLN A . n 
A 1 8   VAL 8   8   8   VAL VAL A . n 
A 1 9   THR 9   9   9   THR THR A . n 
A 1 10  GLN 10  10  10  GLN GLN A . n 
A 1 11  GLU 11  11  11  GLU GLU A . n 
A 1 12  GLN 12  12  12  GLN GLN A . n 
A 1 13  MET 13  13  13  MET MET A . n 
A 1 14  ASN 14  14  14  ASN ASN A . n 
A 1 15  ALA 15  15  15  ALA ALA A . n 
A 1 16  PHE 16  16  16  PHE PHE A . n 
A 1 17  THR 17  17  17  THR THR A . n 
A 1 18  PRO 18  18  18  PRO PRO A . n 
A 1 19  HIS 19  19  19  HIS HIS A . n 
A 1 20  THR 20  20  20  THR THR A . n 
A 1 21  THR 21  21  21  THR THR A . n 
A 1 22  SER 22  22  22  SER SER A . n 
A 1 23  ASN 23  23  23  ASN ASN A . n 
A 1 24  LEU 24  24  24  LEU LEU A . n 
A 1 25  LEU 25  25  25  LEU LEU A . n 
A 1 26  PRO 26  26  26  PRO PRO A . n 
A 1 27  SER 27  27  27  SER SER A . n 
A 1 28  PRO 28  28  28  PRO PRO A . n 
A 1 29  GLU 29  29  29  GLU GLU A . n 
A 1 30  GLN 30  30  30  GLN GLN A . n 
A 1 31  LEU 31  31  31  LEU LEU A . n 
A 1 32  THR 32  32  32  THR THR A . n 
A 1 33  THR 33  33  33  THR THR A . n 
A 1 34  ILE 34  34  34  ILE ILE A . n 
A 1 35  ALA 35  35  35  ALA ALA A . n 
A 1 36  ASN 36  36  36  ASN ASN A . n 
A 1 37  LEU 37  37  37  LEU LEU A . n 
A 1 38  LEU 38  38  38  LEU LEU A . n 
A 1 39  VAL 39  39  39  VAL VAL A . n 
A 1 40  ALA 40  40  40  ALA ALA A . n 
A 1 41  ALA 41  41  41  ALA ALA A . n 
A 1 42  LYS 42  42  42  LYS LYS A . n 
A 1 43  VAL 43  43  43  VAL VAL A . n 
A 1 44  PRO 44  44  44  PRO PRO A . n 
A 1 45  ALA 45  45  45  ALA ALA A . n 
A 1 46  ALA 46  46  46  ALA ALA A . n 
A 1 47  SER 47  47  47  SER SER A . n 
A 1 48  THR 48  48  48  THR THR A . n 
A 1 49  THR 49  49  49  THR THR A . n 
A 1 50  THR 50  50  50  THR THR A . n 
A 1 51  ILE 51  51  51  ILE ILE A . n 
A 1 52  ALA 52  52  52  ALA ALA A . n 
A 1 53  LEU 53  53  53  LEU LEU A . n 
A 1 54  GLU 54  54  54  GLU GLU A . n 
A 1 55  LEU 55  55  55  LEU LEU A . n 
A 1 56  VAL 56  56  56  VAL VAL A . n 
A 1 57  ASN 57  57  57  ASN ASN A . n 
A 1 58  PHE 58  58  58  PHE PHE A . n 
A 1 59  CYS 59  59  59  CYS CYS A . n 
A 1 60  TYR 60  60  60  TYR TYR A . n 
A 1 61  ASP 61  61  61  ASP ASP A . n 
A 1 62  ASN 62  62  62  ASN ASN A . n 
A 1 63  GLY 63  63  63  GLY GLY A . n 
A 1 64  SER 64  64  64  SER SER A . n 
A 1 65  SER 65  65  65  SER SER A . n 
A 1 66  THR 66  66  66  THR THR A . n 
A 1 67  TYR 67  67  67  TYR TYR A . n 
A 1 68  THR 68  68  68  THR THR A . n 
A 1 69  ALA 69  69  69  ALA ALA A . n 
A 1 70  VAL 70  70  70  VAL VAL A . n 
A 1 71  VAL 71  71  71  VAL VAL A . n 
A 1 72  GLY 72  72  72  GLY GLY A . n 
A 1 73  PRO 73  73  73  PRO PRO A . n 
A 1 74  SER 74  74  74  SER SER A . n 
A 1 75  SER 75  75  75  SER SER A . n 
A 1 76  LEU 76  76  76  LEU LEU A . n 
A 1 77  ALA 77  77  77  ALA ALA A . n 
A 1 78  GLU 78  78  78  GLU GLU A . n 
A 1 79  VAL 79  79  79  VAL VAL A . n 
A 1 80  SER 80  80  80  SER SER A . n 
A 1 81  LEU 81  81  81  LEU LEU A . n 
A 1 82  SER 82  82  82  SER SER A . n 
A 1 83  GLN 83  83  83  GLN GLN A . n 
A 1 84  VAL 84  84  84  VAL VAL A . n 
A 1 85  ALA 85  85  85  ALA ALA A . n 
A 1 86  ASN 86  86  86  ASN ASN A . n 
A 1 87  ILE 87  87  87  ILE ILE A . n 
A 1 88  VAL 88  88  88  VAL VAL A . n 
A 1 89  LYS 89  89  89  LYS LYS A . n 
A 1 90  ALA 90  90  90  ALA ALA A . n 
A 1 91  SER 91  91  91  SER SER A . n 
A 1 92  GLY 92  92  92  GLY GLY A . n 
A 1 93  THR 93  93  93  THR THR A . n 
A 1 94  SER 94  94  94  SER SER A . n 
A 1 95  LEU 95  95  95  LEU LEU A . n 
A 1 96  ARG 96  96  96  ARG ARG A . n 
A 1 97  LYS 97  97  97  LYS LYS A . n 
A 1 98  PHE 98  98  98  PHE PHE A . n 
A 1 99  CYS 99  99  99  CYS CYS A . n 
A 1 100 ARG 100 100 100 ARG ARG A . n 
A 1 101 PHE 101 101 101 PHE PHE A . n 
A 1 102 PHE 102 102 102 PHE PHE A . n 
A 1 103 ALA 103 103 103 ALA ALA A . n 
A 1 104 PRO 104 104 104 PRO PRO A . n 
A 1 105 ILE 105 105 105 ILE ILE A . n 
A 1 106 ILE 106 106 106 ILE ILE A . n 
A 1 107 TRP 107 107 107 TRP TRP A . n 
A 1 108 ASN 108 108 108 ASN ASN A . n 
A 1 109 LEU 109 109 109 LEU LEU A . n 
A 1 110 ARG 110 110 110 ARG ARG A . n 
A 1 111 THR 111 111 111 THR THR A . n 
A 1 112 ASP 112 112 112 ASP ASP A . n 
A 1 113 LYS 113 113 113 LYS LYS A . n 
A 1 114 THR 114 114 114 THR THR A . n 
A 1 115 PRO 115 115 115 PRO PRO A . n 
A 1 116 PRO 116 116 116 PRO PRO A . n 
A 1 117 ALA 117 117 117 ALA ALA A . n 
A 1 118 ASN 118 118 118 ASN ASN A . n 
A 1 119 TRP 119 119 119 TRP TRP A . n 
A 1 120 GLU 120 120 120 GLU GLU A . n 
A 1 121 ALA 121 121 121 ALA ALA A . n 
A 1 122 ASN 122 122 122 ASN ASN A . n 
A 1 123 GLY 123 123 123 GLY GLY A . n 
A 1 124 PHE 124 124 124 PHE PHE A . n 
A 1 125 LYS 125 125 125 LYS LYS A . n 
A 1 126 PRO 126 126 126 PRO PRO A . n 
A 1 127 THR 127 127 127 THR THR A . n 
A 1 128 GLU 128 128 128 GLU GLU A . n 
A 1 129 LYS 129 129 129 LYS LYS A . n 
A 1 130 PHE 130 130 130 PHE PHE A . n 
A 1 131 ALA 131 131 131 ALA ALA A . n 
A 1 132 ALA 132 132 132 ALA ALA A . n 
A 1 133 PHE 133 133 133 PHE PHE A . n 
A 1 134 ASP 134 134 134 ASP ASP A . n 
A 1 135 PHE 135 135 135 PHE PHE A . n 
A 1 136 PHE 136 136 136 PHE PHE A . n 
A 1 137 ASP 137 137 137 ASP ASP A . n 
A 1 138 GLY 138 138 138 GLY GLY A . n 
A 1 139 VAL 139 139 139 VAL VAL A . n 
A 1 140 GLU 140 140 140 GLU GLU A . n 
A 1 141 ASN 141 141 141 ASN ASN A . n 
A 1 142 PRO 142 142 142 PRO PRO A . n 
A 1 143 ALA 143 143 143 ALA ALA A . n 
A 1 144 ALA 144 144 144 ALA ALA A . n 
A 1 145 MET 145 145 145 MET MET A . n 
A 1 146 GLN 146 146 146 GLN GLN A . n 
A 1 147 PRO 147 147 147 PRO PRO A . n 
A 1 148 PRO 148 148 148 PRO PRO A . n 
A 1 149 GLY 149 149 149 GLY GLY A . n 
A 1 150 GLY 150 150 150 GLY GLY A . n 
A 1 151 LEU 151 151 151 LEU LEU A . n 
A 1 152 VAL 152 152 152 VAL VAL A . n 
A 1 153 ARG 153 153 153 ARG ARG A . n 
A 1 154 THR 154 154 154 THR THR A . n 
A 1 155 PRO 155 155 155 PRO PRO A . n 
A 1 156 SER 156 156 156 SER SER A . n 
A 1 157 GLN 157 157 157 GLN GLN A . n 
A 1 158 ALA 158 158 158 ALA ALA A . n 
A 1 159 GLU 159 159 159 GLU GLU A . n 
A 1 160 ARG 160 160 160 ARG ARG A . n 
A 1 161 ILE 161 161 161 ILE ILE A . n 
A 1 162 ALA 162 162 162 ALA ALA A . n 
A 1 163 ASN 163 163 163 ASN ASN A . n 
A 1 164 ALA 164 164 164 ALA ALA A . n 
A 1 165 THR 165 165 165 THR THR A . n 
A 1 166 ASN 166 166 166 ASN ASN A . n 
A 1 167 LYS 167 167 167 LYS LYS A . n 
A 1 168 GLN 168 168 168 GLN GLN A . n 
A 1 169 VAL 169 169 169 VAL VAL A . n 
A 1 170 ASN 170 170 170 ASN ASN A . n 
A 1 171 LEU 171 171 171 LEU LEU A . n 
A 1 172 PHE 172 172 172 PHE PHE A . n 
A 1 173 GLN 173 173 173 GLN GLN A . n 
A 1 174 ALA 174 174 174 ALA ALA A . n 
A 1 175 ALA 175 175 175 ALA ALA A . n 
A 1 176 ALA 176 176 176 ALA ALA A . n 
A 1 177 GLN 177 177 177 GLN GLN A . n 
A 1 178 ASP 178 178 178 ASP ASP A . n 
A 1 179 ASN 179 179 179 ASN ASN A . n 
A 1 180 ASN 180 180 180 ASN ASN A . n 
A 1 181 PHE 181 181 181 PHE PHE A . n 
A 1 182 ALA 182 182 182 ALA ALA A . n 
A 1 183 SER 183 183 183 SER SER A . n 
A 1 184 ASN 184 184 184 ASN ASN A . n 
A 1 185 SER 185 185 185 SER SER A . n 
A 1 186 ALA 186 186 186 ALA ALA A . n 
A 1 187 PHE 187 187 187 PHE PHE A . n 
A 1 188 ILE 188 188 188 ILE ILE A . n 
A 1 189 THR 189 189 189 THR THR A . n 
A 1 190 LYS 190 190 190 LYS LYS A . n 
A 1 191 GLY 191 191 191 GLY GLY A . n 
A 1 192 GLN 192 192 192 GLN GLN A . n 
A 1 193 LEU 193 193 193 LEU LEU A . n 
A 1 194 SER 194 194 194 SER SER A . n 
A 1 195 SER 195 195 195 SER SER A . n 
A 1 196 ASN 196 196 196 ASN ASN A . n 
A 1 197 SER 197 197 197 SER SER A . n 
A 1 198 PRO 198 198 198 PRO PRO A . n 
A 1 199 THR 199 199 199 THR THR A . n 
A 1 200 ILE 200 200 200 ILE ILE A . n 
A 1 201 GLN 201 201 201 GLN GLN A . n 
A 1 202 TYR 202 202 202 TYR TYR A . n 
A 1 203 LEU 203 203 203 LEU LEU A . n 
A 1 204 PRO 204 204 ?   ?   ?   A . n 
A 1 205 PRO 205 205 ?   ?   ?   A . n 
A 1 206 PRO 206 206 ?   ?   ?   A . n 
A 1 207 GLU 207 207 ?   ?   ?   A . n 
B 2 1   U   1   42  42  U   U   R . n 
B 2 2   U   2   43  43  U   U   R . n 
B 2 3   U   3   44  44  U   U   R . n 
B 2 4   U   4   45  45  U   U   R . n 
B 2 5   U   5   46  46  U   U   R . n 
# 
loop_
_pdbx_unobs_or_zero_occ_atoms.id 
_pdbx_unobs_or_zero_occ_atoms.PDB_model_num 
_pdbx_unobs_or_zero_occ_atoms.polymer_flag 
_pdbx_unobs_or_zero_occ_atoms.occupancy_flag 
_pdbx_unobs_or_zero_occ_atoms.auth_asym_id 
_pdbx_unobs_or_zero_occ_atoms.auth_comp_id 
_pdbx_unobs_or_zero_occ_atoms.auth_seq_id 
_pdbx_unobs_or_zero_occ_atoms.PDB_ins_code 
_pdbx_unobs_or_zero_occ_atoms.auth_atom_id 
_pdbx_unobs_or_zero_occ_atoms.label_alt_id 
_pdbx_unobs_or_zero_occ_atoms.label_asym_id 
_pdbx_unobs_or_zero_occ_atoms.label_comp_id 
_pdbx_unobs_or_zero_occ_atoms.label_seq_id 
_pdbx_unobs_or_zero_occ_atoms.label_atom_id 
1 1 Y 1 A TYR 202 ? CG  ? A TYR 202 CG  
2 1 Y 1 A TYR 202 ? CD1 ? A TYR 202 CD1 
3 1 Y 1 A TYR 202 ? CD2 ? A TYR 202 CD2 
4 1 Y 1 A TYR 202 ? CE1 ? A TYR 202 CE1 
5 1 Y 1 A TYR 202 ? CE2 ? A TYR 202 CE2 
6 1 Y 1 A TYR 202 ? CZ  ? A TYR 202 CZ  
7 1 Y 1 A TYR 202 ? OH  ? A TYR 202 OH  
# 
_software.citation_id            ? 
_software.classification         refinement 
_software.compiler_name          ? 
_software.compiler_version       ? 
_software.contact_author         ? 
_software.contact_author_email   ? 
_software.date                   ? 
_software.description            ? 
_software.dependencies           ? 
_software.hardware               ? 
_software.language               ? 
_software.location               ? 
_software.mods                   ? 
_software.name                   PHENIX 
_software.os                     ? 
_software.os_version             ? 
_software.type                   ? 
_software.version                1.17.1_3660: 
_software.pdbx_ordinal           1 
# 
_cell.angle_alpha                  90.00 
_cell.angle_alpha_esd              ? 
_cell.angle_beta                   90.00 
_cell.angle_beta_esd               ? 
_cell.angle_gamma                  90.00 
_cell.angle_gamma_esd              ? 
_cell.entry_id                     7OG6 
_cell.details                      ? 
_cell.formula_units_Z              ? 
_cell.length_a                     1.00 
_cell.length_a_esd                 ? 
_cell.length_b                     1.00 
_cell.length_b_esd                 ? 
_cell.length_c                     1.00 
_cell.length_c_esd                 ? 
_cell.volume                       ? 
_cell.volume_esd                   ? 
_cell.Z_PDB                        ? 
_cell.reciprocal_angle_alpha       ? 
_cell.reciprocal_angle_beta        ? 
_cell.reciprocal_angle_gamma       ? 
_cell.reciprocal_angle_alpha_esd   ? 
_cell.reciprocal_angle_beta_esd    ? 
_cell.reciprocal_angle_gamma_esd   ? 
_cell.reciprocal_length_a          ? 
_cell.reciprocal_length_b          ? 
_cell.reciprocal_length_c          ? 
_cell.reciprocal_length_a_esd      ? 
_cell.reciprocal_length_b_esd      ? 
_cell.reciprocal_length_c_esd      ? 
_cell.pdbx_unique_axis             ? 
# 
_symmetry.entry_id                         7OG6 
_symmetry.cell_setting                     ? 
_symmetry.Int_Tables_number                1 
_symmetry.space_group_name_Hall            ? 
_symmetry.space_group_name_H-M             'P 1' 
_symmetry.pdbx_full_space_group_name_H-M   ? 
# 
_exptl.absorpt_coefficient_mu     ? 
_exptl.absorpt_correction_T_max   ? 
_exptl.absorpt_correction_T_min   ? 
_exptl.absorpt_correction_type    ? 
_exptl.absorpt_process_details    ? 
_exptl.entry_id                   7OG6 
_exptl.crystals_number            ? 
_exptl.details                    ? 
_exptl.method                     'ELECTRON MICROSCOPY' 
_exptl.method_details             ? 
# 
_refine.pdbx_refine_id                           'ELECTRON MICROSCOPY' 
_refine.entry_id                                 7OG6 
_refine.pdbx_diffrn_id                           ? 
_refine.pdbx_TLS_residual_ADP_flag               ? 
_refine.ls_number_reflns_obs                     ? 
_refine.ls_number_reflns_all                     ? 
_refine.pdbx_ls_sigma_I                          ? 
_refine.pdbx_ls_sigma_F                          ? 
_refine.pdbx_data_cutoff_high_absF               ? 
_refine.pdbx_data_cutoff_low_absF                ? 
_refine.pdbx_data_cutoff_high_rms_absF           ? 
_refine.ls_d_res_low                             ? 
_refine.ls_d_res_high                            . 
_refine.ls_percent_reflns_obs                    ? 
_refine.ls_R_factor_obs                          ? 
_refine.ls_R_factor_all                          ? 
_refine.ls_R_factor_R_work                       ? 
_refine.ls_R_factor_R_free                       ? 
_refine.ls_R_factor_R_free_error                 ? 
_refine.ls_R_factor_R_free_error_details         ? 
_refine.ls_percent_reflns_R_free                 ? 
_refine.ls_number_reflns_R_free                  ? 
_refine.ls_number_parameters                     ? 
_refine.ls_number_restraints                     ? 
_refine.occupancy_min                            ? 
_refine.occupancy_max                            ? 
_refine.correlation_coeff_Fo_to_Fc               ? 
_refine.correlation_coeff_Fo_to_Fc_free          ? 
_refine.B_iso_mean                               ? 
_refine.aniso_B[1][1]                            ? 
_refine.aniso_B[2][2]                            ? 
_refine.aniso_B[3][3]                            ? 
_refine.aniso_B[1][2]                            ? 
_refine.aniso_B[1][3]                            ? 
_refine.aniso_B[2][3]                            ? 
_refine.solvent_model_details                    ? 
_refine.solvent_model_param_ksol                 ? 
_refine.solvent_model_param_bsol                 ? 
_refine.pdbx_solvent_vdw_probe_radii             ? 
_refine.pdbx_solvent_ion_probe_radii             ? 
_refine.pdbx_solvent_shrinkage_radii             ? 
_refine.pdbx_ls_cross_valid_method               ? 
_refine.details                                  ? 
_refine.pdbx_starting_model                      ? 
_refine.pdbx_method_to_determine_struct          ? 
_refine.pdbx_isotropic_thermal_model             ? 
_refine.pdbx_stereochemistry_target_values       ? 
_refine.pdbx_stereochem_target_val_spec_case     ? 
_refine.pdbx_R_Free_selection_details            ? 
_refine.pdbx_overall_ESU_R                       ? 
_refine.pdbx_overall_ESU_R_Free                  ? 
_refine.overall_SU_ML                            ? 
_refine.pdbx_overall_phase_error                 ? 
_refine.overall_SU_B                             ? 
_refine.overall_SU_R_Cruickshank_DPI             ? 
_refine.pdbx_overall_SU_R_free_Cruickshank_DPI   ? 
_refine.pdbx_overall_SU_R_Blow_DPI               ? 
_refine.pdbx_overall_SU_R_free_Blow_DPI          ? 
# 
loop_
_refine_ls_restr.pdbx_refine_id 
_refine_ls_restr.criterion 
_refine_ls_restr.dev_ideal 
_refine_ls_restr.dev_ideal_target 
_refine_ls_restr.number 
_refine_ls_restr.rejects 
_refine_ls_restr.type 
_refine_ls_restr.weight 
_refine_ls_restr.pdbx_restraint_function 
'ELECTRON MICROSCOPY' ? 0.007  ? 1668 ? f_bond_d           ? ? 
'ELECTRON MICROSCOPY' ? 0.655  ? 2302 ? f_angle_d          ? ? 
'ELECTRON MICROSCOPY' ? 21.533 ? 274  ? f_dihedral_angle_d ? ? 
'ELECTRON MICROSCOPY' ? 0.044  ? 275  ? f_chiral_restr     ? ? 
'ELECTRON MICROSCOPY' ? 0.006  ? 285  ? f_plane_restr      ? ? 
# 
_struct.entry_id                     7OG6 
_struct.title                        'Structure of Alternanthera Mosaic VLP by cryoEM' 
_struct.pdbx_model_details           ? 
_struct.pdbx_formula_weight          ? 
_struct.pdbx_formula_weight_method   ? 
_struct.pdbx_model_type_details      ? 
_struct.pdbx_CASP_flag               N 
# 
_struct_keywords.entry_id        7OG6 
_struct_keywords.text            'Potexvirus, Virus Like Particle, VLP.' 
_struct_keywords.pdbx_keywords   'VIRUS LIKE PARTICLE' 
# 
loop_
_struct_asym.id 
_struct_asym.pdbx_blank_PDB_chainid_flag 
_struct_asym.pdbx_modified 
_struct_asym.entity_id 
_struct_asym.details 
A N N 1 ? 
B N N 2 ? 
# 
loop_
_struct_ref.id 
_struct_ref.db_name 
_struct_ref.db_code 
_struct_ref.pdbx_db_accession 
_struct_ref.pdbx_db_isoform 
_struct_ref.entity_id 
_struct_ref.pdbx_seq_one_letter_code 
_struct_ref.pdbx_align_begin 
1 UNP Q52Z61_9VIRU Q52Z61 ? 1 
;MSTPFPQVTQEQMNAFTPHTTSNLLPSPEQLTTIANLLVAAKVPAASTTTIALELVNFCYDNGSSTYTAVVGPSSLAEVS
LSQVANIVKASGTSLRKFCRFFAPIIWNLRTDKTPPANWEANGFKPTEKFAAFDFFDGVENPAAMQPPGGLVRTPSQAER
IANATNKQVNLFQAAAQDNNFASNSAFITKGQLSSNSPTIQYLPPPE
;
1 
2 PDB 7OG6         7OG6   ? 2 ? 1 
# 
loop_
_struct_ref_seq.align_id 
_struct_ref_seq.ref_id 
_struct_ref_seq.pdbx_PDB_id_code 
_struct_ref_seq.pdbx_strand_id 
_struct_ref_seq.seq_align_beg 
_struct_ref_seq.pdbx_seq_align_beg_ins_code 
_struct_ref_seq.seq_align_end 
_struct_ref_seq.pdbx_seq_align_end_ins_code 
_struct_ref_seq.pdbx_db_accession 
_struct_ref_seq.db_align_beg 
_struct_ref_seq.pdbx_db_align_beg_ins_code 
_struct_ref_seq.db_align_end 
_struct_ref_seq.pdbx_db_align_end_ins_code 
_struct_ref_seq.pdbx_auth_seq_align_beg 
_struct_ref_seq.pdbx_auth_seq_align_end 
1 1 7OG6 A 1 ? 207 ? Q52Z61 1  ? 207 ? 1  207 
2 2 7OG6 R 1 ? 5   ? 7OG6   42 ? 46  ? 42 46  
# 
_pdbx_struct_assembly.id                   1 
_pdbx_struct_assembly.details              author_defined_assembly 
_pdbx_struct_assembly.method_details       ? 
_pdbx_struct_assembly.oligomeric_details   dimeric 
_pdbx_struct_assembly.oligomeric_count     2 
# 
_pdbx_struct_assembly_gen.assembly_id       1 
_pdbx_struct_assembly_gen.oper_expression   1 
_pdbx_struct_assembly_gen.asym_id_list      A,B 
# 
_pdbx_struct_assembly_auth_evidence.id                     1 
_pdbx_struct_assembly_auth_evidence.assembly_id            1 
_pdbx_struct_assembly_auth_evidence.experimental_support   none 
_pdbx_struct_assembly_auth_evidence.details                ? 
# 
_pdbx_struct_oper_list.id                   1 
_pdbx_struct_oper_list.type                 'identity operation' 
_pdbx_struct_oper_list.name                 1_555 
_pdbx_struct_oper_list.symmetry_operation   ? 
_pdbx_struct_oper_list.matrix[1][1]         1.0000000000 
_pdbx_struct_oper_list.matrix[1][2]         0.0000000000 
_pdbx_struct_oper_list.matrix[1][3]         0.0000000000 
_pdbx_struct_oper_list.vector[1]            0.0000000000 
_pdbx_struct_oper_list.matrix[2][1]         0.0000000000 
_pdbx_struct_oper_list.matrix[2][2]         1.0000000000 
_pdbx_struct_oper_list.matrix[2][3]         0.0000000000 
_pdbx_struct_oper_list.vector[2]            0.0000000000 
_pdbx_struct_oper_list.matrix[3][1]         0.0000000000 
_pdbx_struct_oper_list.matrix[3][2]         0.0000000000 
_pdbx_struct_oper_list.matrix[3][3]         1.0000000000 
_pdbx_struct_oper_list.vector[3]            0.0000000000 
# 
loop_
_struct_conf.conf_type_id 
_struct_conf.id 
_struct_conf.pdbx_PDB_helix_id 
_struct_conf.beg_label_comp_id 
_struct_conf.beg_label_asym_id 
_struct_conf.beg_label_seq_id 
_struct_conf.pdbx_beg_PDB_ins_code 
_struct_conf.end_label_comp_id 
_struct_conf.end_label_asym_id 
_struct_conf.end_label_seq_id 
_struct_conf.pdbx_end_PDB_ins_code 
_struct_conf.beg_auth_comp_id 
_struct_conf.beg_auth_asym_id 
_struct_conf.beg_auth_seq_id 
_struct_conf.end_auth_comp_id 
_struct_conf.end_auth_asym_id 
_struct_conf.end_auth_seq_id 
_struct_conf.pdbx_PDB_helix_class 
_struct_conf.details 
_struct_conf.pdbx_PDB_helix_length 
HELX_P HELX_P1 AA1 LEU A 31  ? ALA A 40  ? LEU A 31  ALA A 40  1 ? 10 
HELX_P HELX_P2 AA2 THR A 48  ? GLY A 63  ? THR A 48  GLY A 63  1 ? 16 
HELX_P HELX_P3 AA3 SER A 80  ? LYS A 89  ? SER A 80  LYS A 89  1 ? 10 
HELX_P HELX_P4 AA4 SER A 94  ? THR A 111 ? SER A 94  THR A 111 1 ? 18 
HELX_P HELX_P5 AA5 LYS A 125 ? ALA A 132 ? LYS A 125 ALA A 132 5 ? 8  
HELX_P HELX_P6 AA6 PHE A 135 ? VAL A 139 ? PHE A 135 VAL A 139 5 ? 5  
HELX_P HELX_P7 AA7 SER A 156 ? ALA A 175 ? SER A 156 ALA A 175 1 ? 20 
# 
_struct_conf_type.id          HELX_P 
_struct_conf_type.criteria    ? 
_struct_conf_type.reference   ? 
# 
_pdbx_entry_details.entry_id                   7OG6 
_pdbx_entry_details.compound_details           ? 
_pdbx_entry_details.source_details             ? 
_pdbx_entry_details.nonpolymer_details         ? 
_pdbx_entry_details.sequence_details           ? 
_pdbx_entry_details.has_ligand_of_interest     ? 
_pdbx_entry_details.has_protein_modification   N 
# 
loop_
_pdbx_validate_torsion.id 
_pdbx_validate_torsion.PDB_model_num 
_pdbx_validate_torsion.auth_comp_id 
_pdbx_validate_torsion.auth_asym_id 
_pdbx_validate_torsion.auth_seq_id 
_pdbx_validate_torsion.PDB_ins_code 
_pdbx_validate_torsion.label_alt_id 
_pdbx_validate_torsion.phi 
_pdbx_validate_torsion.psi 
1 1 GLN A 7   ? ? 58.25   71.36   
2 1 HIS A 19  ? ? -161.33 115.73  
3 1 ASP A 112 ? ? 58.83   10.86   
4 1 ASP A 134 ? ? -67.59  -178.62 
5 1 PHE A 135 ? ? 49.41   20.25   
6 1 PHE A 172 ? ? -91.92  46.02   
7 1 ASN A 180 ? ? -96.49  58.47   
8 1 PRO A 198 ? ? -65.77  63.99   
# 
_pdbx_validate_peptide_omega.id               1 
_pdbx_validate_peptide_omega.PDB_model_num    1 
_pdbx_validate_peptide_omega.auth_comp_id_1   PRO 
_pdbx_validate_peptide_omega.auth_asym_id_1   A 
_pdbx_validate_peptide_omega.auth_seq_id_1    198 
_pdbx_validate_peptide_omega.PDB_ins_code_1   ? 
_pdbx_validate_peptide_omega.label_alt_id_1   ? 
_pdbx_validate_peptide_omega.auth_comp_id_2   THR 
_pdbx_validate_peptide_omega.auth_asym_id_2   A 
_pdbx_validate_peptide_omega.auth_seq_id_2    199 
_pdbx_validate_peptide_omega.PDB_ins_code_2   ? 
_pdbx_validate_peptide_omega.label_alt_id_2   ? 
_pdbx_validate_peptide_omega.omega            148.52 
# 
_em_3d_fitting.entry_id          7OG6 
_em_3d_fitting.id                1 
_em_3d_fitting.details           ? 
_em_3d_fitting.overall_b_value   ? 
_em_3d_fitting.ref_protocol      ? 
_em_3d_fitting.ref_space         ? 
_em_3d_fitting.target_criteria   ? 
_em_3d_fitting.method            ? 
# 
_em_3d_reconstruction.entry_id                    7OG6 
_em_3d_reconstruction.id                          1 
_em_3d_reconstruction.algorithm                   ? 
_em_3d_reconstruction.details                     ? 
_em_3d_reconstruction.refinement_type             ? 
_em_3d_reconstruction.image_processing_id         1 
_em_3d_reconstruction.num_class_averages          ? 
_em_3d_reconstruction.num_particles               32018 
_em_3d_reconstruction.resolution                  3.3 
_em_3d_reconstruction.resolution_method           'FSC 0.143 CUT-OFF' 
_em_3d_reconstruction.symmetry_type               HELICAL 
_em_3d_reconstruction.method                      ? 
_em_3d_reconstruction.nominal_pixel_size          ? 
_em_3d_reconstruction.actual_pixel_size           ? 
_em_3d_reconstruction.magnification_calibration   ? 
# 
_em_buffer.id            1 
_em_buffer.details       '10 mM Tris-HCl, pH 8.0' 
_em_buffer.pH            8.0 
_em_buffer.specimen_id   1 
_em_buffer.name          ? 
# 
_em_entity_assembly.id                   1 
_em_entity_assembly.parent_id            0 
_em_entity_assembly.details              ? 
_em_entity_assembly.name                 'Alternanthera mosaic virus' 
_em_entity_assembly.source               RECOMBINANT 
_em_entity_assembly.type                 VIRUS 
_em_entity_assembly.entity_id_list       '1, 2' 
_em_entity_assembly.synonym              ? 
_em_entity_assembly.oligomeric_details   ? 
# 
_em_imaging.id                              1 
_em_imaging.entry_id                        7OG6 
_em_imaging.accelerating_voltage            300 
_em_imaging.alignment_procedure             ? 
_em_imaging.c2_aperture_diameter            ? 
_em_imaging.calibrated_defocus_max          ? 
_em_imaging.calibrated_defocus_min          ? 
_em_imaging.calibrated_magnification        ? 
_em_imaging.cryogen                         ? 
_em_imaging.details                         ? 
_em_imaging.electron_source                 'FIELD EMISSION GUN' 
_em_imaging.illumination_mode               'FLOOD BEAM' 
_em_imaging.microscope_model                'FEI TITAN KRIOS' 
_em_imaging.mode                            'BRIGHT FIELD' 
_em_imaging.nominal_cs                      ? 
_em_imaging.nominal_defocus_max             ? 
_em_imaging.nominal_defocus_min             ? 
_em_imaging.nominal_magnification           ? 
_em_imaging.recording_temperature_maximum   ? 
_em_imaging.recording_temperature_minimum   ? 
_em_imaging.residual_tilt                   ? 
_em_imaging.specimen_holder_model           ? 
_em_imaging.specimen_id                     1 
_em_imaging.citation_id                     ? 
_em_imaging.date                            ? 
_em_imaging.temperature                     ? 
_em_imaging.tilt_angle_min                  ? 
_em_imaging.tilt_angle_max                  ? 
_em_imaging.astigmatism                     ? 
_em_imaging.detector_distance               ? 
_em_imaging.electron_beam_tilt_params       ? 
_em_imaging.specimen_holder_type            ? 
# 
_em_virus_entity.entity_assembly_id    1 
_em_virus_entity.empty                 NO 
_em_virus_entity.enveloped             NO 
_em_virus_entity.virus_isolate         SPECIES 
_em_virus_entity.virus_type            'VIRUS-LIKE PARTICLE' 
_em_virus_entity.id                    1 
_em_virus_entity.virus_host_category   ? 
_em_virus_entity.details               ? 
# 
_em_vitrification.id                    1 
_em_vitrification.specimen_id           1 
_em_vitrification.chamber_temperature   277 
_em_vitrification.cryogen_name          ETHANE 
_em_vitrification.details               ? 
_em_vitrification.humidity              95 
_em_vitrification.instrument            'FEI VITROBOT MARK IV' 
_em_vitrification.entry_id              7OG6 
_em_vitrification.citation_id           ? 
_em_vitrification.method                ? 
_em_vitrification.temp                  ? 
_em_vitrification.time_resolved_state   ? 
# 
_em_experiment.entry_id                7OG6 
_em_experiment.id                      1 
_em_experiment.aggregation_state       FILAMENT 
_em_experiment.reconstruction_method   HELICAL 
_em_experiment.entity_assembly_id      1 
# 
loop_
_pdbx_unobs_or_zero_occ_residues.id 
_pdbx_unobs_or_zero_occ_residues.PDB_model_num 
_pdbx_unobs_or_zero_occ_residues.polymer_flag 
_pdbx_unobs_or_zero_occ_residues.occupancy_flag 
_pdbx_unobs_or_zero_occ_residues.auth_asym_id 
_pdbx_unobs_or_zero_occ_residues.auth_comp_id 
_pdbx_unobs_or_zero_occ_residues.auth_seq_id 
_pdbx_unobs_or_zero_occ_residues.PDB_ins_code 
_pdbx_unobs_or_zero_occ_residues.label_asym_id 
_pdbx_unobs_or_zero_occ_residues.label_comp_id 
_pdbx_unobs_or_zero_occ_residues.label_seq_id 
1 1 Y 1 A MET 1   ? A MET 1   
2 1 Y 1 A SER 2   ? A SER 2   
3 1 Y 1 A THR 3   ? A THR 3   
4 1 Y 1 A PRO 4   ? A PRO 4   
5 1 Y 1 A PRO 204 ? A PRO 204 
6 1 Y 1 A PRO 205 ? A PRO 205 
7 1 Y 1 A PRO 206 ? A PRO 206 
8 1 Y 1 A GLU 207 ? A GLU 207 
# 
loop_
_chem_comp_atom.comp_id 
_chem_comp_atom.atom_id 
_chem_comp_atom.type_symbol 
_chem_comp_atom.pdbx_aromatic_flag 
_chem_comp_atom.pdbx_stereo_config 
_chem_comp_atom.pdbx_ordinal 
ALA N      N N N 1   
ALA CA     C N S 2   
ALA C      C N N 3   
ALA O      O N N 4   
ALA CB     C N N 5   
ALA OXT    O N N 6   
ALA H      H N N 7   
ALA H2     H N N 8   
ALA HA     H N N 9   
ALA HB1    H N N 10  
ALA HB2    H N N 11  
ALA HB3    H N N 12  
ALA HXT    H N N 13  
ARG N      N N N 14  
ARG CA     C N S 15  
ARG C      C N N 16  
ARG O      O N N 17  
ARG CB     C N N 18  
ARG CG     C N N 19  
ARG CD     C N N 20  
ARG NE     N N N 21  
ARG CZ     C N N 22  
ARG NH1    N N N 23  
ARG NH2    N N N 24  
ARG OXT    O N N 25  
ARG H      H N N 26  
ARG H2     H N N 27  
ARG HA     H N N 28  
ARG HB2    H N N 29  
ARG HB3    H N N 30  
ARG HG2    H N N 31  
ARG HG3    H N N 32  
ARG HD2    H N N 33  
ARG HD3    H N N 34  
ARG HE     H N N 35  
ARG HH11   H N N 36  
ARG HH12   H N N 37  
ARG HH21   H N N 38  
ARG HH22   H N N 39  
ARG HXT    H N N 40  
ASN N      N N N 41  
ASN CA     C N S 42  
ASN C      C N N 43  
ASN O      O N N 44  
ASN CB     C N N 45  
ASN CG     C N N 46  
ASN OD1    O N N 47  
ASN ND2    N N N 48  
ASN OXT    O N N 49  
ASN H      H N N 50  
ASN H2     H N N 51  
ASN HA     H N N 52  
ASN HB2    H N N 53  
ASN HB3    H N N 54  
ASN HD21   H N N 55  
ASN HD22   H N N 56  
ASN HXT    H N N 57  
ASP N      N N N 58  
ASP CA     C N S 59  
ASP C      C N N 60  
ASP O      O N N 61  
ASP CB     C N N 62  
ASP CG     C N N 63  
ASP OD1    O N N 64  
ASP OD2    O N N 65  
ASP OXT    O N N 66  
ASP H      H N N 67  
ASP H2     H N N 68  
ASP HA     H N N 69  
ASP HB2    H N N 70  
ASP HB3    H N N 71  
ASP HD2    H N N 72  
ASP HXT    H N N 73  
CYS N      N N N 74  
CYS CA     C N R 75  
CYS C      C N N 76  
CYS O      O N N 77  
CYS CB     C N N 78  
CYS SG     S N N 79  
CYS OXT    O N N 80  
CYS H      H N N 81  
CYS H2     H N N 82  
CYS HA     H N N 83  
CYS HB2    H N N 84  
CYS HB3    H N N 85  
CYS HG     H N N 86  
CYS HXT    H N N 87  
GLN N      N N N 88  
GLN CA     C N S 89  
GLN C      C N N 90  
GLN O      O N N 91  
GLN CB     C N N 92  
GLN CG     C N N 93  
GLN CD     C N N 94  
GLN OE1    O N N 95  
GLN NE2    N N N 96  
GLN OXT    O N N 97  
GLN H      H N N 98  
GLN H2     H N N 99  
GLN HA     H N N 100 
GLN HB2    H N N 101 
GLN HB3    H N N 102 
GLN HG2    H N N 103 
GLN HG3    H N N 104 
GLN HE21   H N N 105 
GLN HE22   H N N 106 
GLN HXT    H N N 107 
GLU N      N N N 108 
GLU CA     C N S 109 
GLU C      C N N 110 
GLU O      O N N 111 
GLU CB     C N N 112 
GLU CG     C N N 113 
GLU CD     C N N 114 
GLU OE1    O N N 115 
GLU OE2    O N N 116 
GLU OXT    O N N 117 
GLU H      H N N 118 
GLU H2     H N N 119 
GLU HA     H N N 120 
GLU HB2    H N N 121 
GLU HB3    H N N 122 
GLU HG2    H N N 123 
GLU HG3    H N N 124 
GLU HE2    H N N 125 
GLU HXT    H N N 126 
GLY N      N N N 127 
GLY CA     C N N 128 
GLY C      C N N 129 
GLY O      O N N 130 
GLY OXT    O N N 131 
GLY H      H N N 132 
GLY H2     H N N 133 
GLY HA2    H N N 134 
GLY HA3    H N N 135 
GLY HXT    H N N 136 
HIS N      N N N 137 
HIS CA     C N S 138 
HIS C      C N N 139 
HIS O      O N N 140 
HIS CB     C N N 141 
HIS CG     C Y N 142 
HIS ND1    N Y N 143 
HIS CD2    C Y N 144 
HIS CE1    C Y N 145 
HIS NE2    N Y N 146 
HIS OXT    O N N 147 
HIS H      H N N 148 
HIS H2     H N N 149 
HIS HA     H N N 150 
HIS HB2    H N N 151 
HIS HB3    H N N 152 
HIS HD1    H N N 153 
HIS HD2    H N N 154 
HIS HE1    H N N 155 
HIS HE2    H N N 156 
HIS HXT    H N N 157 
ILE N      N N N 158 
ILE CA     C N S 159 
ILE C      C N N 160 
ILE O      O N N 161 
ILE CB     C N S 162 
ILE CG1    C N N 163 
ILE CG2    C N N 164 
ILE CD1    C N N 165 
ILE OXT    O N N 166 
ILE H      H N N 167 
ILE H2     H N N 168 
ILE HA     H N N 169 
ILE HB     H N N 170 
ILE HG12   H N N 171 
ILE HG13   H N N 172 
ILE HG21   H N N 173 
ILE HG22   H N N 174 
ILE HG23   H N N 175 
ILE HD11   H N N 176 
ILE HD12   H N N 177 
ILE HD13   H N N 178 
ILE HXT    H N N 179 
LEU N      N N N 180 
LEU CA     C N S 181 
LEU C      C N N 182 
LEU O      O N N 183 
LEU CB     C N N 184 
LEU CG     C N N 185 
LEU CD1    C N N 186 
LEU CD2    C N N 187 
LEU OXT    O N N 188 
LEU H      H N N 189 
LEU H2     H N N 190 
LEU HA     H N N 191 
LEU HB2    H N N 192 
LEU HB3    H N N 193 
LEU HG     H N N 194 
LEU HD11   H N N 195 
LEU HD12   H N N 196 
LEU HD13   H N N 197 
LEU HD21   H N N 198 
LEU HD22   H N N 199 
LEU HD23   H N N 200 
LEU HXT    H N N 201 
LYS N      N N N 202 
LYS CA     C N S 203 
LYS C      C N N 204 
LYS O      O N N 205 
LYS CB     C N N 206 
LYS CG     C N N 207 
LYS CD     C N N 208 
LYS CE     C N N 209 
LYS NZ     N N N 210 
LYS OXT    O N N 211 
LYS H      H N N 212 
LYS H2     H N N 213 
LYS HA     H N N 214 
LYS HB2    H N N 215 
LYS HB3    H N N 216 
LYS HG2    H N N 217 
LYS HG3    H N N 218 
LYS HD2    H N N 219 
LYS HD3    H N N 220 
LYS HE2    H N N 221 
LYS HE3    H N N 222 
LYS HZ1    H N N 223 
LYS HZ2    H N N 224 
LYS HZ3    H N N 225 
LYS HXT    H N N 226 
MET N      N N N 227 
MET CA     C N S 228 
MET C      C N N 229 
MET O      O N N 230 
MET CB     C N N 231 
MET CG     C N N 232 
MET SD     S N N 233 
MET CE     C N N 234 
MET OXT    O N N 235 
MET H      H N N 236 
MET H2     H N N 237 
MET HA     H N N 238 
MET HB2    H N N 239 
MET HB3    H N N 240 
MET HG2    H N N 241 
MET HG3    H N N 242 
MET HE1    H N N 243 
MET HE2    H N N 244 
MET HE3    H N N 245 
MET HXT    H N N 246 
PHE N      N N N 247 
PHE CA     C N S 248 
PHE C      C N N 249 
PHE O      O N N 250 
PHE CB     C N N 251 
PHE CG     C Y N 252 
PHE CD1    C Y N 253 
PHE CD2    C Y N 254 
PHE CE1    C Y N 255 
PHE CE2    C Y N 256 
PHE CZ     C Y N 257 
PHE OXT    O N N 258 
PHE H      H N N 259 
PHE H2     H N N 260 
PHE HA     H N N 261 
PHE HB2    H N N 262 
PHE HB3    H N N 263 
PHE HD1    H N N 264 
PHE HD2    H N N 265 
PHE HE1    H N N 266 
PHE HE2    H N N 267 
PHE HZ     H N N 268 
PHE HXT    H N N 269 
PRO N      N N N 270 
PRO CA     C N S 271 
PRO C      C N N 272 
PRO O      O N N 273 
PRO CB     C N N 274 
PRO CG     C N N 275 
PRO CD     C N N 276 
PRO OXT    O N N 277 
PRO H      H N N 278 
PRO HA     H N N 279 
PRO HB2    H N N 280 
PRO HB3    H N N 281 
PRO HG2    H N N 282 
PRO HG3    H N N 283 
PRO HD2    H N N 284 
PRO HD3    H N N 285 
PRO HXT    H N N 286 
SER N      N N N 287 
SER CA     C N S 288 
SER C      C N N 289 
SER O      O N N 290 
SER CB     C N N 291 
SER OG     O N N 292 
SER OXT    O N N 293 
SER H      H N N 294 
SER H2     H N N 295 
SER HA     H N N 296 
SER HB2    H N N 297 
SER HB3    H N N 298 
SER HG     H N N 299 
SER HXT    H N N 300 
THR N      N N N 301 
THR CA     C N S 302 
THR C      C N N 303 
THR O      O N N 304 
THR CB     C N R 305 
THR OG1    O N N 306 
THR CG2    C N N 307 
THR OXT    O N N 308 
THR H      H N N 309 
THR H2     H N N 310 
THR HA     H N N 311 
THR HB     H N N 312 
THR HG1    H N N 313 
THR HG21   H N N 314 
THR HG22   H N N 315 
THR HG23   H N N 316 
THR HXT    H N N 317 
TRP N      N N N 318 
TRP CA     C N S 319 
TRP C      C N N 320 
TRP O      O N N 321 
TRP CB     C N N 322 
TRP CG     C Y N 323 
TRP CD1    C Y N 324 
TRP CD2    C Y N 325 
TRP NE1    N Y N 326 
TRP CE2    C Y N 327 
TRP CE3    C Y N 328 
TRP CZ2    C Y N 329 
TRP CZ3    C Y N 330 
TRP CH2    C Y N 331 
TRP OXT    O N N 332 
TRP H      H N N 333 
TRP H2     H N N 334 
TRP HA     H N N 335 
TRP HB2    H N N 336 
TRP HB3    H N N 337 
TRP HD1    H N N 338 
TRP HE1    H N N 339 
TRP HE3    H N N 340 
TRP HZ2    H N N 341 
TRP HZ3    H N N 342 
TRP HH2    H N N 343 
TRP HXT    H N N 344 
TYR N      N N N 345 
TYR CA     C N S 346 
TYR C      C N N 347 
TYR O      O N N 348 
TYR CB     C N N 349 
TYR CG     C Y N 350 
TYR CD1    C Y N 351 
TYR CD2    C Y N 352 
TYR CE1    C Y N 353 
TYR CE2    C Y N 354 
TYR CZ     C Y N 355 
TYR OH     O N N 356 
TYR OXT    O N N 357 
TYR H      H N N 358 
TYR H2     H N N 359 
TYR HA     H N N 360 
TYR HB2    H N N 361 
TYR HB3    H N N 362 
TYR HD1    H N N 363 
TYR HD2    H N N 364 
TYR HE1    H N N 365 
TYR HE2    H N N 366 
TYR HH     H N N 367 
TYR HXT    H N N 368 
U   OP3    O N N 369 
U   P      P N N 370 
U   OP1    O N N 371 
U   OP2    O N N 372 
U   "O5'"  O N N 373 
U   "C5'"  C N N 374 
U   "C4'"  C N R 375 
U   "O4'"  O N N 376 
U   "C3'"  C N S 377 
U   "O3'"  O N N 378 
U   "C2'"  C N R 379 
U   "O2'"  O N N 380 
U   "C1'"  C N R 381 
U   N1     N N N 382 
U   C2     C N N 383 
U   O2     O N N 384 
U   N3     N N N 385 
U   C4     C N N 386 
U   O4     O N N 387 
U   C5     C N N 388 
U   C6     C N N 389 
U   HOP3   H N N 390 
U   HOP2   H N N 391 
U   "H5'"  H N N 392 
U   "H5''" H N N 393 
U   "H4'"  H N N 394 
U   "H3'"  H N N 395 
U   "HO3'" H N N 396 
U   "H2'"  H N N 397 
U   "HO2'" H N N 398 
U   "H1'"  H N N 399 
U   H3     H N N 400 
U   H5     H N N 401 
U   H6     H N N 402 
VAL N      N N N 403 
VAL CA     C N S 404 
VAL C      C N N 405 
VAL O      O N N 406 
VAL CB     C N N 407 
VAL CG1    C N N 408 
VAL CG2    C N N 409 
VAL OXT    O N N 410 
VAL H      H N N 411 
VAL H2     H N N 412 
VAL HA     H N N 413 
VAL HB     H N N 414 
VAL HG11   H N N 415 
VAL HG12   H N N 416 
VAL HG13   H N N 417 
VAL HG21   H N N 418 
VAL HG22   H N N 419 
VAL HG23   H N N 420 
VAL HXT    H N N 421 
# 
loop_
_chem_comp_bond.comp_id 
_chem_comp_bond.atom_id_1 
_chem_comp_bond.atom_id_2 
_chem_comp_bond.value_order 
_chem_comp_bond.pdbx_aromatic_flag 
_chem_comp_bond.pdbx_stereo_config 
_chem_comp_bond.pdbx_ordinal 
ALA N     CA     sing N N 1   
ALA N     H      sing N N 2   
ALA N     H2     sing N N 3   
ALA CA    C      sing N N 4   
ALA CA    CB     sing N N 5   
ALA CA    HA     sing N N 6   
ALA C     O      doub N N 7   
ALA C     OXT    sing N N 8   
ALA CB    HB1    sing N N 9   
ALA CB    HB2    sing N N 10  
ALA CB    HB3    sing N N 11  
ALA OXT   HXT    sing N N 12  
ARG N     CA     sing N N 13  
ARG N     H      sing N N 14  
ARG N     H2     sing N N 15  
ARG CA    C      sing N N 16  
ARG CA    CB     sing N N 17  
ARG CA    HA     sing N N 18  
ARG C     O      doub N N 19  
ARG C     OXT    sing N N 20  
ARG CB    CG     sing N N 21  
ARG CB    HB2    sing N N 22  
ARG CB    HB3    sing N N 23  
ARG CG    CD     sing N N 24  
ARG CG    HG2    sing N N 25  
ARG CG    HG3    sing N N 26  
ARG CD    NE     sing N N 27  
ARG CD    HD2    sing N N 28  
ARG CD    HD3    sing N N 29  
ARG NE    CZ     sing N N 30  
ARG NE    HE     sing N N 31  
ARG CZ    NH1    sing N N 32  
ARG CZ    NH2    doub N N 33  
ARG NH1   HH11   sing N N 34  
ARG NH1   HH12   sing N N 35  
ARG NH2   HH21   sing N N 36  
ARG NH2   HH22   sing N N 37  
ARG OXT   HXT    sing N N 38  
ASN N     CA     sing N N 39  
ASN N     H      sing N N 40  
ASN N     H2     sing N N 41  
ASN CA    C      sing N N 42  
ASN CA    CB     sing N N 43  
ASN CA    HA     sing N N 44  
ASN C     O      doub N N 45  
ASN C     OXT    sing N N 46  
ASN CB    CG     sing N N 47  
ASN CB    HB2    sing N N 48  
ASN CB    HB3    sing N N 49  
ASN CG    OD1    doub N N 50  
ASN CG    ND2    sing N N 51  
ASN ND2   HD21   sing N N 52  
ASN ND2   HD22   sing N N 53  
ASN OXT   HXT    sing N N 54  
ASP N     CA     sing N N 55  
ASP N     H      sing N N 56  
ASP N     H2     sing N N 57  
ASP CA    C      sing N N 58  
ASP CA    CB     sing N N 59  
ASP CA    HA     sing N N 60  
ASP C     O      doub N N 61  
ASP C     OXT    sing N N 62  
ASP CB    CG     sing N N 63  
ASP CB    HB2    sing N N 64  
ASP CB    HB3    sing N N 65  
ASP CG    OD1    doub N N 66  
ASP CG    OD2    sing N N 67  
ASP OD2   HD2    sing N N 68  
ASP OXT   HXT    sing N N 69  
CYS N     CA     sing N N 70  
CYS N     H      sing N N 71  
CYS N     H2     sing N N 72  
CYS CA    C      sing N N 73  
CYS CA    CB     sing N N 74  
CYS CA    HA     sing N N 75  
CYS C     O      doub N N 76  
CYS C     OXT    sing N N 77  
CYS CB    SG     sing N N 78  
CYS CB    HB2    sing N N 79  
CYS CB    HB3    sing N N 80  
CYS SG    HG     sing N N 81  
CYS OXT   HXT    sing N N 82  
GLN N     CA     sing N N 83  
GLN N     H      sing N N 84  
GLN N     H2     sing N N 85  
GLN CA    C      sing N N 86  
GLN CA    CB     sing N N 87  
GLN CA    HA     sing N N 88  
GLN C     O      doub N N 89  
GLN C     OXT    sing N N 90  
GLN CB    CG     sing N N 91  
GLN CB    HB2    sing N N 92  
GLN CB    HB3    sing N N 93  
GLN CG    CD     sing N N 94  
GLN CG    HG2    sing N N 95  
GLN CG    HG3    sing N N 96  
GLN CD    OE1    doub N N 97  
GLN CD    NE2    sing N N 98  
GLN NE2   HE21   sing N N 99  
GLN NE2   HE22   sing N N 100 
GLN OXT   HXT    sing N N 101 
GLU N     CA     sing N N 102 
GLU N     H      sing N N 103 
GLU N     H2     sing N N 104 
GLU CA    C      sing N N 105 
GLU CA    CB     sing N N 106 
GLU CA    HA     sing N N 107 
GLU C     O      doub N N 108 
GLU C     OXT    sing N N 109 
GLU CB    CG     sing N N 110 
GLU CB    HB2    sing N N 111 
GLU CB    HB3    sing N N 112 
GLU CG    CD     sing N N 113 
GLU CG    HG2    sing N N 114 
GLU CG    HG3    sing N N 115 
GLU CD    OE1    doub N N 116 
GLU CD    OE2    sing N N 117 
GLU OE2   HE2    sing N N 118 
GLU OXT   HXT    sing N N 119 
GLY N     CA     sing N N 120 
GLY N     H      sing N N 121 
GLY N     H2     sing N N 122 
GLY CA    C      sing N N 123 
GLY CA    HA2    sing N N 124 
GLY CA    HA3    sing N N 125 
GLY C     O      doub N N 126 
GLY C     OXT    sing N N 127 
GLY OXT   HXT    sing N N 128 
HIS N     CA     sing N N 129 
HIS N     H      sing N N 130 
HIS N     H2     sing N N 131 
HIS CA    C      sing N N 132 
HIS CA    CB     sing N N 133 
HIS CA    HA     sing N N 134 
HIS C     O      doub N N 135 
HIS C     OXT    sing N N 136 
HIS CB    CG     sing N N 137 
HIS CB    HB2    sing N N 138 
HIS CB    HB3    sing N N 139 
HIS CG    ND1    sing Y N 140 
HIS CG    CD2    doub Y N 141 
HIS ND1   CE1    doub Y N 142 
HIS ND1   HD1    sing N N 143 
HIS CD2   NE2    sing Y N 144 
HIS CD2   HD2    sing N N 145 
HIS CE1   NE2    sing Y N 146 
HIS CE1   HE1    sing N N 147 
HIS NE2   HE2    sing N N 148 
HIS OXT   HXT    sing N N 149 
ILE N     CA     sing N N 150 
ILE N     H      sing N N 151 
ILE N     H2     sing N N 152 
ILE CA    C      sing N N 153 
ILE CA    CB     sing N N 154 
ILE CA    HA     sing N N 155 
ILE C     O      doub N N 156 
ILE C     OXT    sing N N 157 
ILE CB    CG1    sing N N 158 
ILE CB    CG2    sing N N 159 
ILE CB    HB     sing N N 160 
ILE CG1   CD1    sing N N 161 
ILE CG1   HG12   sing N N 162 
ILE CG1   HG13   sing N N 163 
ILE CG2   HG21   sing N N 164 
ILE CG2   HG22   sing N N 165 
ILE CG2   HG23   sing N N 166 
ILE CD1   HD11   sing N N 167 
ILE CD1   HD12   sing N N 168 
ILE CD1   HD13   sing N N 169 
ILE OXT   HXT    sing N N 170 
LEU N     CA     sing N N 171 
LEU N     H      sing N N 172 
LEU N     H2     sing N N 173 
LEU CA    C      sing N N 174 
LEU CA    CB     sing N N 175 
LEU CA    HA     sing N N 176 
LEU C     O      doub N N 177 
LEU C     OXT    sing N N 178 
LEU CB    CG     sing N N 179 
LEU CB    HB2    sing N N 180 
LEU CB    HB3    sing N N 181 
LEU CG    CD1    sing N N 182 
LEU CG    CD2    sing N N 183 
LEU CG    HG     sing N N 184 
LEU CD1   HD11   sing N N 185 
LEU CD1   HD12   sing N N 186 
LEU CD1   HD13   sing N N 187 
LEU CD2   HD21   sing N N 188 
LEU CD2   HD22   sing N N 189 
LEU CD2   HD23   sing N N 190 
LEU OXT   HXT    sing N N 191 
LYS N     CA     sing N N 192 
LYS N     H      sing N N 193 
LYS N     H2     sing N N 194 
LYS CA    C      sing N N 195 
LYS CA    CB     sing N N 196 
LYS CA    HA     sing N N 197 
LYS C     O      doub N N 198 
LYS C     OXT    sing N N 199 
LYS CB    CG     sing N N 200 
LYS CB    HB2    sing N N 201 
LYS CB    HB3    sing N N 202 
LYS CG    CD     sing N N 203 
LYS CG    HG2    sing N N 204 
LYS CG    HG3    sing N N 205 
LYS CD    CE     sing N N 206 
LYS CD    HD2    sing N N 207 
LYS CD    HD3    sing N N 208 
LYS CE    NZ     sing N N 209 
LYS CE    HE2    sing N N 210 
LYS CE    HE3    sing N N 211 
LYS NZ    HZ1    sing N N 212 
LYS NZ    HZ2    sing N N 213 
LYS NZ    HZ3    sing N N 214 
LYS OXT   HXT    sing N N 215 
MET N     CA     sing N N 216 
MET N     H      sing N N 217 
MET N     H2     sing N N 218 
MET CA    C      sing N N 219 
MET CA    CB     sing N N 220 
MET CA    HA     sing N N 221 
MET C     O      doub N N 222 
MET C     OXT    sing N N 223 
MET CB    CG     sing N N 224 
MET CB    HB2    sing N N 225 
MET CB    HB3    sing N N 226 
MET CG    SD     sing N N 227 
MET CG    HG2    sing N N 228 
MET CG    HG3    sing N N 229 
MET SD    CE     sing N N 230 
MET CE    HE1    sing N N 231 
MET CE    HE2    sing N N 232 
MET CE    HE3    sing N N 233 
MET OXT   HXT    sing N N 234 
PHE N     CA     sing N N 235 
PHE N     H      sing N N 236 
PHE N     H2     sing N N 237 
PHE CA    C      sing N N 238 
PHE CA    CB     sing N N 239 
PHE CA    HA     sing N N 240 
PHE C     O      doub N N 241 
PHE C     OXT    sing N N 242 
PHE CB    CG     sing N N 243 
PHE CB    HB2    sing N N 244 
PHE CB    HB3    sing N N 245 
PHE CG    CD1    doub Y N 246 
PHE CG    CD2    sing Y N 247 
PHE CD1   CE1    sing Y N 248 
PHE CD1   HD1    sing N N 249 
PHE CD2   CE2    doub Y N 250 
PHE CD2   HD2    sing N N 251 
PHE CE1   CZ     doub Y N 252 
PHE CE1   HE1    sing N N 253 
PHE CE2   CZ     sing Y N 254 
PHE CE2   HE2    sing N N 255 
PHE CZ    HZ     sing N N 256 
PHE OXT   HXT    sing N N 257 
PRO N     CA     sing N N 258 
PRO N     CD     sing N N 259 
PRO N     H      sing N N 260 
PRO CA    C      sing N N 261 
PRO CA    CB     sing N N 262 
PRO CA    HA     sing N N 263 
PRO C     O      doub N N 264 
PRO C     OXT    sing N N 265 
PRO CB    CG     sing N N 266 
PRO CB    HB2    sing N N 267 
PRO CB    HB3    sing N N 268 
PRO CG    CD     sing N N 269 
PRO CG    HG2    sing N N 270 
PRO CG    HG3    sing N N 271 
PRO CD    HD2    sing N N 272 
PRO CD    HD3    sing N N 273 
PRO OXT   HXT    sing N N 274 
SER N     CA     sing N N 275 
SER N     H      sing N N 276 
SER N     H2     sing N N 277 
SER CA    C      sing N N 278 
SER CA    CB     sing N N 279 
SER CA    HA     sing N N 280 
SER C     O      doub N N 281 
SER C     OXT    sing N N 282 
SER CB    OG     sing N N 283 
SER CB    HB2    sing N N 284 
SER CB    HB3    sing N N 285 
SER OG    HG     sing N N 286 
SER OXT   HXT    sing N N 287 
THR N     CA     sing N N 288 
THR N     H      sing N N 289 
THR N     H2     sing N N 290 
THR CA    C      sing N N 291 
THR CA    CB     sing N N 292 
THR CA    HA     sing N N 293 
THR C     O      doub N N 294 
THR C     OXT    sing N N 295 
THR CB    OG1    sing N N 296 
THR CB    CG2    sing N N 297 
THR CB    HB     sing N N 298 
THR OG1   HG1    sing N N 299 
THR CG2   HG21   sing N N 300 
THR CG2   HG22   sing N N 301 
THR CG2   HG23   sing N N 302 
THR OXT   HXT    sing N N 303 
TRP N     CA     sing N N 304 
TRP N     H      sing N N 305 
TRP N     H2     sing N N 306 
TRP CA    C      sing N N 307 
TRP CA    CB     sing N N 308 
TRP CA    HA     sing N N 309 
TRP C     O      doub N N 310 
TRP C     OXT    sing N N 311 
TRP CB    CG     sing N N 312 
TRP CB    HB2    sing N N 313 
TRP CB    HB3    sing N N 314 
TRP CG    CD1    doub Y N 315 
TRP CG    CD2    sing Y N 316 
TRP CD1   NE1    sing Y N 317 
TRP CD1   HD1    sing N N 318 
TRP CD2   CE2    doub Y N 319 
TRP CD2   CE3    sing Y N 320 
TRP NE1   CE2    sing Y N 321 
TRP NE1   HE1    sing N N 322 
TRP CE2   CZ2    sing Y N 323 
TRP CE3   CZ3    doub Y N 324 
TRP CE3   HE3    sing N N 325 
TRP CZ2   CH2    doub Y N 326 
TRP CZ2   HZ2    sing N N 327 
TRP CZ3   CH2    sing Y N 328 
TRP CZ3   HZ3    sing N N 329 
TRP CH2   HH2    sing N N 330 
TRP OXT   HXT    sing N N 331 
TYR N     CA     sing N N 332 
TYR N     H      sing N N 333 
TYR N     H2     sing N N 334 
TYR CA    C      sing N N 335 
TYR CA    CB     sing N N 336 
TYR CA    HA     sing N N 337 
TYR C     O      doub N N 338 
TYR C     OXT    sing N N 339 
TYR CB    CG     sing N N 340 
TYR CB    HB2    sing N N 341 
TYR CB    HB3    sing N N 342 
TYR CG    CD1    doub Y N 343 
TYR CG    CD2    sing Y N 344 
TYR CD1   CE1    sing Y N 345 
TYR CD1   HD1    sing N N 346 
TYR CD2   CE2    doub Y N 347 
TYR CD2   HD2    sing N N 348 
TYR CE1   CZ     doub Y N 349 
TYR CE1   HE1    sing N N 350 
TYR CE2   CZ     sing Y N 351 
TYR CE2   HE2    sing N N 352 
TYR CZ    OH     sing N N 353 
TYR OH    HH     sing N N 354 
TYR OXT   HXT    sing N N 355 
U   OP3   P      sing N N 356 
U   OP3   HOP3   sing N N 357 
U   P     OP1    doub N N 358 
U   P     OP2    sing N N 359 
U   P     "O5'"  sing N N 360 
U   OP2   HOP2   sing N N 361 
U   "O5'" "C5'"  sing N N 362 
U   "C5'" "C4'"  sing N N 363 
U   "C5'" "H5'"  sing N N 364 
U   "C5'" "H5''" sing N N 365 
U   "C4'" "O4'"  sing N N 366 
U   "C4'" "C3'"  sing N N 367 
U   "C4'" "H4'"  sing N N 368 
U   "O4'" "C1'"  sing N N 369 
U   "C3'" "O3'"  sing N N 370 
U   "C3'" "C2'"  sing N N 371 
U   "C3'" "H3'"  sing N N 372 
U   "O3'" "HO3'" sing N N 373 
U   "C2'" "O2'"  sing N N 374 
U   "C2'" "C1'"  sing N N 375 
U   "C2'" "H2'"  sing N N 376 
U   "O2'" "HO2'" sing N N 377 
U   "C1'" N1     sing N N 378 
U   "C1'" "H1'"  sing N N 379 
U   N1    C2     sing N N 380 
U   N1    C6     sing N N 381 
U   C2    O2     doub N N 382 
U   C2    N3     sing N N 383 
U   N3    C4     sing N N 384 
U   N3    H3     sing N N 385 
U   C4    O4     doub N N 386 
U   C4    C5     sing N N 387 
U   C5    C6     doub N N 388 
U   C5    H5     sing N N 389 
U   C6    H6     sing N N 390 
VAL N     CA     sing N N 391 
VAL N     H      sing N N 392 
VAL N     H2     sing N N 393 
VAL CA    C      sing N N 394 
VAL CA    CB     sing N N 395 
VAL CA    HA     sing N N 396 
VAL C     O      doub N N 397 
VAL C     OXT    sing N N 398 
VAL CB    CG1    sing N N 399 
VAL CB    CG2    sing N N 400 
VAL CB    HB     sing N N 401 
VAL CG1   HG11   sing N N 402 
VAL CG1   HG12   sing N N 403 
VAL CG1   HG13   sing N N 404 
VAL CG2   HG21   sing N N 405 
VAL CG2   HG22   sing N N 406 
VAL CG2   HG23   sing N N 407 
VAL OXT   HXT    sing N N 408 
# 
_em_admin.entry_id           7OG6 
_em_admin.current_status     REL 
_em_admin.deposition_date    2021-05-06 
_em_admin.deposition_site    PDBE 
_em_admin.last_update        2025-07-09 
_em_admin.map_release_date   2021-06-23 
_em_admin.title              'Structure of Alternanthera Mosaic VLP by cryoEM' 
# 
_em_ctf_correction.id                       1 
_em_ctf_correction.em_image_processing_id   1 
_em_ctf_correction.type                     'PHASE FLIPPING AND AMPLITUDE CORRECTION' 
_em_ctf_correction.details                  ? 
# 
_em_entity_assembly_molwt.entity_assembly_id   1 
_em_entity_assembly_molwt.id                   1 
_em_entity_assembly_molwt.experimental_flag    NO 
_em_entity_assembly_molwt.units                ? 
_em_entity_assembly_molwt.value                ? 
# 
_em_entity_assembly_naturalsource.id                   2 
_em_entity_assembly_naturalsource.entity_assembly_id   1 
_em_entity_assembly_naturalsource.cell                 ? 
_em_entity_assembly_naturalsource.cellular_location    ? 
_em_entity_assembly_naturalsource.ncbi_tax_id          85454 
_em_entity_assembly_naturalsource.organ                ? 
_em_entity_assembly_naturalsource.organelle            ? 
_em_entity_assembly_naturalsource.organism             'Alternanthera mosaic virus' 
_em_entity_assembly_naturalsource.strain               ? 
_em_entity_assembly_naturalsource.tissue               ? 
# 
_em_entity_assembly_recombinant.id                   2 
_em_entity_assembly_recombinant.entity_assembly_id   1 
_em_entity_assembly_recombinant.cell                 ? 
_em_entity_assembly_recombinant.ncbi_tax_id          4100 
_em_entity_assembly_recombinant.organism             'Nicotiana benthamiana' 
_em_entity_assembly_recombinant.plasmid              ? 
_em_entity_assembly_recombinant.strain               ? 
# 
_em_helical_entity.id                             1 
_em_helical_entity.image_processing_id            1 
_em_helical_entity.angular_rotation_per_subunit   41.11 
_em_helical_entity.axial_rise_per_subunit         3.959 
_em_helical_entity.axial_symmetry                 C1 
_em_helical_entity.details                        ? 
# 
_em_image_processing.id                   1 
_em_image_processing.image_recording_id   1 
_em_image_processing.details              ? 
# 
_em_image_recording.id                            1 
_em_image_recording.imaging_id                    1 
_em_image_recording.avg_electron_dose_per_image   1.11 
_em_image_recording.average_exposure_time         ? 
_em_image_recording.details                       ? 
_em_image_recording.detector_mode                 INTEGRATING 
_em_image_recording.film_or_detector_model        'FEI FALCON III (4k x 4k)' 
_em_image_recording.num_diffraction_images        ? 
_em_image_recording.num_grids_imaged              ? 
_em_image_recording.num_real_images               ? 
# 
loop_
_em_software.id 
_em_software.category 
_em_software.details 
_em_software.name 
_em_software.version 
_em_software.image_processing_id 
_em_software.fitting_id 
_em_software.imaging_id 
1  'PARTICLE SELECTION'       ? ?      ?   1 ? ? 
2  'IMAGE ACQUISITION'        ? ?      ?   ? ? 1 
3  MASKING                    ? ?      ?   ? ? ? 
4  'CTF CORRECTION'           ? ?      ?   1 ? ? 
5  'LAYERLINE INDEXING'       ? ?      ?   ? ? ? 
6  'DIFFRACTION INDEXING'     ? ?      ?   ? ? ? 
7  'MODEL FITTING'            ? ?      ?   ? ? ? 
8  'MODEL REFINEMENT'         ? PHENIX ?   ? ? ? 
9  OTHER                      ? ?      ?   ? ? ? 
10 'INITIAL EULER ASSIGNMENT' ? ?      ?   1 ? ? 
11 'FINAL EULER ASSIGNMENT'   ? ?      ?   1 ? ? 
12 CLASSIFICATION             ? ?      ?   1 ? ? 
13 RECONSTRUCTION             ? RELION 3.1 1 ? ? 
# 
_em_specimen.id                      1 
_em_specimen.experiment_id           1 
_em_specimen.concentration           ? 
_em_specimen.details                 ? 
_em_specimen.embedding_applied       NO 
_em_specimen.shadowing_applied       NO 
_em_specimen.staining_applied        NO 
_em_specimen.vitrification_applied   YES 
# 
_pdbx_audit_support.funding_organization   'Biotechnology and Biological Sciences Research Council (BBSRC)' 
_pdbx_audit_support.country                'United Kingdom' 
_pdbx_audit_support.grant_number           BB/R00160X/1 
_pdbx_audit_support.ordinal                1 
# 
_atom_sites.entry_id                    7OG6 
_atom_sites.Cartn_transf_matrix[1][1]   ? 
_atom_sites.Cartn_transf_matrix[1][2]   ? 
_atom_sites.Cartn_transf_matrix[1][3]   ? 
_atom_sites.Cartn_transf_matrix[2][1]   ? 
_atom_sites.Cartn_transf_matrix[2][2]   ? 
_atom_sites.Cartn_transf_matrix[2][3]   ? 
_atom_sites.Cartn_transf_matrix[3][1]   ? 
_atom_sites.Cartn_transf_matrix[3][2]   ? 
_atom_sites.Cartn_transf_matrix[3][3]   ? 
_atom_sites.Cartn_transf_vector[1]      ? 
_atom_sites.Cartn_transf_vector[2]      ? 
_atom_sites.Cartn_transf_vector[3]      ? 
_atom_sites.fract_transf_matrix[1][1]   1.000000 
_atom_sites.fract_transf_matrix[1][2]   0.000000 
_atom_sites.fract_transf_matrix[1][3]   0.000000 
_atom_sites.fract_transf_matrix[2][1]   0.000000 
_atom_sites.fract_transf_matrix[2][2]   1.000000 
_atom_sites.fract_transf_matrix[2][3]   0.000000 
_atom_sites.fract_transf_matrix[3][1]   0.000000 
_atom_sites.fract_transf_matrix[3][2]   0.000000 
_atom_sites.fract_transf_matrix[3][3]   1.000000 
_atom_sites.fract_transf_vector[1]      0.00000 
_atom_sites.fract_transf_vector[2]      0.00000 
_atom_sites.fract_transf_vector[3]      0.00000 
_atom_sites.solution_primary            ? 
_atom_sites.solution_secondary          ? 
_atom_sites.solution_hydrogens          ? 
_atom_sites.special_details             ? 
# 
loop_
_atom_type.symbol 
C 
N 
O 
P 
S 
# 
loop_
_atom_site.group_PDB 
_atom_site.id 
_atom_site.type_symbol 
_atom_site.label_atom_id 
_atom_site.label_alt_id 
_atom_site.label_comp_id 
_atom_site.label_asym_id 
_atom_site.label_entity_id 
_atom_site.label_seq_id 
_atom_site.pdbx_PDB_ins_code 
_atom_site.Cartn_x 
_atom_site.Cartn_y 
_atom_site.Cartn_z 
_atom_site.occupancy 
_atom_site.B_iso_or_equiv 
_atom_site.pdbx_formal_charge 
_atom_site.auth_seq_id 
_atom_site.auth_comp_id 
_atom_site.auth_asym_id 
_atom_site.auth_atom_id 
_atom_site.pdbx_PDB_model_num 
ATOM 1    N N     . PHE A 1 5   ? 38.487  13.740  7.392   1.00 91.13  ? 5   PHE A N     1 
ATOM 2    C CA    . PHE A 1 5   ? 37.978  12.406  7.100   1.00 91.13  ? 5   PHE A CA    1 
ATOM 3    C C     . PHE A 1 5   ? 39.116  11.450  6.775   1.00 91.13  ? 5   PHE A C     1 
ATOM 4    O O     . PHE A 1 5   ? 40.059  11.810  6.079   1.00 91.13  ? 5   PHE A O     1 
ATOM 5    C CB    . PHE A 1 5   ? 36.981  12.461  5.955   1.00 91.13  ? 5   PHE A CB    1 
ATOM 6    C CG    . PHE A 1 5   ? 35.637  12.949  6.368   1.00 91.13  ? 5   PHE A CG    1 
ATOM 7    C CD1   . PHE A 1 5   ? 34.710  12.081  6.902   1.00 91.13  ? 5   PHE A CD1   1 
ATOM 8    C CD2   . PHE A 1 5   ? 35.303  14.280  6.236   1.00 91.13  ? 5   PHE A CD2   1 
ATOM 9    C CE1   . PHE A 1 5   ? 33.470  12.531  7.287   1.00 91.13  ? 5   PHE A CE1   1 
ATOM 10   C CE2   . PHE A 1 5   ? 34.067  14.736  6.619   1.00 91.13  ? 5   PHE A CE2   1 
ATOM 11   C CZ    . PHE A 1 5   ? 33.150  13.862  7.146   1.00 91.13  ? 5   PHE A CZ    1 
ATOM 12   N N     . PRO A 1 6   ? 39.022  10.233  7.273   1.00 95.85  ? 6   PRO A N     1 
ATOM 13   C CA    . PRO A 1 6   ? 40.200  9.362   7.308   1.00 95.85  ? 6   PRO A CA    1 
ATOM 14   C C     . PRO A 1 6   ? 40.421  8.515   6.066   1.00 95.85  ? 6   PRO A C     1 
ATOM 15   O O     . PRO A 1 6   ? 41.184  7.547   6.138   1.00 95.85  ? 6   PRO A O     1 
ATOM 16   C CB    . PRO A 1 6   ? 39.934  8.476   8.532   1.00 95.85  ? 6   PRO A CB    1 
ATOM 17   C CG    . PRO A 1 6   ? 38.443  8.564   8.789   1.00 95.85  ? 6   PRO A CG    1 
ATOM 18   C CD    . PRO A 1 6   ? 37.844  9.587   7.866   1.00 95.85  ? 6   PRO A CD    1 
ATOM 19   N N     . GLN A 1 7   ? 39.778  8.840   4.944   1.00 101.17 ? 7   GLN A N     1 
ATOM 20   C CA    . GLN A 1 7   ? 40.061  8.133   3.697   1.00 101.17 ? 7   GLN A CA    1 
ATOM 21   C C     . GLN A 1 7   ? 39.810  6.639   3.836   1.00 101.17 ? 7   GLN A C     1 
ATOM 22   O O     . GLN A 1 7   ? 40.765  5.859   3.899   1.00 101.17 ? 7   GLN A O     1 
ATOM 23   C CB    . GLN A 1 7   ? 41.498  8.386   3.239   1.00 101.17 ? 7   GLN A CB    1 
ATOM 24   C CG    . GLN A 1 7   ? 41.669  8.439   1.729   1.00 101.17 ? 7   GLN A CG    1 
ATOM 25   C CD    . GLN A 1 7   ? 41.413  7.103   1.059   1.00 101.17 ? 7   GLN A CD    1 
ATOM 26   O OE1   . GLN A 1 7   ? 41.946  6.076   1.474   1.00 101.17 ? 7   GLN A OE1   1 
ATOM 27   N NE2   . GLN A 1 7   ? 40.591  7.111   0.017   1.00 101.17 ? 7   GLN A NE2   1 
ATOM 28   N N     . VAL A 1 8   ? 38.539  6.247   3.926   1.00 103.99 ? 8   VAL A N     1 
ATOM 29   C CA    . VAL A 1 8   ? 38.105  4.905   4.307   1.00 103.99 ? 8   VAL A CA    1 
ATOM 30   C C     . VAL A 1 8   ? 38.975  3.817   3.689   1.00 103.99 ? 8   VAL A C     1 
ATOM 31   O O     . VAL A 1 8   ? 39.362  3.893   2.520   1.00 103.99 ? 8   VAL A O     1 
ATOM 32   C CB    . VAL A 1 8   ? 36.623  4.698   3.941   1.00 103.99 ? 8   VAL A CB    1 
ATOM 33   C CG1   . VAL A 1 8   ? 36.434  4.619   2.435   1.00 103.99 ? 8   VAL A CG1   1 
ATOM 34   C CG2   . VAL A 1 8   ? 36.075  3.446   4.607   1.00 103.99 ? 8   VAL A CG2   1 
ATOM 35   N N     . THR A 1 9   ? 39.323  2.824   4.497   1.00 109.06 ? 9   THR A N     1 
ATOM 36   C CA    . THR A 1 9   ? 40.225  1.756   4.106   1.00 109.06 ? 9   THR A CA    1 
ATOM 37   C C     . THR A 1 9   ? 39.462  0.466   3.841   1.00 109.06 ? 9   THR A C     1 
ATOM 38   O O     . THR A 1 9   ? 38.231  0.416   3.895   1.00 109.06 ? 9   THR A O     1 
ATOM 39   C CB    . THR A 1 9   ? 41.269  1.509   5.189   1.00 109.06 ? 9   THR A CB    1 
ATOM 40   O OG1   . THR A 1 9   ? 42.193  0.513   4.738   1.00 109.06 ? 9   THR A OG1   1 
ATOM 41   C CG2   . THR A 1 9   ? 40.593  1.026   6.459   1.00 109.06 ? 9   THR A CG2   1 
ATOM 42   N N     . GLN A 1 10  ? 40.220  -0.594  3.559   1.00 112.70 ? 10  GLN A N     1 
ATOM 43   C CA    . GLN A 1 10  ? 39.610  -1.851  3.144   1.00 112.70 ? 10  GLN A CA    1 
ATOM 44   C C     . GLN A 1 10  ? 38.923  -2.544  4.310   1.00 112.70 ? 10  GLN A C     1 
ATOM 45   O O     . GLN A 1 10  ? 37.822  -3.084  4.160   1.00 112.70 ? 10  GLN A O     1 
ATOM 46   C CB    . GLN A 1 10  ? 40.662  -2.766  2.522   1.00 112.70 ? 10  GLN A CB    1 
ATOM 47   C CG    . GLN A 1 10  ? 40.127  -4.096  2.002   1.00 112.70 ? 10  GLN A CG    1 
ATOM 48   C CD    . GLN A 1 10  ? 38.786  -3.991  1.295   1.00 112.70 ? 10  GLN A CD    1 
ATOM 49   O OE1   . GLN A 1 10  ? 38.502  -3.014  0.599   1.00 112.70 ? 10  GLN A OE1   1 
ATOM 50   N NE2   . GLN A 1 10  ? 37.949  -5.005  1.474   1.00 112.70 ? 10  GLN A NE2   1 
ATOM 51   N N     . GLU A 1 11  ? 39.562  -2.551  5.480   1.00 112.81 ? 11  GLU A N     1 
ATOM 52   C CA    . GLU A 1 11  ? 38.977  -3.223  6.634   1.00 112.81 ? 11  GLU A CA    1 
ATOM 53   C C     . GLU A 1 11  ? 37.646  -2.590  7.011   1.00 112.81 ? 11  GLU A C     1 
ATOM 54   O O     . GLU A 1 11  ? 36.724  -3.274  7.468   1.00 112.81 ? 11  GLU A O     1 
ATOM 55   C CB    . GLU A 1 11  ? 39.938  -3.198  7.824   1.00 112.81 ? 11  GLU A CB    1 
ATOM 56   C CG    . GLU A 1 11  ? 41.264  -3.942  7.639   1.00 112.81 ? 11  GLU A CG    1 
ATOM 57   C CD    . GLU A 1 11  ? 42.126  -3.385  6.522   1.00 112.81 ? 11  GLU A CD    1 
ATOM 58   O OE1   . GLU A 1 11  ? 42.751  -4.186  5.795   1.00 112.81 ? 11  GLU A OE1   1 
ATOM 59   O OE2   . GLU A 1 11  ? 42.178  -2.146  6.375   1.00 112.81 ? 11  GLU A OE2   1 
ATOM 60   N N     . GLN A 1 12  ? 37.530  -1.276  6.825   1.00 109.98 ? 12  GLN A N     1 
ATOM 61   C CA    . GLN A 1 12  ? 36.281  -0.598  7.144   1.00 109.98 ? 12  GLN A CA    1 
ATOM 62   C C     . GLN A 1 12  ? 35.191  -0.941  6.140   1.00 109.98 ? 12  GLN A C     1 
ATOM 63   O O     . GLN A 1 12  ? 34.038  -1.173  6.517   1.00 109.98 ? 12  GLN A O     1 
ATOM 64   C CB    . GLN A 1 12  ? 36.513  0.909   7.209   1.00 109.98 ? 12  GLN A CB    1 
ATOM 65   C CG    . GLN A 1 12  ? 37.460  1.310   8.323   1.00 109.98 ? 12  GLN A CG    1 
ATOM 66   C CD    . GLN A 1 12  ? 37.804  2.781   8.305   1.00 109.98 ? 12  GLN A CD    1 
ATOM 67   O OE1   . GLN A 1 12  ? 37.813  3.414   7.253   1.00 109.98 ? 12  GLN A OE1   1 
ATOM 68   N NE2   . GLN A 1 12  ? 38.085  3.336   9.476   1.00 109.98 ? 12  GLN A NE2   1 
ATOM 69   N N     . MET A 1 13  ? 35.535  -0.986  4.855   1.00 112.20 ? 13  MET A N     1 
ATOM 70   C CA    . MET A 1 13  ? 34.589  -1.390  3.826   1.00 112.20 ? 13  MET A CA    1 
ATOM 71   C C     . MET A 1 13  ? 34.475  -2.895  3.705   1.00 112.20 ? 13  MET A C     1 
ATOM 72   O O     . MET A 1 13  ? 33.883  -3.391  2.742   1.00 112.20 ? 13  MET A O     1 
ATOM 73   C CB    . MET A 1 13  ? 34.978  -0.778  2.476   1.00 112.20 ? 13  MET A CB    1 
ATOM 74   C CG    . MET A 1 13  ? 33.814  -0.589  1.499   1.00 112.20 ? 13  MET A CG    1 
ATOM 75   S SD    . MET A 1 13  ? 32.410  0.321   2.183   1.00 112.20 ? 13  MET A SD    1 
ATOM 76   C CE    . MET A 1 13  ? 31.101  -0.116  1.029   1.00 112.20 ? 13  MET A CE    1 
ATOM 77   N N     . ASN A 1 14  ? 35.031  -3.635  4.660   1.00 111.19 ? 14  ASN A N     1 
ATOM 78   C CA    . ASN A 1 14  ? 34.883  -5.082  4.687   1.00 111.19 ? 14  ASN A CA    1 
ATOM 79   C C     . ASN A 1 14  ? 34.137  -5.486  5.947   1.00 111.19 ? 14  ASN A C     1 
ATOM 80   O O     . ASN A 1 14  ? 33.628  -6.606  6.049   1.00 111.19 ? 14  ASN A O     1 
ATOM 81   C CB    . ASN A 1 14  ? 36.245  -5.773  4.620   1.00 111.19 ? 14  ASN A CB    1 
ATOM 82   C CG    . ASN A 1 14  ? 36.135  -7.251  4.301   1.00 111.19 ? 14  ASN A CG    1 
ATOM 83   O OD1   . ASN A 1 14  ? 35.101  -7.720  3.827   1.00 111.19 ? 14  ASN A OD1   1 
ATOM 84   N ND2   . ASN A 1 14  ? 37.205  -7.993  4.561   1.00 111.19 ? 14  ASN A ND2   1 
ATOM 85   N N     . ALA A 1 15  ? 34.067  -4.574  6.911   1.00 106.83 ? 15  ALA A N     1 
ATOM 86   C CA    . ALA A 1 15  ? 33.356  -4.802  8.164   1.00 106.83 ? 15  ALA A CA    1 
ATOM 87   C C     . ALA A 1 15  ? 32.121  -3.923  8.275   1.00 106.83 ? 15  ALA A C     1 
ATOM 88   O O     . ALA A 1 15  ? 31.794  -3.430  9.356   1.00 106.83 ? 15  ALA A O     1 
ATOM 89   C CB    . ALA A 1 15  ? 34.286  -4.574  9.349   1.00 106.83 ? 15  ALA A CB    1 
ATOM 90   N N     . PHE A 1 16  ? 31.420  -3.708  7.169   1.00 101.15 ? 16  PHE A N     1 
ATOM 91   C CA    . PHE A 1 16  ? 30.207  -2.905  7.156   1.00 101.15 ? 16  PHE A CA    1 
ATOM 92   C C     . PHE A 1 16  ? 29.009  -3.796  7.443   1.00 101.15 ? 16  PHE A C     1 
ATOM 93   O O     . PHE A 1 16  ? 28.964  -4.944  6.994   1.00 101.15 ? 16  PHE A O     1 
ATOM 94   C CB    . PHE A 1 16  ? 30.030  -2.205  5.811   1.00 101.15 ? 16  PHE A CB    1 
ATOM 95   C CG    . PHE A 1 16  ? 29.054  -1.073  5.843   1.00 101.15 ? 16  PHE A CG    1 
ATOM 96   C CD1   . PHE A 1 16  ? 27.699  -1.309  5.775   1.00 101.15 ? 16  PHE A CD1   1 
ATOM 97   C CD2   . PHE A 1 16  ? 29.496  0.232   5.928   1.00 101.15 ? 16  PHE A CD2   1 
ATOM 98   C CE1   . PHE A 1 16  ? 26.801  -0.269  5.800   1.00 101.15 ? 16  PHE A CE1   1 
ATOM 99   C CE2   . PHE A 1 16  ? 28.603  1.277   5.951   1.00 101.15 ? 16  PHE A CE2   1 
ATOM 100  C CZ    . PHE A 1 16  ? 27.253  1.026   5.888   1.00 101.15 ? 16  PHE A CZ    1 
ATOM 101  N N     . THR A 1 17  ? 28.051  -3.269  8.190   1.00 95.27  ? 17  THR A N     1 
ATOM 102  C CA    . THR A 1 17  ? 26.827  -4.001  8.472   1.00 95.27  ? 17  THR A CA    1 
ATOM 103  C C     . THR A 1 17  ? 25.776  -3.676  7.418   1.00 95.27  ? 17  THR A C     1 
ATOM 104  O O     . THR A 1 17  ? 25.229  -2.567  7.404   1.00 95.27  ? 17  THR A O     1 
ATOM 105  C CB    . THR A 1 17  ? 26.308  -3.673  9.871   1.00 95.27  ? 17  THR A CB    1 
ATOM 106  O OG1   . THR A 1 17  ? 24.925  -4.033  9.967   1.00 95.27  ? 17  THR A OG1   1 
ATOM 107  C CG2   . THR A 1 17  ? 26.485  -2.191  10.186  1.00 95.27  ? 17  THR A CG2   1 
ATOM 108  N N     . PRO A 1 18  ? 25.474  -4.605  6.520   1.00 89.21  ? 18  PRO A N     1 
ATOM 109  C CA    . PRO A 1 18  ? 24.481  -4.324  5.481   1.00 89.21  ? 18  PRO A CA    1 
ATOM 110  C C     . PRO A 1 18  ? 23.086  -4.235  6.063   1.00 89.21  ? 18  PRO A C     1 
ATOM 111  O O     . PRO A 1 18  ? 22.634  -5.159  6.742   1.00 89.21  ? 18  PRO A O     1 
ATOM 112  C CB    . PRO A 1 18  ? 24.624  -5.516  4.534   1.00 89.21  ? 18  PRO A CB    1 
ATOM 113  C CG    . PRO A 1 18  ? 25.109  -6.612  5.404   1.00 89.21  ? 18  PRO A CG    1 
ATOM 114  C CD    . PRO A 1 18  ? 25.999  -5.976  6.427   1.00 89.21  ? 18  PRO A CD    1 
ATOM 115  N N     . HIS A 1 19  ? 22.393  -3.131  5.808   1.00 85.13  ? 19  HIS A N     1 
ATOM 116  C CA    . HIS A 1 19  ? 21.096  -2.905  6.435   1.00 85.13  ? 19  HIS A CA    1 
ATOM 117  C C     . HIS A 1 19  ? 20.353  -1.850  5.639   1.00 85.13  ? 19  HIS A C     1 
ATOM 118  O O     . HIS A 1 19  ? 20.793  -0.699  5.578   1.00 85.13  ? 19  HIS A O     1 
ATOM 119  C CB    . HIS A 1 19  ? 21.283  -2.472  7.878   1.00 85.13  ? 19  HIS A CB    1 
ATOM 120  C CG    . HIS A 1 19  ? 20.173  -1.630  8.408   1.00 85.13  ? 19  HIS A CG    1 
ATOM 121  N ND1   . HIS A 1 19  ? 18.989  -2.163  8.865   1.00 85.13  ? 19  HIS A ND1   1 
ATOM 122  C CD2   . HIS A 1 19  ? 20.071  -0.291  8.568   1.00 85.13  ? 19  HIS A CD2   1 
ATOM 123  C CE1   . HIS A 1 19  ? 18.203  -1.187  9.281   1.00 85.13  ? 19  HIS A CE1   1 
ATOM 124  N NE2   . HIS A 1 19  ? 18.836  -0.041  9.110   1.00 85.13  ? 19  HIS A NE2   1 
ATOM 125  N N     . THR A 1 20  ? 19.232  -2.235  5.037   1.00 86.45  ? 20  THR A N     1 
ATOM 126  C CA    . THR A 1 20  ? 18.490  -1.375  4.133   1.00 86.45  ? 20  THR A CA    1 
ATOM 127  C C     . THR A 1 20  ? 17.097  -1.105  4.672   1.00 86.45  ? 20  THR A C     1 
ATOM 128  O O     . THR A 1 20  ? 16.402  -2.017  5.125   1.00 86.45  ? 20  THR A O     1 
ATOM 129  C CB    . THR A 1 20  ? 18.367  -2.006  2.751   1.00 86.45  ? 20  THR A CB    1 
ATOM 130  O OG1   . THR A 1 20  ? 17.312  -2.973  2.769   1.00 86.45  ? 20  THR A OG1   1 
ATOM 131  C CG2   . THR A 1 20  ? 19.664  -2.693  2.361   1.00 86.45  ? 20  THR A CG2   1 
ATOM 132  N N     . THR A 1 21  ? 16.691  0.161   4.614   1.00 84.38  ? 21  THR A N     1 
ATOM 133  C CA    . THR A 1 21  ? 15.324  0.543   4.937   1.00 84.38  ? 21  THR A CA    1 
ATOM 134  C C     . THR A 1 21  ? 14.724  1.289   3.762   1.00 84.38  ? 21  THR A C     1 
ATOM 135  O O     . THR A 1 21  ? 15.346  1.379   2.700   1.00 84.38  ? 21  THR A O     1 
ATOM 136  C CB    . THR A 1 21  ? 15.263  1.419   6.182   1.00 84.38  ? 21  THR A CB    1 
ATOM 137  O OG1   . THR A 1 21  ? 15.526  2.776   5.813   1.00 84.38  ? 21  THR A OG1   1 
ATOM 138  C CG2   . THR A 1 21  ? 16.285  0.974   7.201   1.00 84.38  ? 21  THR A CG2   1 
ATOM 139  N N     . SER A 1 22  ? 13.528  1.836   3.935   1.00 81.71  ? 22  SER A N     1 
ATOM 140  C CA    . SER A 1 22  ? 12.893  2.591   2.869   1.00 81.71  ? 22  SER A CA    1 
ATOM 141  C C     . SER A 1 22  ? 11.742  3.384   3.456   1.00 81.71  ? 22  SER A C     1 
ATOM 142  O O     . SER A 1 22  ? 10.976  2.881   4.278   1.00 81.71  ? 22  SER A O     1 
ATOM 143  C CB    . SER A 1 22  ? 12.396  1.677   1.751   1.00 81.71  ? 22  SER A CB    1 
ATOM 144  O OG    . SER A 1 22  ? 11.478  0.728   2.251   1.00 81.71  ? 22  SER A OG    1 
ATOM 145  N N     . ASN A 1 23  ? 11.625  4.627   3.011   1.00 82.04  ? 23  ASN A N     1 
ATOM 146  C CA    . ASN A 1 23  ? 10.572  5.513   3.467   1.00 82.04  ? 23  ASN A CA    1 
ATOM 147  C C     . ASN A 1 23  ? 9.232   5.182   2.838   1.00 82.04  ? 23  ASN A C     1 
ATOM 148  O O     . ASN A 1 23  ? 8.231   5.820   3.166   1.00 82.04  ? 23  ASN A O     1 
ATOM 149  C CB    . ASN A 1 23  ? 10.940  6.961   3.175   1.00 82.04  ? 23  ASN A CB    1 
ATOM 150  C CG    . ASN A 1 23  ? 11.860  7.537   4.210   1.00 82.04  ? 23  ASN A CG    1 
ATOM 151  O OD1   . ASN A 1 23  ? 11.887  8.744   4.432   1.00 82.04  ? 23  ASN A OD1   1 
ATOM 152  N ND2   . ASN A 1 23  ? 12.623  6.674   4.860   1.00 82.04  ? 23  ASN A ND2   1 
ATOM 153  N N     . LEU A 1 24  ? 9.191   4.209   1.936   1.00 82.03  ? 24  LEU A N     1 
ATOM 154  C CA    . LEU A 1 24  ? 7.925   3.728   1.410   1.00 82.03  ? 24  LEU A CA    1 
ATOM 155  C C     . LEU A 1 24  ? 7.293   2.728   2.360   1.00 82.03  ? 24  LEU A C     1 
ATOM 156  O O     . LEU A 1 24  ? 6.094   2.453   2.276   1.00 82.03  ? 24  LEU A O     1 
ATOM 157  C CB    . LEU A 1 24  ? 8.126   3.092   0.036   1.00 82.03  ? 24  LEU A CB    1 
ATOM 158  C CG    . LEU A 1 24  ? 8.816   3.945   -1.020  1.00 82.03  ? 24  LEU A CG    1 
ATOM 159  C CD1   . LEU A 1 24  ? 8.881   3.197   -2.335  1.00 82.03  ? 24  LEU A CD1   1 
ATOM 160  C CD2   . LEU A 1 24  ? 8.086   5.264   -1.189  1.00 82.03  ? 24  LEU A CD2   1 
ATOM 161  N N     . LEU A 1 25  ? 8.082   2.170   3.230   1.00 83.86  ? 25  LEU A N     1 
ATOM 162  C CA    . LEU A 1 25  ? 7.596   1.281   4.261   1.00 83.86  ? 25  LEU A CA    1 
ATOM 163  C C     . LEU A 1 25  ? 7.584   2.005   5.601   1.00 83.86  ? 25  LEU A C     1 
ATOM 164  O O     . LEU A 1 25  ? 8.351   2.948   5.809   1.00 83.86  ? 25  LEU A O     1 
ATOM 165  C CB    . LEU A 1 25  ? 8.480   0.056   4.342   1.00 83.86  ? 25  LEU A CB    1 
ATOM 166  C CG    . LEU A 1 25  ? 8.724   -0.560  2.975   1.00 83.86  ? 25  LEU A CG    1 
ATOM 167  C CD1   . LEU A 1 25  ? 9.532   -1.816  3.132   1.00 83.86  ? 25  LEU A CD1   1 
ATOM 168  C CD2   . LEU A 1 25  ? 7.409   -0.864  2.285   1.00 83.86  ? 25  LEU A CD2   1 
ATOM 169  N N     . PRO A 1 26  ? 6.718   1.598   6.520   1.00 89.78  ? 26  PRO A N     1 
ATOM 170  C CA    . PRO A 1 26  ? 6.652   2.286   7.811   1.00 89.78  ? 26  PRO A CA    1 
ATOM 171  C C     . PRO A 1 26  ? 7.914   2.045   8.620   1.00 89.78  ? 26  PRO A C     1 
ATOM 172  O O     . PRO A 1 26  ? 8.453   0.938   8.644   1.00 89.78  ? 26  PRO A O     1 
ATOM 173  C CB    . PRO A 1 26  ? 5.419   1.673   8.475   1.00 89.78  ? 26  PRO A CB    1 
ATOM 174  C CG    . PRO A 1 26  ? 5.262   0.365   7.816   1.00 89.78  ? 26  PRO A CG    1 
ATOM 175  C CD    . PRO A 1 26  ? 5.721   0.527   6.417   1.00 89.78  ? 26  PRO A CD    1 
ATOM 176  N N     . SER A 1 27  ? 8.381   3.099   9.283   1.00 96.42  ? 27  SER A N     1 
ATOM 177  C CA    . SER A 1 27  ? 9.625   3.044   10.025  1.00 96.42  ? 27  SER A CA    1 
ATOM 178  C C     . SER A 1 27  ? 9.555   1.984   11.119  1.00 96.42  ? 27  SER A C     1 
ATOM 179  O O     . SER A 1 27  ? 8.475   1.670   11.624  1.00 96.42  ? 27  SER A O     1 
ATOM 180  C CB    . SER A 1 27  ? 9.930   4.407   10.629  1.00 96.42  ? 27  SER A CB    1 
ATOM 181  O OG    . SER A 1 27  ? 8.743   5.028   11.078  1.00 96.42  ? 27  SER A OG    1 
ATOM 182  N N     . PRO A 1 28  ? 10.700  1.403   11.493  1.00 98.77  ? 28  PRO A N     1 
ATOM 183  C CA    . PRO A 1 28  ? 10.693  0.334   12.499  1.00 98.77  ? 28  PRO A CA    1 
ATOM 184  C C     . PRO A 1 28  ? 10.046  0.761   13.800  1.00 98.77  ? 28  PRO A C     1 
ATOM 185  O O     . PRO A 1 28  ? 9.410   -0.046  14.482  1.00 98.77  ? 28  PRO A O     1 
ATOM 186  C CB    . PRO A 1 28  ? 12.181  0.026   12.691  1.00 98.77  ? 28  PRO A CB    1 
ATOM 187  C CG    . PRO A 1 28  ? 12.818  0.463   11.429  1.00 98.77  ? 28  PRO A CG    1 
ATOM 188  C CD    . PRO A 1 28  ? 12.054  1.666   10.982  1.00 98.77  ? 28  PRO A CD    1 
ATOM 189  N N     . GLU A 1 29  ? 10.207  2.034   14.154  1.00 102.42 ? 29  GLU A N     1 
ATOM 190  C CA    . GLU A 1 29  ? 9.548   2.562   15.339  1.00 102.42 ? 29  GLU A CA    1 
ATOM 191  C C     . GLU A 1 29  ? 8.036   2.536   15.199  1.00 102.42 ? 29  GLU A C     1 
ATOM 192  O O     . GLU A 1 29  ? 7.335   2.387   16.205  1.00 102.42 ? 29  GLU A O     1 
ATOM 193  C CB    . GLU A 1 29  ? 10.057  3.983   15.612  1.00 102.42 ? 29  GLU A CB    1 
ATOM 194  C CG    . GLU A 1 29  ? 9.344   4.760   16.717  1.00 102.42 ? 29  GLU A CG    1 
ATOM 195  C CD    . GLU A 1 29  ? 8.069   5.435   16.247  1.00 102.42 ? 29  GLU A CD    1 
ATOM 196  O OE1   . GLU A 1 29  ? 7.843   5.490   15.022  1.00 102.42 ? 29  GLU A OE1   1 
ATOM 197  O OE2   . GLU A 1 29  ? 7.296   5.912   17.105  1.00 102.42 ? 29  GLU A OE2   1 
ATOM 198  N N     . GLN A 1 30  ? 7.520   2.663   13.982  1.00 102.80 ? 30  GLN A N     1 
ATOM 199  C CA    . GLN A 1 30  ? 6.088   2.610   13.742  1.00 102.80 ? 30  GLN A CA    1 
ATOM 200  C C     . GLN A 1 30  ? 5.540   1.194   13.686  1.00 102.80 ? 30  GLN A C     1 
ATOM 201  O O     . GLN A 1 30  ? 4.331   1.010   13.857  1.00 102.80 ? 30  GLN A O     1 
ATOM 202  C CB    . GLN A 1 30  ? 5.743   3.335   12.440  1.00 102.80 ? 30  GLN A CB    1 
ATOM 203  C CG    . GLN A 1 30  ? 5.983   4.826   12.491  1.00 102.80 ? 30  GLN A CG    1 
ATOM 204  C CD    . GLN A 1 30  ? 5.130   5.582   11.503  1.00 102.80 ? 30  GLN A CD    1 
ATOM 205  O OE1   . GLN A 1 30  ? 5.630   6.113   10.514  1.00 102.80 ? 30  GLN A OE1   1 
ATOM 206  N NE2   . GLN A 1 30  ? 3.833   5.640   11.767  1.00 102.80 ? 30  GLN A NE2   1 
ATOM 207  N N     . LEU A 1 31  ? 6.382   0.197   13.447  1.00 101.75 ? 31  LEU A N     1 
ATOM 208  C CA    . LEU A 1 31  ? 5.953   -1.193  13.487  1.00 101.75 ? 31  LEU A CA    1 
ATOM 209  C C     . LEU A 1 31  ? 5.691   -1.682  14.902  1.00 101.75 ? 31  LEU A C     1 
ATOM 210  O O     . LEU A 1 31  ? 5.081   -2.742  15.074  1.00 101.75 ? 31  LEU A O     1 
ATOM 211  C CB    . LEU A 1 31  ? 7.001   -2.101  12.835  1.00 101.75 ? 31  LEU A CB    1 
ATOM 212  C CG    . LEU A 1 31  ? 6.868   -2.414  11.348  1.00 101.75 ? 31  LEU A CG    1 
ATOM 213  C CD1   . LEU A 1 31  ? 5.751   -3.418  11.107  1.00 101.75 ? 31  LEU A CD1   1 
ATOM 214  C CD2   . LEU A 1 31  ? 6.638   -1.151  10.561  1.00 101.75 ? 31  LEU A CD2   1 
ATOM 215  N N     . THR A 1 32  ? 6.137   -0.943  15.911  1.00 102.66 ? 32  THR A N     1 
ATOM 216  C CA    . THR A 1 32  ? 5.890   -1.296  17.299  1.00 102.66 ? 32  THR A CA    1 
ATOM 217  C C     . THR A 1 32  ? 4.672   -0.594  17.870  1.00 102.66 ? 32  THR A C     1 
ATOM 218  O O     . THR A 1 32  ? 3.921   -1.198  18.644  1.00 102.66 ? 32  THR A O     1 
ATOM 219  C CB    . THR A 1 32  ? 7.115   -0.966  18.152  1.00 102.66 ? 32  THR A CB    1 
ATOM 220  O OG1   . THR A 1 32  ? 7.209   0.454   18.315  1.00 102.66 ? 32  THR A OG1   1 
ATOM 221  C CG2   . THR A 1 32  ? 8.375   -1.478  17.480  1.00 102.66 ? 32  THR A CG2   1 
ATOM 222  N N     . THR A 1 33  ? 4.442   0.663   17.491  1.00 103.00 ? 33  THR A N     1 
ATOM 223  C CA    . THR A 1 33  ? 3.271   1.386   17.965  1.00 103.00 ? 33  THR A CA    1 
ATOM 224  C C     . THR A 1 33  ? 2.013   0.858   17.295  1.00 103.00 ? 33  THR A C     1 
ATOM 225  O O     . THR A 1 33  ? 0.915   1.370   17.528  1.00 103.00 ? 33  THR A O     1 
ATOM 226  C CB    . THR A 1 33  ? 3.410   2.885   17.710  1.00 103.00 ? 33  THR A CB    1 
ATOM 227  O OG1   . THR A 1 33  ? 2.196   3.545   18.085  1.00 103.00 ? 33  THR A OG1   1 
ATOM 228  C CG2   . THR A 1 33  ? 3.671   3.146   16.250  1.00 103.00 ? 33  THR A CG2   1 
ATOM 229  N N     . ILE A 1 34  ? 2.164   -0.157  16.455  1.00 103.96 ? 34  ILE A N     1 
ATOM 230  C CA    . ILE A 1 34  ? 1.047   -0.883  15.876  1.00 103.96 ? 34  ILE A CA    1 
ATOM 231  C C     . ILE A 1 34  ? 0.842   -2.215  16.583  1.00 103.96 ? 34  ILE A C     1 
ATOM 232  O O     . ILE A 1 34  ? -0.284  -2.586  16.919  1.00 103.96 ? 34  ILE A O     1 
ATOM 233  C CB    . ILE A 1 34  ? 1.248   -1.088  14.359  1.00 103.96 ? 34  ILE A CB    1 
ATOM 234  C CG1   . ILE A 1 34  ? 1.117   0.245   13.623  1.00 103.96 ? 34  ILE A CG1   1 
ATOM 235  C CG2   . ILE A 1 34  ? 0.252   -2.096  13.821  1.00 103.96 ? 34  ILE A CG2   1 
ATOM 236  C CD1   . ILE A 1 34  ? -0.217  0.926   13.822  1.00 103.96 ? 34  ILE A CD1   1 
ATOM 237  N N     . ALA A 1 35  ? 1.930   -2.943  16.830  1.00 106.07 ? 35  ALA A N     1 
ATOM 238  C CA    . ALA A 1 35  ? 1.819   -4.217  17.526  1.00 106.07 ? 35  ALA A CA    1 
ATOM 239  C C     . ALA A 1 35  ? 1.326   -4.022  18.952  1.00 106.07 ? 35  ALA A C     1 
ATOM 240  O O     . ALA A 1 35  ? 0.510   -4.808  19.446  1.00 106.07 ? 35  ALA A O     1 
ATOM 241  C CB    . ALA A 1 35  ? 3.166   -4.940  17.515  1.00 106.07 ? 35  ALA A CB    1 
ATOM 242  N N     . ASN A 1 36  ? 1.801   -2.976  19.630  1.00 105.85 ? 36  ASN A N     1 
ATOM 243  C CA    . ASN A 1 36  ? 1.360   -2.749  20.999  1.00 105.85 ? 36  ASN A CA    1 
ATOM 244  C C     . ASN A 1 36  ? -0.115  -2.383  21.081  1.00 105.85 ? 36  ASN A C     1 
ATOM 245  O O     . ASN A 1 36  ? -0.753  -2.663  22.100  1.00 105.85 ? 36  ASN A O     1 
ATOM 246  C CB    . ASN A 1 36  ? 2.212   -1.666  21.665  1.00 105.85 ? 36  ASN A CB    1 
ATOM 247  C CG    . ASN A 1 36  ? 2.172   -0.341  20.925  1.00 105.85 ? 36  ASN A CG    1 
ATOM 248  O OD1   . ASN A 1 36  ? 1.239   -0.054  20.176  1.00 105.85 ? 36  ASN A OD1   1 
ATOM 249  N ND2   . ASN A 1 36  ? 3.190   0.483   21.146  1.00 105.85 ? 36  ASN A ND2   1 
ATOM 250  N N     . LEU A 1 37  ? -0.671  -1.771  20.038  1.00 104.13 ? 37  LEU A N     1 
ATOM 251  C CA    . LEU A 1 37  ? -2.092  -1.465  20.013  1.00 104.13 ? 37  LEU A CA    1 
ATOM 252  C C     . LEU A 1 37  ? -2.934  -2.615  19.491  1.00 104.13 ? 37  LEU A C     1 
ATOM 253  O O     . LEU A 1 37  ? -4.137  -2.651  19.761  1.00 104.13 ? 37  LEU A O     1 
ATOM 254  C CB    . LEU A 1 37  ? -2.361  -0.220  19.167  1.00 104.13 ? 37  LEU A CB    1 
ATOM 255  C CG    . LEU A 1 37  ? -2.623  1.069   19.942  1.00 104.13 ? 37  LEU A CG    1 
ATOM 256  C CD1   . LEU A 1 37  ? -1.517  1.333   20.944  1.00 104.13 ? 37  LEU A CD1   1 
ATOM 257  C CD2   . LEU A 1 37  ? -2.784  2.243   18.990  1.00 104.13 ? 37  LEU A CD2   1 
ATOM 258  N N     . LEU A 1 38  ? -2.340  -3.548  18.756  1.00 105.56 ? 38  LEU A N     1 
ATOM 259  C CA    . LEU A 1 38  ? -3.070  -4.733  18.328  1.00 105.56 ? 38  LEU A CA    1 
ATOM 260  C C     . LEU A 1 38  ? -3.353  -5.680  19.479  1.00 105.56 ? 38  LEU A C     1 
ATOM 261  O O     . LEU A 1 38  ? -4.489  -6.141  19.623  1.00 105.56 ? 38  LEU A O     1 
ATOM 262  C CB    . LEU A 1 38  ? -2.296  -5.473  17.235  1.00 105.56 ? 38  LEU A CB    1 
ATOM 263  C CG    . LEU A 1 38  ? -2.669  -5.183  15.780  1.00 105.56 ? 38  LEU A CG    1 
ATOM 264  C CD1   . LEU A 1 38  ? -3.840  -6.057  15.358  1.00 105.56 ? 38  LEU A CD1   1 
ATOM 265  C CD2   . LEU A 1 38  ? -2.994  -3.715  15.560  1.00 105.56 ? 38  LEU A CD2   1 
ATOM 266  N N     . VAL A 1 39  ? -2.353  -5.979  20.304  1.00 106.42 ? 39  VAL A N     1 
ATOM 267  C CA    . VAL A 1 39  ? -2.602  -6.785  21.492  1.00 106.42 ? 39  VAL A CA    1 
ATOM 268  C C     . VAL A 1 39  ? -3.565  -6.066  22.424  1.00 106.42 ? 39  VAL A C     1 
ATOM 269  O O     . VAL A 1 39  ? -4.390  -6.696  23.094  1.00 106.42 ? 39  VAL A O     1 
ATOM 270  C CB    . VAL A 1 39  ? -1.279  -7.130  22.196  1.00 106.42 ? 39  VAL A CB    1 
ATOM 271  C CG1   . VAL A 1 39  ? -0.528  -8.191  21.410  1.00 106.42 ? 39  VAL A CG1   1 
ATOM 272  C CG2   . VAL A 1 39  ? -0.425  -5.886  22.364  1.00 106.42 ? 39  VAL A CG2   1 
ATOM 273  N N     . ALA A 1 40  ? -3.487  -4.736  22.467  1.00 107.38 ? 40  ALA A N     1 
ATOM 274  C CA    . ALA A 1 40  ? -4.461  -3.940  23.202  1.00 107.38 ? 40  ALA A CA    1 
ATOM 275  C C     . ALA A 1 40  ? -5.875  -4.124  22.677  1.00 107.38 ? 40  ALA A C     1 
ATOM 276  O O     . ALA A 1 40  ? -6.831  -3.836  23.404  1.00 107.38 ? 40  ALA A O     1 
ATOM 277  C CB    . ALA A 1 40  ? -4.075  -2.461  23.154  1.00 107.38 ? 40  ALA A CB    1 
ATOM 278  N N     . ALA A 1 41  ? -6.028  -4.590  21.442  1.00 107.85 ? 41  ALA A N     1 
ATOM 279  C CA    . ALA A 1 41  ? -7.314  -5.019  20.920  1.00 107.85 ? 41  ALA A CA    1 
ATOM 280  C C     . ALA A 1 41  ? -7.565  -6.495  21.172  1.00 107.85 ? 41  ALA A C     1 
ATOM 281  O O     . ALA A 1 41  ? -8.273  -7.134  20.389  1.00 107.85 ? 41  ALA A O     1 
ATOM 282  C CB    . ALA A 1 41  ? -7.406  -4.721  19.420  1.00 107.85 ? 41  ALA A CB    1 
ATOM 283  N N     . LYS A 1 42  ? -6.980  -7.050  22.234  1.00 107.84 ? 42  LYS A N     1 
ATOM 284  C CA    . LYS A 1 42  ? -7.174  -8.438  22.646  1.00 107.84 ? 42  LYS A CA    1 
ATOM 285  C C     . LYS A 1 42  ? -6.685  -9.416  21.588  1.00 107.84 ? 42  LYS A C     1 
ATOM 286  O O     . LYS A 1 42  ? -7.025  -10.602 21.631  1.00 107.84 ? 42  LYS A O     1 
ATOM 287  C CB    . LYS A 1 42  ? -8.648  -8.727  22.982  1.00 107.84 ? 42  LYS A CB    1 
ATOM 288  C CG    . LYS A 1 42  ? -9.462  -7.588  23.616  1.00 107.84 ? 42  LYS A CG    1 
ATOM 289  C CD    . LYS A 1 42  ? -8.719  -6.874  24.741  1.00 107.84 ? 42  LYS A CD    1 
ATOM 290  C CE    . LYS A 1 42  ? -9.570  -5.768  25.348  1.00 107.84 ? 42  LYS A CE    1 
ATOM 291  N NZ    . LYS A 1 42  ? -9.801  -4.653  24.388  1.00 107.84 ? 42  LYS A NZ    1 
ATOM 292  N N     . VAL A 1 43  ? -5.884  -8.943  20.640  1.00 107.39 ? 43  VAL A N     1 
ATOM 293  C CA    . VAL A 1 43  ? -5.373  -9.802  19.576  1.00 107.39 ? 43  VAL A CA    1 
ATOM 294  C C     . VAL A 1 43  ? -4.299  -10.709 20.164  1.00 107.39 ? 43  VAL A C     1 
ATOM 295  O O     . VAL A 1 43  ? -3.623  -10.322 21.128  1.00 107.39 ? 43  VAL A O     1 
ATOM 296  C CB    . VAL A 1 43  ? -4.847  -8.969  18.393  1.00 107.39 ? 43  VAL A CB    1 
ATOM 297  C CG1   . VAL A 1 43  ? -3.332  -9.059  18.279  1.00 107.39 ? 43  VAL A CG1   1 
ATOM 298  C CG2   . VAL A 1 43  ? -5.516  -9.401  17.092  1.00 107.39 ? 43  VAL A CG2   1 
ATOM 299  N N     . PRO A 1 44  ? -4.126  -11.922 19.646  1.00 108.86 ? 44  PRO A N     1 
ATOM 300  C CA    . PRO A 1 44  ? -3.094  -12.811 20.186  1.00 108.86 ? 44  PRO A CA    1 
ATOM 301  C C     . PRO A 1 44  ? -1.703  -12.255 19.929  1.00 108.86 ? 44  PRO A C     1 
ATOM 302  O O     . PRO A 1 44  ? -1.460  -11.564 18.939  1.00 108.86 ? 44  PRO A O     1 
ATOM 303  C CB    . PRO A 1 44  ? -3.322  -14.123 19.427  1.00 108.86 ? 44  PRO A CB    1 
ATOM 304  C CG    . PRO A 1 44  ? -4.726  -14.040 18.929  1.00 108.86 ? 44  PRO A CG    1 
ATOM 305  C CD    . PRO A 1 44  ? -4.955  -12.593 18.634  1.00 108.86 ? 44  PRO A CD    1 
ATOM 306  N N     . ALA A 1 45  ? -0.783  -12.565 20.839  1.00 107.92 ? 45  ALA A N     1 
ATOM 307  C CA    . ALA A 1 45  ? 0.585   -12.081 20.729  1.00 107.92 ? 45  ALA A CA    1 
ATOM 308  C C     . ALA A 1 45  ? 1.280   -12.674 19.510  1.00 107.92 ? 45  ALA A C     1 
ATOM 309  O O     . ALA A 1 45  ? 1.816   -11.939 18.675  1.00 107.92 ? 45  ALA A O     1 
ATOM 310  C CB    . ALA A 1 45  ? 1.373   -12.405 22.000  1.00 107.92 ? 45  ALA A CB    1 
ATOM 311  N N     . ALA A 1 46  ? 1.277   -14.004 19.403  1.00 107.78 ? 46  ALA A N     1 
ATOM 312  C CA    . ALA A 1 46  ? 1.955   -14.653 18.288  1.00 107.78 ? 46  ALA A CA    1 
ATOM 313  C C     . ALA A 1 46  ? 1.252   -14.368 16.969  1.00 107.78 ? 46  ALA A C     1 
ATOM 314  O O     . ALA A 1 46  ? 1.898   -14.022 15.975  1.00 107.78 ? 46  ALA A O     1 
ATOM 315  C CB    . ALA A 1 46  ? 2.044   -16.159 18.534  1.00 107.78 ? 46  ALA A CB    1 
ATOM 316  N N     . SER A 1 47  ? -0.072  -14.508 16.940  1.00 106.64 ? 47  SER A N     1 
ATOM 317  C CA    . SER A 1 47  ? -0.847  -14.292 15.720  1.00 106.64 ? 47  SER A CA    1 
ATOM 318  C C     . SER A 1 47  ? -1.123  -12.800 15.571  1.00 106.64 ? 47  SER A C     1 
ATOM 319  O O     . SER A 1 47  ? -2.244  -12.315 15.737  1.00 106.64 ? 47  SER A O     1 
ATOM 320  C CB    . SER A 1 47  ? -2.140  -15.099 15.753  1.00 106.64 ? 47  SER A CB    1 
ATOM 321  O OG    . SER A 1 47  ? -1.912  -16.441 15.359  1.00 106.64 ? 47  SER A OG    1 
ATOM 322  N N     . THR A 1 48  ? -0.072  -12.058 15.250  1.00 105.65 ? 48  THR A N     1 
ATOM 323  C CA    . THR A 1 48  ? -0.185  -10.643 14.941  1.00 105.65 ? 48  THR A CA    1 
ATOM 324  C C     . THR A 1 48  ? 0.076   -10.329 13.482  1.00 105.65 ? 48  THR A C     1 
ATOM 325  O O     . THR A 1 48  ? -0.328  -9.265  13.013  1.00 105.65 ? 48  THR A O     1 
ATOM 326  C CB    . THR A 1 48  ? 0.783   -9.818  15.804  1.00 105.65 ? 48  THR A CB    1 
ATOM 327  O OG1   . THR A 1 48  ? 0.535   -8.422  15.599  1.00 105.65 ? 48  THR A OG1   1 
ATOM 328  C CG2   . THR A 1 48  ? 2.225   -10.130 15.439  1.00 105.65 ? 48  THR A CG2   1 
ATOM 329  N N     . THR A 1 49  ? 0.742   -11.220 12.755  1.00 102.65 ? 49  THR A N     1 
ATOM 330  C CA    . THR A 1 49  ? 0.924   -11.014 11.326  1.00 102.65 ? 49  THR A CA    1 
ATOM 331  C C     . THR A 1 49  ? -0.278  -11.525 10.553  1.00 102.65 ? 49  THR A C     1 
ATOM 332  O O     . THR A 1 49  ? -0.529  -11.095 9.424   1.00 102.65 ? 49  THR A O     1 
ATOM 333  C CB    . THR A 1 49  ? 2.199   -11.704 10.852  1.00 102.65 ? 49  THR A CB    1 
ATOM 334  O OG1   . THR A 1 49  ? 2.253   -11.675 9.421   1.00 102.65 ? 49  THR A OG1   1 
ATOM 335  C CG2   . THR A 1 49  ? 2.229   -13.146 11.327  1.00 102.65 ? 49  THR A CG2   1 
ATOM 336  N N     . THR A 1 50  ? -1.034  -12.449 11.142  1.00 101.43 ? 50  THR A N     1 
ATOM 337  C CA    . THR A 1 50  ? -2.211  -12.984 10.472  1.00 101.43 ? 50  THR A CA    1 
ATOM 338  C C     . THR A 1 50  ? -3.289  -11.922 10.324  1.00 101.43 ? 50  THR A C     1 
ATOM 339  O O     . THR A 1 50  ? -3.895  -11.774 9.259   1.00 101.43 ? 50  THR A O     1 
ATOM 340  C CB    . THR A 1 50  ? -2.751  -14.182 11.245  1.00 101.43 ? 50  THR A CB    1 
ATOM 341  O OG1   . THR A 1 50  ? -3.531  -13.718 12.353  1.00 101.43 ? 50  THR A OG1   1 
ATOM 342  C CG2   . THR A 1 50  ? -1.603  -15.030 11.762  1.00 101.43 ? 50  THR A CG2   1 
ATOM 343  N N     . ILE A 1 51  ? -3.537  -11.168 11.391  1.00 99.74  ? 51  ILE A N     1 
ATOM 344  C CA    . ILE A 1 51  ? -4.542  -10.118 11.315  1.00 99.74  ? 51  ILE A CA    1 
ATOM 345  C C     . ILE A 1 51  ? -4.105  -9.018  10.362  1.00 99.74  ? 51  ILE A C     1 
ATOM 346  O O     . ILE A 1 51  ? -4.938  -8.443  9.653   1.00 99.74  ? 51  ILE A O     1 
ATOM 347  C CB    . ILE A 1 51  ? -4.839  -9.568  12.719  1.00 99.74  ? 51  ILE A CB    1 
ATOM 348  C CG1   . ILE A 1 51  ? -5.816  -8.395  12.642  1.00 99.74  ? 51  ILE A CG1   1 
ATOM 349  C CG2   . ILE A 1 51  ? -3.553  -9.168  13.425  1.00 99.74  ? 51  ILE A CG2   1 
ATOM 350  C CD1   . ILE A 1 51  ? -7.183  -8.776  12.122  1.00 99.74  ? 51  ILE A CD1   1 
ATOM 351  N N     . ALA A 1 52  ? -2.810  -8.712  10.307  1.00 96.50  ? 52  ALA A N     1 
ATOM 352  C CA    . ALA A 1 52  ? -2.336  -7.696  9.376   1.00 96.50  ? 52  ALA A CA    1 
ATOM 353  C C     . ALA A 1 52  ? -2.415  -8.176  7.936   1.00 96.50  ? 52  ALA A C     1 
ATOM 354  O O     . ALA A 1 52  ? -2.759  -7.398  7.039   1.00 96.50  ? 52  ALA A O     1 
ATOM 355  C CB    . ALA A 1 52  ? -0.902  -7.296  9.720   1.00 96.50  ? 52  ALA A CB    1 
ATOM 356  N N     . LEU A 1 53  ? -2.114  -9.445  7.702   1.00 92.85  ? 53  LEU A N     1 
ATOM 357  C CA    . LEU A 1 53  ? -2.251  -10.036 6.387   1.00 92.85  ? 53  LEU A CA    1 
ATOM 358  C C     . LEU A 1 53  ? -3.694  -10.088 5.926   1.00 92.85  ? 53  LEU A C     1 
ATOM 359  O O     . LEU A 1 53  ? -3.953  -9.909  4.734   1.00 92.85  ? 53  LEU A O     1 
ATOM 360  C CB    . LEU A 1 53  ? -1.666  -11.448 6.388   1.00 92.85  ? 53  LEU A CB    1 
ATOM 361  C CG    . LEU A 1 53  ? -0.892  -11.837 5.137   1.00 92.85  ? 53  LEU A CG    1 
ATOM 362  C CD1   . LEU A 1 53  ? 0.123   -10.754 4.814   1.00 92.85  ? 53  LEU A CD1   1 
ATOM 363  C CD2   . LEU A 1 53  ? -0.207  -13.177 5.328   1.00 92.85  ? 53  LEU A CD2   1 
ATOM 364  N N     . GLU A 1 54  ? -4.636  -10.321 6.832   1.00 93.68  ? 54  GLU A N     1 
ATOM 365  C CA    . GLU A 1 54  ? -6.041  -10.355 6.466   1.00 93.68  ? 54  GLU A CA    1 
ATOM 366  C C     . GLU A 1 54  ? -6.566  -8.976  6.116   1.00 93.68  ? 54  GLU A C     1 
ATOM 367  O O     . GLU A 1 54  ? -7.642  -8.868  5.527   1.00 93.68  ? 54  GLU A O     1 
ATOM 368  C CB    . GLU A 1 54  ? -6.865  -10.971 7.602   1.00 93.68  ? 54  GLU A CB    1 
ATOM 369  C CG    . GLU A 1 54  ? -8.118  -11.722 7.150   1.00 93.68  ? 54  GLU A CG    1 
ATOM 370  C CD    . GLU A 1 54  ? -9.356  -10.853 7.091   1.00 93.68  ? 54  GLU A CD    1 
ATOM 371  O OE1   . GLU A 1 54  ? -10.422 -11.362 6.681   1.00 93.68  ? 54  GLU A OE1   1 
ATOM 372  O OE2   . GLU A 1 54  ? -9.272  -9.670  7.473   1.00 93.68  ? 54  GLU A OE2   1 
ATOM 373  N N     . LEU A 1 55  ? -5.817  -7.924  6.435   1.00 88.43  ? 55  LEU A N     1 
ATOM 374  C CA    . LEU A 1 55  ? -6.130  -6.572  5.997   1.00 88.43  ? 55  LEU A CA    1 
ATOM 375  C C     . LEU A 1 55  ? -5.407  -6.204  4.715   1.00 88.43  ? 55  LEU A C     1 
ATOM 376  O O     . LEU A 1 55  ? -5.970  -5.504  3.864   1.00 88.43  ? 55  LEU A O     1 
ATOM 377  C CB    . LEU A 1 55  ? -5.772  -5.566  7.088   1.00 88.43  ? 55  LEU A CB    1 
ATOM 378  C CG    . LEU A 1 55  ? -5.728  -4.096  6.683   1.00 88.43  ? 55  LEU A CG    1 
ATOM 379  C CD1   . LEU A 1 55  ? -7.105  -3.611  6.288   1.00 88.43  ? 55  LEU A CD1   1 
ATOM 380  C CD2   . LEU A 1 55  ? -5.172  -3.249  7.804   1.00 88.43  ? 55  LEU A CD2   1 
ATOM 381  N N     . VAL A 1 56  ? -4.163  -6.651  4.565   1.00 85.48  ? 56  VAL A N     1 
ATOM 382  C CA    . VAL A 1 56  ? -3.469  -6.480  3.293   1.00 85.48  ? 56  VAL A CA    1 
ATOM 383  C C     . VAL A 1 56  ? -4.255  -7.159  2.184   1.00 85.48  ? 56  VAL A C     1 
ATOM 384  O O     . VAL A 1 56  ? -4.367  -6.645  1.067   1.00 85.48  ? 56  VAL A O     1 
ATOM 385  C CB    . VAL A 1 56  ? -2.033  -7.018  3.375   1.00 85.48  ? 56  VAL A CB    1 
ATOM 386  C CG1   . VAL A 1 56  ? -1.316  -6.798  2.058   1.00 85.48  ? 56  VAL A CG1   1 
ATOM 387  C CG2   . VAL A 1 56  ? -1.279  -6.329  4.492   1.00 85.48  ? 56  VAL A CG2   1 
ATOM 388  N N     . ASN A 1 57  ? -4.824  -8.324  2.482   1.00 79.98  ? 57  ASN A N     1 
ATOM 389  C CA    . ASN A 1 57  ? -5.642  -9.014  1.502   1.00 79.98  ? 57  ASN A CA    1 
ATOM 390  C C     . ASN A 1 57  ? -6.875  -8.222  1.116   1.00 79.98  ? 57  ASN A C     1 
ATOM 391  O O     . ASN A 1 57  ? -7.316  -8.316  -0.031  1.00 79.98  ? 57  ASN A O     1 
ATOM 392  C CB    . ASN A 1 57  ? -6.063  -10.378 2.029   1.00 79.98  ? 57  ASN A CB    1 
ATOM 393  C CG    . ASN A 1 57  ? -7.123  -11.021 1.178   1.00 79.98  ? 57  ASN A CG    1 
ATOM 394  O OD1   . ASN A 1 57  ? -8.315  -10.843 1.413   1.00 79.98  ? 57  ASN A OD1   1 
ATOM 395  N ND2   . ASN A 1 57  ? -6.697  -11.777 0.177   1.00 79.98  ? 57  ASN A ND2   1 
ATOM 396  N N     . PHE A 1 58  ? -7.440  -7.447  2.028   1.00 79.67  ? 58  PHE A N     1 
ATOM 397  C CA    . PHE A 1 58  ? -8.575  -6.620  1.669   1.00 79.67  ? 58  PHE A CA    1 
ATOM 398  C C     . PHE A 1 58  ? -8.165  -5.399  0.876   1.00 79.67  ? 58  PHE A C     1 
ATOM 399  O O     . PHE A 1 58  ? -8.864  -5.030  -0.072  1.00 79.67  ? 58  PHE A O     1 
ATOM 400  C CB    . PHE A 1 58  ? -9.332  -6.168  2.912   1.00 79.67  ? 58  PHE A CB    1 
ATOM 401  C CG    . PHE A 1 58  ? -10.434 -5.202  2.623   1.00 79.67  ? 58  PHE A CG    1 
ATOM 402  C CD1   . PHE A 1 58  ? -10.232 -3.847  2.739   1.00 79.67  ? 58  PHE A CD1   1 
ATOM 403  C CD2   . PHE A 1 58  ? -11.673 -5.654  2.238   1.00 79.67  ? 58  PHE A CD2   1 
ATOM 404  C CE1   . PHE A 1 58  ? -11.241 -2.963  2.471   1.00 79.67  ? 58  PHE A CE1   1 
ATOM 405  C CE2   . PHE A 1 58  ? -12.686 -4.771  1.972   1.00 79.67  ? 58  PHE A CE2   1 
ATOM 406  C CZ    . PHE A 1 58  ? -12.467 -3.424  2.089   1.00 79.67  ? 58  PHE A CZ    1 
ATOM 407  N N     . CYS A 1 59  ? -7.063  -4.763  1.236   1.00 80.25  ? 59  CYS A N     1 
ATOM 408  C CA    . CYS A 1 59  ? -6.584  -3.649  0.436   1.00 80.25  ? 59  CYS A CA    1 
ATOM 409  C C     . CYS A 1 59  ? -6.069  -4.086  -0.927  1.00 80.25  ? 59  CYS A C     1 
ATOM 410  O O     . CYS A 1 59  ? -5.930  -3.246  -1.820  1.00 80.25  ? 59  CYS A O     1 
ATOM 411  C CB    . CYS A 1 59  ? -5.497  -2.883  1.186   1.00 80.25  ? 59  CYS A CB    1 
ATOM 412  S SG    . CYS A 1 59  ? -5.883  -2.560  2.919   1.00 80.25  ? 59  CYS A SG    1 
ATOM 413  N N     . TYR A 1 60  ? -5.790  -5.371  -1.106  1.00 73.44  ? 60  TYR A N     1 
ATOM 414  C CA    . TYR A 1 60  ? -5.377  -5.902  -2.395  1.00 73.44  ? 60  TYR A CA    1 
ATOM 415  C C     . TYR A 1 60  ? -6.524  -6.017  -3.385  1.00 73.44  ? 60  TYR A C     1 
ATOM 416  O O     . TYR A 1 60  ? -6.273  -6.248  -4.570  1.00 73.44  ? 60  TYR A O     1 
ATOM 417  C CB    . TYR A 1 60  ? -4.729  -7.272  -2.187  1.00 73.44  ? 60  TYR A CB    1 
ATOM 418  C CG    . TYR A 1 60  ? -4.262  -7.974  -3.439  1.00 73.44  ? 60  TYR A CG    1 
ATOM 419  C CD1   . TYR A 1 60  ? -5.028  -8.952  -4.029  1.00 73.44  ? 60  TYR A CD1   1 
ATOM 420  C CD2   . TYR A 1 60  ? -3.042  -7.680  -4.005  1.00 73.44  ? 60  TYR A CD2   1 
ATOM 421  C CE1   . TYR A 1 60  ? -4.610  -9.597  -5.154  1.00 73.44  ? 60  TYR A CE1   1 
ATOM 422  C CE2   . TYR A 1 60  ? -2.613  -8.325  -5.133  1.00 73.44  ? 60  TYR A CE2   1 
ATOM 423  C CZ    . TYR A 1 60  ? -3.402  -9.283  -5.703  1.00 73.44  ? 60  TYR A CZ    1 
ATOM 424  O OH    . TYR A 1 60  ? -2.980  -9.934  -6.835  1.00 73.44  ? 60  TYR A OH    1 
ATOM 425  N N     . ASP A 1 61  ? -7.763  -5.854  -2.947  1.00 74.39  ? 61  ASP A N     1 
ATOM 426  C CA    . ASP A 1 61  ? -8.914  -6.039  -3.817  1.00 74.39  ? 61  ASP A CA    1 
ATOM 427  C C     . ASP A 1 61  ? -9.749  -4.777  -3.902  1.00 74.39  ? 61  ASP A C     1 
ATOM 428  O O     . ASP A 1 61  ? -10.641 -4.662  -4.745  1.00 74.39  ? 61  ASP A O     1 
ATOM 429  C CB    . ASP A 1 61  ? -9.779  -7.203  -3.347  1.00 74.39  ? 61  ASP A CB    1 
ATOM 430  C CG    . ASP A 1 61  ? -9.044  -8.518  -3.367  1.00 74.39  ? 61  ASP A CG    1 
ATOM 431  O OD1   . ASP A 1 61  ? -9.536  -9.487  -2.752  1.00 74.39  ? 61  ASP A OD1   1 
ATOM 432  O OD2   . ASP A 1 61  ? -7.984  -8.590  -4.016  1.00 74.39  ? 61  ASP A OD2   1 
ATOM 433  N N     . ASN A 1 62  ? -9.488  -3.803  -3.039  1.00 79.05  ? 62  ASN A N     1 
ATOM 434  C CA    . ASN A 1 62  ? -10.314 -2.607  -3.045  1.00 79.05  ? 62  ASN A CA    1 
ATOM 435  C C     . ASN A 1 62  ? -9.480  -1.341  -3.090  1.00 79.05  ? 62  ASN A C     1 
ATOM 436  O O     . ASN A 1 62  ? -9.958  -0.295  -3.536  1.00 79.05  ? 62  ASN A O     1 
ATOM 437  C CB    . ASN A 1 62  ? -11.226 -2.592  -1.829  1.00 79.05  ? 62  ASN A CB    1 
ATOM 438  C CG    . ASN A 1 62  ? -11.937 -3.903  -1.630  1.00 79.05  ? 62  ASN A CG    1 
ATOM 439  O OD1   . ASN A 1 62  ? -11.313 -4.920  -1.338  1.00 79.05  ? 62  ASN A OD1   1 
ATOM 440  N ND2   . ASN A 1 62  ? -13.254 -3.892  -1.788  1.00 79.05  ? 62  ASN A ND2   1 
ATOM 441  N N     . GLY A 1 63  ? -8.246  -1.412  -2.628  1.00 80.48  ? 63  GLY A N     1 
ATOM 442  C CA    . GLY A 1 63  ? -7.363  -0.276  -2.697  1.00 80.48  ? 63  GLY A CA    1 
ATOM 443  C C     . GLY A 1 63  ? -6.859  0.083   -1.328  1.00 80.48  ? 63  GLY A C     1 
ATOM 444  O O     . GLY A 1 63  ? -7.244  -0.523  -0.323  1.00 80.48  ? 63  GLY A O     1 
ATOM 445  N N     . SER A 1 64  ? -5.996  1.088   -1.284  1.00 81.25  ? 64  SER A N     1 
ATOM 446  C CA    . SER A 1 64  ? -5.370  1.476   -0.032  1.00 81.25  ? 64  SER A CA    1 
ATOM 447  C C     . SER A 1 64  ? -5.437  2.977   0.174   1.00 81.25  ? 64  SER A C     1 
ATOM 448  O O     . SER A 1 64  ? -4.540  3.565   0.785   1.00 81.25  ? 64  SER A O     1 
ATOM 449  C CB    . SER A 1 64  ? -3.923  1.005   0.022   1.00 81.25  ? 64  SER A CB    1 
ATOM 450  O OG    . SER A 1 64  ? -3.812  -0.323  -0.455  1.00 81.25  ? 64  SER A OG    1 
ATOM 451  N N     . SER A 1 65  ? -6.487  3.612   -0.326  1.00 85.14  ? 65  SER A N     1 
ATOM 452  C CA    . SER A 1 65  ? -6.683  5.026   -0.063  1.00 85.14  ? 65  SER A CA    1 
ATOM 453  C C     . SER A 1 65  ? -6.949  5.246   1.414   1.00 85.14  ? 65  SER A C     1 
ATOM 454  O O     . SER A 1 65  ? -7.150  4.301   2.177   1.00 85.14  ? 65  SER A O     1 
ATOM 455  C CB    . SER A 1 65  ? -7.847  5.560   -0.884  1.00 85.14  ? 65  SER A CB    1 
ATOM 456  O OG    . SER A 1 65  ? -9.068  5.379   -0.194  1.00 85.14  ? 65  SER A OG    1 
ATOM 457  N N     . THR A 1 66  ? -6.936  6.506   1.824   1.00 88.83  ? 66  THR A N     1 
ATOM 458  C CA    . THR A 1 66  ? -7.327  6.836   3.183   1.00 88.83  ? 66  THR A CA    1 
ATOM 459  C C     . THR A 1 66  ? -8.839  6.961   3.244   1.00 88.83  ? 66  THR A C     1 
ATOM 460  O O     . THR A 1 66  ? -9.412  7.196   4.311   1.00 88.83  ? 66  THR A O     1 
ATOM 461  C CB    . THR A 1 66  ? -6.658  8.130   3.647   1.00 88.83  ? 66  THR A CB    1 
ATOM 462  O OG1   . THR A 1 66  ? -7.383  9.255   3.136   1.00 88.83  ? 66  THR A OG1   1 
ATOM 463  C CG2   . THR A 1 66  ? -5.221  8.192   3.152   1.00 88.83  ? 66  THR A CG2   1 
ATOM 464  N N     . TYR A 1 67  ? -9.494  6.806   2.098   1.00 86.41  ? 67  TYR A N     1 
ATOM 465  C CA    . TYR A 1 67  ? -10.940 6.930   2.014   1.00 86.41  ? 67  TYR A CA    1 
ATOM 466  C C     . TYR A 1 67  ? -11.600 5.594   1.713   1.00 86.41  ? 67  TYR A C     1 
ATOM 467  O O     . TYR A 1 67  ? -12.782 5.562   1.364   1.00 86.41  ? 67  TYR A O     1 
ATOM 468  C CB    . TYR A 1 67  ? -11.349 7.941   0.944   1.00 86.41  ? 67  TYR A CB    1 
ATOM 469  C CG    . TYR A 1 67  ? -10.813 9.337   1.118   1.00 86.41  ? 67  TYR A CG    1 
ATOM 470  C CD1   . TYR A 1 67  ? -9.502  9.639   0.812   1.00 86.41  ? 67  TYR A CD1   1 
ATOM 471  C CD2   . TYR A 1 67  ? -11.633 10.360  1.547   1.00 86.41  ? 67  TYR A CD2   1 
ATOM 472  C CE1   . TYR A 1 67  ? -9.016  10.912  0.952   1.00 86.41  ? 67  TYR A CE1   1 
ATOM 473  C CE2   . TYR A 1 67  ? -11.155 11.637  1.690   1.00 86.41  ? 67  TYR A CE2   1 
ATOM 474  C CZ    . TYR A 1 67  ? -9.846  11.909  1.390   1.00 86.41  ? 67  TYR A CZ    1 
ATOM 475  O OH    . TYR A 1 67  ? -9.363  13.188  1.534   1.00 86.41  ? 67  TYR A OH    1 
ATOM 476  N N     . THR A 1 68  ? -10.869 4.492   1.819   1.00 85.29  ? 68  THR A N     1 
ATOM 477  C CA    . THR A 1 68  ? -11.440 3.192   1.507   1.00 85.29  ? 68  THR A CA    1 
ATOM 478  C C     . THR A 1 68  ? -12.359 2.756   2.638   1.00 85.29  ? 68  THR A C     1 
ATOM 479  O O     . THR A 1 68  ? -11.978 2.802   3.812   1.00 85.29  ? 68  THR A O     1 
ATOM 480  C CB    . THR A 1 68  ? -10.348 2.157   1.267   1.00 85.29  ? 68  THR A CB    1 
ATOM 481  O OG1   . THR A 1 68  ? -10.946 0.862   1.161   1.00 85.29  ? 68  THR A OG1   1 
ATOM 482  C CG2   . THR A 1 68  ? -9.354  2.150   2.401   1.00 85.29  ? 68  THR A CG2   1 
ATOM 483  N N     . ALA A 1 69  ? -13.576 2.353   2.288   1.00 83.23  ? 69  ALA A N     1 
ATOM 484  C CA    . ALA A 1 69  ? -14.569 1.944   3.274   1.00 83.23  ? 69  ALA A CA    1 
ATOM 485  C C     . ALA A 1 69  ? -14.316 0.486   3.629   1.00 83.23  ? 69  ALA A C     1 
ATOM 486  O O     . ALA A 1 69  ? -14.926 -0.438  3.088   1.00 83.23  ? 69  ALA A O     1 
ATOM 487  C CB    . ALA A 1 69  ? -15.976 2.154   2.737   1.00 83.23  ? 69  ALA A CB    1 
ATOM 488  N N     . VAL A 1 70  ? -13.388 0.276   4.560   1.00 86.09  ? 70  VAL A N     1 
ATOM 489  C CA    . VAL A 1 70  ? -13.034 -1.081  4.949   1.00 86.09  ? 70  VAL A CA    1 
ATOM 490  C C     . VAL A 1 70  ? -14.186 -1.730  5.697   1.00 86.09  ? 70  VAL A C     1 
ATOM 491  O O     . VAL A 1 70  ? -14.605 -1.262  6.763   1.00 86.09  ? 70  VAL A O     1 
ATOM 492  C CB    . VAL A 1 70  ? -11.760 -1.080  5.804   1.00 86.09  ? 70  VAL A CB    1 
ATOM 493  C CG1   . VAL A 1 70  ? -11.423 -2.489  6.230   1.00 86.09  ? 70  VAL A CG1   1 
ATOM 494  C CG2   . VAL A 1 70  ? -10.610 -0.460  5.034   1.00 86.09  ? 70  VAL A CG2   1 
ATOM 495  N N     . VAL A 1 71  ? -14.707 -2.819  5.139   1.00 87.06  ? 71  VAL A N     1 
ATOM 496  C CA    . VAL A 1 71  ? -15.830 -3.528  5.738   1.00 87.06  ? 71  VAL A CA    1 
ATOM 497  C C     . VAL A 1 71  ? -15.562 -5.027  5.710   1.00 87.06  ? 71  VAL A C     1 
ATOM 498  O O     . VAL A 1 71  ? -15.016 -5.556  4.736   1.00 87.06  ? 71  VAL A O     1 
ATOM 499  C CB    . VAL A 1 71  ? -17.157 -3.189  5.033   1.00 87.06  ? 71  VAL A CB    1 
ATOM 500  C CG1   . VAL A 1 71  ? -17.417 -1.691  5.057   1.00 87.06  ? 71  VAL A CG1   1 
ATOM 501  C CG2   . VAL A 1 71  ? -17.154 -3.696  3.598   1.00 87.06  ? 71  VAL A CG2   1 
ATOM 502  N N     . GLY A 1 72  ? -15.923 -5.717  6.788   1.00 94.26  ? 72  GLY A N     1 
ATOM 503  C CA    . GLY A 1 72  ? -15.759 -7.148  6.864   1.00 94.26  ? 72  GLY A CA    1 
ATOM 504  C C     . GLY A 1 72  ? -15.269 -7.606  8.222   1.00 94.26  ? 72  GLY A C     1 
ATOM 505  O O     . GLY A 1 72  ? -14.423 -6.968  8.851   1.00 94.26  ? 72  GLY A O     1 
ATOM 506  N N     . PRO A 1 73  ? -15.796 -8.722  8.703   1.00 100.84 ? 73  PRO A N     1 
ATOM 507  C CA    . PRO A 1 73  ? -15.340 -9.252  9.990   1.00 100.84 ? 73  PRO A CA    1 
ATOM 508  C C     . PRO A 1 73  ? -14.195 -10.232 9.832   1.00 100.84 ? 73  PRO A C     1 
ATOM 509  O O     . PRO A 1 73  ? -14.221 -11.083 8.940   1.00 100.84 ? 73  PRO A O     1 
ATOM 510  C CB    . PRO A 1 73  ? -16.592 -9.936  10.549  1.00 100.84 ? 73  PRO A CB    1 
ATOM 511  C CG    . PRO A 1 73  ? -17.485 -10.195 9.343   1.00 100.84 ? 73  PRO A CG    1 
ATOM 512  C CD    . PRO A 1 73  ? -16.881 -9.532  8.132   1.00 100.84 ? 73  PRO A CD    1 
ATOM 513  N N     . SER A 1 74  ? -13.189 -10.129 10.694  1.00 103.83 ? 74  SER A N     1 
ATOM 514  C CA    . SER A 1 74  ? -12.048 -11.027 10.609  1.00 103.83 ? 74  SER A CA    1 
ATOM 515  C C     . SER A 1 74  ? -12.457 -12.450 10.956  1.00 103.83 ? 74  SER A C     1 
ATOM 516  O O     . SER A 1 74  ? -13.298 -12.679 11.830  1.00 103.83 ? 74  SER A O     1 
ATOM 517  C CB    . SER A 1 74  ? -10.932 -10.574 11.545  1.00 103.83 ? 74  SER A CB    1 
ATOM 518  O OG    . SER A 1 74  ? -10.086 -11.663 11.859  1.00 103.83 ? 74  SER A OG    1 
ATOM 519  N N     . SER A 1 75  ? -11.855 -13.413 10.261  1.00 105.51 ? 75  SER A N     1 
ATOM 520  C CA    . SER A 1 75  ? -12.095 -14.826 10.507  1.00 105.51 ? 75  SER A CA    1 
ATOM 521  C C     . SER A 1 75  ? -11.027 -15.445 11.401  1.00 105.51 ? 75  SER A C     1 
ATOM 522  O O     . SER A 1 75  ? -11.014 -16.667 11.585  1.00 105.51 ? 75  SER A O     1 
ATOM 523  C CB    . SER A 1 75  ? -12.183 -15.585 9.183   1.00 105.51 ? 75  SER A CB    1 
ATOM 524  O OG    . SER A 1 75  ? -12.986 -14.886 8.247   1.00 105.51 ? 75  SER A OG    1 
ATOM 525  N N     . LEU A 1 76  ? -10.134 -14.629 11.962  1.00 104.88 ? 76  LEU A N     1 
ATOM 526  C CA    . LEU A 1 76  ? -9.073  -15.130 12.820  1.00 104.88 ? 76  LEU A CA    1 
ATOM 527  C C     . LEU A 1 76  ? -9.123  -14.578 14.237  1.00 104.88 ? 76  LEU A C     1 
ATOM 528  O O     . LEU A 1 76  ? -8.386  -15.069 15.099  1.00 104.88 ? 76  LEU A O     1 
ATOM 529  C CB    . LEU A 1 76  ? -7.702  -14.830 12.193  1.00 104.88 ? 76  LEU A CB    1 
ATOM 530  C CG    . LEU A 1 76  ? -7.323  -13.375 11.904  1.00 104.88 ? 76  LEU A CG    1 
ATOM 531  C CD1   . LEU A 1 76  ? -6.649  -12.712 13.101  1.00 104.88 ? 76  LEU A CD1   1 
ATOM 532  C CD2   . LEU A 1 76  ? -6.443  -13.296 10.669  1.00 104.88 ? 76  LEU A CD2   1 
ATOM 533  N N     . ALA A 1 77  ? -9.964  -13.584 14.504  1.00 104.09 ? 77  ALA A N     1 
ATOM 534  C CA    . ALA A 1 77  ? -10.130 -13.072 15.856  1.00 104.09 ? 77  ALA A CA    1 
ATOM 535  C C     . ALA A 1 77  ? -11.534 -12.512 16.024  1.00 104.09 ? 77  ALA A C     1 
ATOM 536  O O     . ALA A 1 77  ? -12.397 -12.723 15.165  1.00 104.09 ? 77  ALA A O     1 
ATOM 537  C CB    . ALA A 1 77  ? -9.083  -12.004 16.167  1.00 104.09 ? 77  ALA A CB    1 
ATOM 538  N N     . GLU A 1 78  ? -11.781 -11.807 17.123  1.00 103.44 ? 78  GLU A N     1 
ATOM 539  C CA    . GLU A 1 78  ? -13.073 -11.183 17.382  1.00 103.44 ? 78  GLU A CA    1 
ATOM 540  C C     . GLU A 1 78  ? -12.965 -9.676  17.216  1.00 103.44 ? 78  GLU A C     1 
ATOM 541  O O     . GLU A 1 78  ? -13.658 -8.895  17.871  1.00 103.44 ? 78  GLU A O     1 
ATOM 542  C CB    . GLU A 1 78  ? -13.585 -11.546 18.771  1.00 103.44 ? 78  GLU A CB    1 
ATOM 543  C CG    . GLU A 1 78  ? -13.517 -13.034 19.115  1.00 103.44 ? 78  GLU A CG    1 
ATOM 544  C CD    . GLU A 1 78  ? -13.904 -13.950 17.963  1.00 103.44 ? 78  GLU A CD    1 
ATOM 545  O OE1   . GLU A 1 78  ? -13.288 -15.029 17.837  1.00 103.44 ? 78  GLU A OE1   1 
ATOM 546  O OE2   . GLU A 1 78  ? -14.850 -13.623 17.213  1.00 103.44 ? 78  GLU A OE2   1 
ATOM 547  N N     . VAL A 1 79  ? -12.080 -9.251  16.319  1.00 103.59 ? 79  VAL A N     1 
ATOM 548  C CA    . VAL A 1 79  ? -11.854 -7.843  16.028  1.00 103.59 ? 79  VAL A CA    1 
ATOM 549  C C     . VAL A 1 79  ? -12.251 -7.579  14.584  1.00 103.59 ? 79  VAL A C     1 
ATOM 550  O O     . VAL A 1 79  ? -11.914 -8.356  13.685  1.00 103.59 ? 79  VAL A O     1 
ATOM 551  C CB    . VAL A 1 79  ? -10.386 -7.442  16.287  1.00 103.59 ? 79  VAL A CB    1 
ATOM 552  C CG1   . VAL A 1 79  ? -9.432  -8.374  15.552  1.00 103.59 ? 79  VAL A CG1   1 
ATOM 553  C CG2   . VAL A 1 79  ? -10.141 -5.997  15.884  1.00 103.59 ? 79  VAL A CG2   1 
ATOM 554  N N     . SER A 1 80  ? -12.976 -6.488  14.366  1.00 101.46 ? 80  SER A N     1 
ATOM 555  C CA    . SER A 1 80  ? -13.421 -6.147  13.026  1.00 101.46 ? 80  SER A CA    1 
ATOM 556  C C     . SER A 1 80  ? -12.307 -5.446  12.268  1.00 101.46 ? 80  SER A C     1 
ATOM 557  O O     . SER A 1 80  ? -11.401 -4.852  12.857  1.00 101.46 ? 80  SER A O     1 
ATOM 558  C CB    . SER A 1 80  ? -14.660 -5.256  13.070  1.00 101.46 ? 80  SER A CB    1 
ATOM 559  O OG    . SER A 1 80  ? -14.300 -3.886  13.048  1.00 101.46 ? 80  SER A OG    1 
ATOM 560  N N     . LEU A 1 81  ? -12.380 -5.523  10.941  1.00 99.47  ? 81  LEU A N     1 
ATOM 561  C CA    . LEU A 1 81  ? -11.328 -4.951  10.108  1.00 99.47  ? 81  LEU A CA    1 
ATOM 562  C C     . LEU A 1 81  ? -11.285 -3.438  10.243  1.00 99.47  ? 81  LEU A C     1 
ATOM 563  O O     . LEU A 1 81  ? -10.208 -2.833  10.235  1.00 99.47  ? 81  LEU A O     1 
ATOM 564  C CB    . LEU A 1 81  ? -11.540 -5.351  8.653   1.00 99.47  ? 81  LEU A CB    1 
ATOM 565  C CG    . LEU A 1 81  ? -10.751 -6.570  8.188   1.00 99.47  ? 81  LEU A CG    1 
ATOM 566  C CD1   . LEU A 1 81  ? -9.289  -6.219  7.980   1.00 99.47  ? 81  LEU A CD1   1 
ATOM 567  C CD2   . LEU A 1 81  ? -10.899 -7.697  9.192   1.00 99.47  ? 81  LEU A CD2   1 
ATOM 568  N N     . SER A 1 82  ? -12.453 -2.810  10.369  1.00 100.49 ? 82  SER A N     1 
ATOM 569  C CA    . SER A 1 82  ? -12.517 -1.355  10.424  1.00 100.49 ? 82  SER A CA    1 
ATOM 570  C C     . SER A 1 82  ? -11.677 -0.808  11.569  1.00 100.49 ? 82  SER A C     1 
ATOM 571  O O     . SER A 1 82  ? -10.969 0.192   11.413  1.00 100.49 ? 82  SER A O     1 
ATOM 572  C CB    . SER A 1 82  ? -13.970 -0.901  10.557  1.00 100.49 ? 82  SER A CB    1 
ATOM 573  O OG    . SER A 1 82  ? -14.642 -1.635  11.565  1.00 100.49 ? 82  SER A OG    1 
ATOM 574  N N     . GLN A 1 83  ? -11.736 -1.455  12.727  1.00 100.68 ? 83  GLN A N     1 
ATOM 575  C CA    . GLN A 1 83  ? -10.922 -1.021  13.853  1.00 100.68 ? 83  GLN A CA    1 
ATOM 576  C C     . GLN A 1 83  ? -9.481  -1.498  13.759  1.00 100.68 ? 83  GLN A C     1 
ATOM 577  O O     . GLN A 1 83  ? -8.646  -1.041  14.545  1.00 100.68 ? 83  GLN A O     1 
ATOM 578  C CB    . GLN A 1 83  ? -11.549 -1.480  15.175  1.00 100.68 ? 83  GLN A CB    1 
ATOM 579  C CG    . GLN A 1 83  ? -12.148 -2.868  15.148  1.00 100.68 ? 83  GLN A CG    1 
ATOM 580  C CD    . GLN A 1 83  ? -12.443 -3.399  16.534  1.00 100.68 ? 83  GLN A CD    1 
ATOM 581  O OE1   . GLN A 1 83  ? -12.165 -2.741  17.535  1.00 100.68 ? 83  GLN A OE1   1 
ATOM 582  N NE2   . GLN A 1 83  ? -13.026 -4.589  16.599  1.00 100.68 ? 83  GLN A NE2   1 
ATOM 583  N N     . VAL A 1 84  ? -9.162  -2.392  12.827  1.00 96.94  ? 84  VAL A N     1 
ATOM 584  C CA    . VAL A 1 84  ? -7.770  -2.746  12.586  1.00 96.94  ? 84  VAL A CA    1 
ATOM 585  C C     . VAL A 1 84  ? -7.202  -1.723  11.620  1.00 96.94  ? 84  VAL A C     1 
ATOM 586  O O     . VAL A 1 84  ? -6.103  -1.200  11.823  1.00 96.94  ? 84  VAL A O     1 
ATOM 587  C CB    . VAL A 1 84  ? -7.626  -4.172  12.032  1.00 96.94  ? 84  VAL A CB    1 
ATOM 588  C CG1   . VAL A 1 84  ? -6.289  -4.329  11.340  1.00 96.94  ? 84  VAL A CG1   1 
ATOM 589  C CG2   . VAL A 1 84  ? -7.772  -5.189  13.151  1.00 96.94  ? 84  VAL A CG2   1 
ATOM 590  N N     . ALA A 1 85  ? -7.959  -1.420  10.570  1.00 95.41  ? 85  ALA A N     1 
ATOM 591  C CA    . ALA A 1 85  ? -7.540  -0.404  9.618   1.00 95.41  ? 85  ALA A CA    1 
ATOM 592  C C     . ALA A 1 85  ? -7.507  0.981   10.231  1.00 95.41  ? 85  ALA A C     1 
ATOM 593  O O     . ALA A 1 85  ? -6.722  1.821   9.784   1.00 95.41  ? 85  ALA A O     1 
ATOM 594  C CB    . ALA A 1 85  ? -8.463  -0.407  8.400   1.00 95.41  ? 85  ALA A CB    1 
ATOM 595  N N     . ASN A 1 86  ? -8.333  1.245   11.239  1.00 98.74  ? 86  ASN A N     1 
ATOM 596  C CA    . ASN A 1 86  ? -8.274  2.538   11.900  1.00 98.74  ? 86  ASN A CA    1 
ATOM 597  C C     . ASN A 1 86  ? -7.134  2.605   12.901  1.00 98.74  ? 86  ASN A C     1 
ATOM 598  O O     . ASN A 1 86  ? -6.577  3.683   13.128  1.00 98.74  ? 86  ASN A O     1 
ATOM 599  C CB    . ASN A 1 86  ? -9.600  2.846   12.584  1.00 98.74  ? 86  ASN A CB    1 
ATOM 600  C CG    . ASN A 1 86  ? -10.424 3.850   11.814  1.00 98.74  ? 86  ASN A CG    1 
ATOM 601  O OD1   . ASN A 1 86  ? -9.903  4.858   11.338  1.00 98.74  ? 86  ASN A OD1   1 
ATOM 602  N ND2   . ASN A 1 86  ? -11.718 3.582   11.684  1.00 98.74  ? 86  ASN A ND2   1 
ATOM 603  N N     . ILE A 1 87  ? -6.773  1.473   13.505  1.00 98.57  ? 87  ILE A N     1 
ATOM 604  C CA    . ILE A 1 87  ? -5.576  1.447   14.333  1.00 98.57  ? 87  ILE A CA    1 
ATOM 605  C C     . ILE A 1 87  ? -4.340  1.697   13.484  1.00 98.57  ? 87  ILE A C     1 
ATOM 606  O O     . ILE A 1 87  ? -3.476  2.502   13.853  1.00 98.57  ? 87  ILE A O     1 
ATOM 607  C CB    . ILE A 1 87  ? -5.479  0.113   15.092  1.00 98.57  ? 87  ILE A CB    1 
ATOM 608  C CG1   . ILE A 1 87  ? -6.340  0.157   16.354  1.00 98.57  ? 87  ILE A CG1   1 
ATOM 609  C CG2   . ILE A 1 87  ? -4.041  -0.204  15.438  1.00 98.57  ? 87  ILE A CG2   1 
ATOM 610  C CD1   . ILE A 1 87  ? -6.354  -1.142  17.129  1.00 98.57  ? 87  ILE A CD1   1 
ATOM 611  N N     . VAL A 1 88  ? -4.241  1.042   12.324  1.00 97.41  ? 88  VAL A N     1 
ATOM 612  C CA    . VAL A 1 88  ? -3.068  1.202   11.470  1.00 97.41  ? 88  VAL A CA    1 
ATOM 613  C C     . VAL A 1 88  ? -3.014  2.561   10.801  1.00 97.41  ? 88  VAL A C     1 
ATOM 614  O O     . VAL A 1 88  ? -1.967  2.934   10.266  1.00 97.41  ? 88  VAL A O     1 
ATOM 615  C CB    . VAL A 1 88  ? -3.013  0.096   10.402  1.00 97.41  ? 88  VAL A CB    1 
ATOM 616  C CG1   . VAL A 1 88  ? -3.813  0.494   9.178   1.00 97.41  ? 88  VAL A CG1   1 
ATOM 617  C CG2   . VAL A 1 88  ? -1.573  -0.215  10.035  1.00 97.41  ? 88  VAL A CG2   1 
ATOM 618  N N     . LYS A 1 89  ? -4.106  3.315   10.818  1.00 97.55  ? 89  LYS A N     1 
ATOM 619  C CA    . LYS A 1 89  ? -4.117  4.690   10.340  1.00 97.55  ? 89  LYS A CA    1 
ATOM 620  C C     . LYS A 1 89  ? -3.909  5.576   11.561  1.00 97.55  ? 89  LYS A C     1 
ATOM 621  O O     . LYS A 1 89  ? -4.798  6.308   11.992  1.00 97.55  ? 89  LYS A O     1 
ATOM 622  C CB    . LYS A 1 89  ? -5.397  5.011   9.620   1.00 97.55  ? 89  LYS A CB    1 
ATOM 623  C CG    . LYS A 1 89  ? -5.334  6.288   8.808   1.00 97.55  ? 89  LYS A CG    1 
ATOM 624  C CD    . LYS A 1 89  ? -6.107  6.161   7.508   1.00 97.55  ? 89  LYS A CD    1 
ATOM 625  C CE    . LYS A 1 89  ? -7.428  5.446   7.715   1.00 97.55  ? 89  LYS A CE    1 
ATOM 626  N NZ    . LYS A 1 89  ? -8.361  5.674   6.581   1.00 97.55  ? 89  LYS A NZ    1 
ATOM 627  N N     . ALA A 1 90  ? -2.712  5.492   12.124  1.00 98.80  ? 90  ALA A N     1 
ATOM 628  C CA    . ALA A 1 90  ? -2.338  6.252   13.305  1.00 98.80  ? 90  ALA A CA    1 
ATOM 629  C C     . ALA A 1 90  ? -0.820  6.242   13.394  1.00 98.80  ? 90  ALA A C     1 
ATOM 630  O O     . ALA A 1 90  ? -0.143  5.484   12.696  1.00 98.80  ? 90  ALA A O     1 
ATOM 631  C CB    . ALA A 1 90  ? -2.988  5.675   14.562  1.00 98.80  ? 90  ALA A CB    1 
ATOM 632  N N     . SER A 1 91  ? -0.286  7.120   14.241  1.00 104.61 ? 91  SER A N     1 
ATOM 633  C CA    . SER A 1 91  ? 1.152   7.254   14.452  1.00 104.61 ? 91  SER A CA    1 
ATOM 634  C C     . SER A 1 91  ? 1.867   7.737   13.194  1.00 104.61 ? 91  SER A C     1 
ATOM 635  O O     . SER A 1 91  ? 3.096   7.863   13.188  1.00 104.61 ? 91  SER A O     1 
ATOM 636  C CB    . SER A 1 91  ? 1.763   5.936   14.935  1.00 104.61 ? 91  SER A CB    1 
ATOM 637  O OG    . SER A 1 91  ? 1.777   4.967   13.901  1.00 104.61 ? 91  SER A OG    1 
ATOM 638  N N     . GLY A 1 92  ? 1.116   8.010   12.124  1.00 102.42 ? 92  GLY A N     1 
ATOM 639  C CA    . GLY A 1 92  ? 1.639   8.660   10.935  1.00 102.42 ? 92  GLY A CA    1 
ATOM 640  C C     . GLY A 1 92  ? 1.590   7.799   9.689   1.00 102.42 ? 92  GLY A C     1 
ATOM 641  O O     . GLY A 1 92  ? 1.409   8.326   8.586   1.00 102.42 ? 92  GLY A O     1 
ATOM 642  N N     . THR A 1 93  ? 1.754   6.489   9.839   1.00 97.45  ? 93  THR A N     1 
ATOM 643  C CA    . THR A 1 93  ? 1.808   5.617   8.675   1.00 97.45  ? 93  THR A CA    1 
ATOM 644  C C     . THR A 1 93  ? 0.459   5.571   7.972   1.00 97.45  ? 93  THR A C     1 
ATOM 645  O O     . THR A 1 93  ? -0.589  5.442   8.607   1.00 97.45  ? 93  THR A O     1 
ATOM 646  C CB    . THR A 1 93  ? 2.231   4.206   9.081   1.00 97.45  ? 93  THR A CB    1 
ATOM 647  O OG1   . THR A 1 93  ? 1.970   3.302   8.002   1.00 97.45  ? 93  THR A OG1   1 
ATOM 648  C CG2   . THR A 1 93  ? 1.468   3.749   10.319  1.00 97.45  ? 93  THR A CG2   1 
ATOM 649  N N     . SER A 1 94  ? 0.493   5.694   6.652   1.00 90.59  ? 94  SER A N     1 
ATOM 650  C CA    . SER A 1 94  ? -0.718  5.561   5.867   1.00 90.59  ? 94  SER A CA    1 
ATOM 651  C C     . SER A 1 94  ? -1.016  4.091   5.619   1.00 90.59  ? 94  SER A C     1 
ATOM 652  O O     . SER A 1 94  ? -0.152  3.222   5.748   1.00 90.59  ? 94  SER A O     1 
ATOM 653  C CB    . SER A 1 94  ? -0.587  6.304   4.544   1.00 90.59  ? 94  SER A CB    1 
ATOM 654  O OG    . SER A 1 94  ? -1.456  5.747   3.577   1.00 90.59  ? 94  SER A OG    1 
ATOM 655  N N     . LEU A 1 95  ? -2.264  3.815   5.268   1.00 86.73  ? 95  LEU A N     1 
ATOM 656  C CA    . LEU A 1 95  ? -2.689  2.444   5.036   1.00 86.73  ? 95  LEU A CA    1 
ATOM 657  C C     . LEU A 1 95  ? -1.873  1.841   3.910   1.00 86.73  ? 95  LEU A C     1 
ATOM 658  O O     . LEU A 1 95  ? -1.386  0.713   4.022   1.00 86.73  ? 95  LEU A O     1 
ATOM 659  C CB    . LEU A 1 95  ? -4.173  2.392   4.698   1.00 86.73  ? 95  LEU A CB    1 
ATOM 660  C CG    . LEU A 1 95  ? -4.739  1.001   4.443   1.00 86.73  ? 95  LEU A CG    1 
ATOM 661  C CD1   . LEU A 1 95  ? -4.303  0.039   5.531   1.00 86.73  ? 95  LEU A CD1   1 
ATOM 662  C CD2   . LEU A 1 95  ? -6.251  1.067   4.355   1.00 86.73  ? 95  LEU A CD2   1 
ATOM 663  N N     . ARG A 1 96  ? -1.726  2.593   2.820   1.00 81.44  ? 96  ARG A N     1 
ATOM 664  C CA    . ARG A 1 96  ? -0.944  2.114   1.692   1.00 81.44  ? 96  ARG A CA    1 
ATOM 665  C C     . ARG A 1 96  ? 0.485   1.834   2.100   1.00 81.44  ? 96  ARG A C     1 
ATOM 666  O O     . ARG A 1 96  ? 1.064   0.821   1.693   1.00 81.44  ? 96  ARG A O     1 
ATOM 667  C CB    . ARG A 1 96  ? -0.971  3.135   0.563   1.00 81.44  ? 96  ARG A CB    1 
ATOM 668  C CG    . ARG A 1 96  ? -0.332  2.652   -0.708  1.00 81.44  ? 96  ARG A CG    1 
ATOM 669  C CD    . ARG A 1 96  ? -0.586  3.622   -1.821  1.00 81.44  ? 96  ARG A CD    1 
ATOM 670  N NE    . ARG A 1 96  ? -2.001  3.911   -1.953  1.00 81.44  ? 96  ARG A NE    1 
ATOM 671  C CZ    . ARG A 1 96  ? -2.484  5.117   -2.209  1.00 81.44  ? 96  ARG A CZ    1 
ATOM 672  N NH1   . ARG A 1 96  ? -1.661  6.140   -2.354  1.00 81.44  ? 96  ARG A NH1   1 
ATOM 673  N NH2   . ARG A 1 96  ? -3.789  5.298   -2.316  1.00 81.44  ? 96  ARG A NH2   1 
ATOM 674  N N     . LYS A 1 97  ? 1.064   2.715   2.908   1.00 85.06  ? 97  LYS A N     1 
ATOM 675  C CA    . LYS A 1 97  ? 2.415   2.489   3.396   1.00 85.06  ? 97  LYS A CA    1 
ATOM 676  C C     . LYS A 1 97  ? 2.493   1.191   4.177   1.00 85.06  ? 97  LYS A C     1 
ATOM 677  O O     . LYS A 1 97  ? 3.534   0.530   4.193   1.00 85.06  ? 97  LYS A O     1 
ATOM 678  C CB    . LYS A 1 97  ? 2.858   3.671   4.252   1.00 85.06  ? 97  LYS A CB    1 
ATOM 679  C CG    . LYS A 1 97  ? 4.347   3.771   4.455   1.00 85.06  ? 97  LYS A CG    1 
ATOM 680  C CD    . LYS A 1 97  ? 4.770   5.208   4.684   1.00 85.06  ? 97  LYS A CD    1 
ATOM 681  C CE    . LYS A 1 97  ? 4.433   6.080   3.497   1.00 85.06  ? 97  LYS A CE    1 
ATOM 682  N NZ    . LYS A 1 97  ? 4.858   7.486   3.727   1.00 85.06  ? 97  LYS A NZ    1 
ATOM 683  N N     . PHE A 1 98  ? 1.393   0.795   4.811   1.00 83.82  ? 98  PHE A N     1 
ATOM 684  C CA    . PHE A 1 98  ? 1.408   -0.431  5.595   1.00 83.82  ? 98  PHE A CA    1 
ATOM 685  C C     . PHE A 1 98  ? 1.290   -1.649  4.699   1.00 83.82  ? 98  PHE A C     1 
ATOM 686  O O     . PHE A 1 98  ? 2.044   -2.614  4.845   1.00 83.82  ? 98  PHE A O     1 
ATOM 687  C CB    . PHE A 1 98  ? 0.287   -0.416  6.626   1.00 83.82  ? 98  PHE A CB    1 
ATOM 688  C CG    . PHE A 1 98  ? 0.219   -1.659  7.444   1.00 83.82  ? 98  PHE A CG    1 
ATOM 689  C CD1   . PHE A 1 98  ? 1.194   -1.937  8.369   1.00 83.82  ? 98  PHE A CD1   1 
ATOM 690  C CD2   . PHE A 1 98  ? -0.814  -2.551  7.284   1.00 83.82  ? 98  PHE A CD2   1 
ATOM 691  C CE1   . PHE A 1 98  ? 1.142   -3.080  9.119   1.00 83.82  ? 98  PHE A CE1   1 
ATOM 692  C CE2   . PHE A 1 98  ? -0.868  -3.696  8.034   1.00 83.82  ? 98  PHE A CE2   1 
ATOM 693  C CZ    . PHE A 1 98  ? 0.110   -3.958  8.952   1.00 83.82  ? 98  PHE A CZ    1 
ATOM 694  N N     . CYS A 1 99  ? 0.338   -1.627  3.769   1.00 84.41  ? 99  CYS A N     1 
ATOM 695  C CA    . CYS A 1 99  ? 0.192   -2.751  2.853   1.00 84.41  ? 99  CYS A CA    1 
ATOM 696  C C     . CYS A 1 99  ? 1.454   -2.950  2.033   1.00 84.41  ? 99  CYS A C     1 
ATOM 697  O O     . CYS A 1 99  ? 1.746   -4.065  1.579   1.00 84.41  ? 99  CYS A O     1 
ATOM 698  C CB    . CYS A 1 99  ? -1.013  -2.539  1.943   1.00 84.41  ? 99  CYS A CB    1 
ATOM 699  S SG    . CYS A 1 99  ? -2.466  -1.879  2.778   1.00 84.41  ? 99  CYS A SG    1 
ATOM 700  N N     . ARG A 1 100 ? 2.214   -1.879  1.828   1.00 79.84  ? 100 ARG A N     1 
ATOM 701  C CA    . ARG A 1 100 ? 3.490   -2.007  1.152   1.00 79.84  ? 100 ARG A CA    1 
ATOM 702  C C     . ARG A 1 100 ? 4.466   -2.875  1.922   1.00 79.84  ? 100 ARG A C     1 
ATOM 703  O O     . ARG A 1 100 ? 5.410   -3.394  1.321   1.00 79.84  ? 100 ARG A O     1 
ATOM 704  C CB    . ARG A 1 100 ? 4.091   -0.627  0.928   1.00 79.84  ? 100 ARG A CB    1 
ATOM 705  C CG    . ARG A 1 100 ? 4.235   -0.239  -0.518  1.00 79.84  ? 100 ARG A CG    1 
ATOM 706  C CD    . ARG A 1 100 ? 4.793   1.156   -0.637  1.00 79.84  ? 100 ARG A CD    1 
ATOM 707  N NE    . ARG A 1 100 ? 3.910   2.035   -1.381  1.00 79.84  ? 100 ARG A NE    1 
ATOM 708  C CZ    . ARG A 1 100 ? 3.994   3.357   -1.352  1.00 79.84  ? 100 ARG A CZ    1 
ATOM 709  N NH1   . ARG A 1 100 ? 3.156   4.094   -2.060  1.00 79.84  ? 100 ARG A NH1   1 
ATOM 710  N NH2   . ARG A 1 100 ? 4.917   3.940   -0.608  1.00 79.84  ? 100 ARG A NH2   1 
ATOM 711  N N     . PHE A 1 101 ? 4.270   -3.046  3.225   1.00 82.03  ? 101 PHE A N     1 
ATOM 712  C CA    . PHE A 1 101 ? 5.202   -3.850  4.000   1.00 82.03  ? 101 PHE A CA    1 
ATOM 713  C C     . PHE A 1 101 ? 5.020   -5.328  3.716   1.00 82.03  ? 101 PHE A C     1 
ATOM 714  O O     . PHE A 1 101 ? 5.983   -6.096  3.768   1.00 82.03  ? 101 PHE A O     1 
ATOM 715  C CB    . PHE A 1 101 ? 5.025   -3.585  5.490   1.00 82.03  ? 101 PHE A CB    1 
ATOM 716  C CG    . PHE A 1 101 ? 6.099   -4.189  6.338   1.00 82.03  ? 101 PHE A CG    1 
ATOM 717  C CD1   . PHE A 1 101 ? 5.958   -5.457  6.860   1.00 82.03  ? 101 PHE A CD1   1 
ATOM 718  C CD2   . PHE A 1 101 ? 7.249   -3.490  6.613   1.00 82.03  ? 101 PHE A CD2   1 
ATOM 719  C CE1   . PHE A 1 101 ? 6.944   -6.013  7.631   1.00 82.03  ? 101 PHE A CE1   1 
ATOM 720  C CE2   . PHE A 1 101 ? 8.235   -4.041  7.389   1.00 82.03  ? 101 PHE A CE2   1 
ATOM 721  C CZ    . PHE A 1 101 ? 8.082   -5.305  7.897   1.00 82.03  ? 101 PHE A CZ    1 
ATOM 722  N N     . PHE A 1 102 ? 3.792   -5.742  3.426   1.00 81.39  ? 102 PHE A N     1 
ATOM 723  C CA    . PHE A 1 102 ? 3.469   -7.144  3.228   1.00 81.39  ? 102 PHE A CA    1 
ATOM 724  C C     . PHE A 1 102 ? 3.213   -7.470  1.770   1.00 81.39  ? 102 PHE A C     1 
ATOM 725  O O     . PHE A 1 102 ? 2.901   -8.616  1.443   1.00 81.39  ? 102 PHE A O     1 
ATOM 726  C CB    . PHE A 1 102 ? 2.266   -7.529  4.081   1.00 81.39  ? 102 PHE A CB    1 
ATOM 727  C CG    . PHE A 1 102 ? 2.485   -7.330  5.542   1.00 81.39  ? 102 PHE A CG    1 
ATOM 728  C CD1   . PHE A 1 102 ? 3.030   -8.332  6.310   1.00 81.39  ? 102 PHE A CD1   1 
ATOM 729  C CD2   . PHE A 1 102 ? 2.160   -6.138  6.143   1.00 81.39  ? 102 PHE A CD2   1 
ATOM 730  C CE1   . PHE A 1 102 ? 3.236   -8.152  7.648   1.00 81.39  ? 102 PHE A CE1   1 
ATOM 731  C CE2   . PHE A 1 102 ? 2.366   -5.953  7.481   1.00 81.39  ? 102 PHE A CE2   1 
ATOM 732  C CZ    . PHE A 1 102 ? 2.903   -6.961  8.235   1.00 81.39  ? 102 PHE A CZ    1 
ATOM 733  N N     . ALA A 1 103 ? 3.322   -6.476  0.893   1.00 80.96  ? 103 ALA A N     1 
ATOM 734  C CA    . ALA A 1 103 ? 3.164   -6.715  -0.540  1.00 80.96  ? 103 ALA A CA    1 
ATOM 735  C C     . ALA A 1 103 ? 3.886   -7.956  -1.048  1.00 80.96  ? 103 ALA A C     1 
ATOM 736  O O     . ALA A 1 103 ? 3.266   -8.732  -1.791  1.00 80.96  ? 103 ALA A O     1 
ATOM 737  C CB    . ALA A 1 103 ? 3.609   -5.465  -1.310  1.00 80.96  ? 103 ALA A CB    1 
ATOM 738  N N     . PRO A 1 104 ? 5.151   -8.217  -0.708  1.00 81.63  ? 104 PRO A N     1 
ATOM 739  C CA    . PRO A 1 104 ? 5.800   -9.426  -1.232  1.00 81.63  ? 104 PRO A CA    1 
ATOM 740  C C     . PRO A 1 104 ? 5.170   -10.709 -0.750  1.00 81.63  ? 104 PRO A C     1 
ATOM 741  O O     . PRO A 1 104 ? 5.335   -11.741 -1.408  1.00 81.63  ? 104 PRO A O     1 
ATOM 742  C CB    . PRO A 1 104 ? 7.241   -9.302  -0.729  1.00 81.63  ? 104 PRO A CB    1 
ATOM 743  C CG    . PRO A 1 104 ? 7.422   -7.878  -0.440  1.00 81.63  ? 104 PRO A CG    1 
ATOM 744  C CD    . PRO A 1 104 ? 6.105   -7.404  0.061   1.00 81.63  ? 104 PRO A CD    1 
ATOM 745  N N     . ILE A 1 105 ? 4.453   -10.685 0.365   1.00 80.84  ? 105 ILE A N     1 
ATOM 746  C CA    . ILE A 1 105 ? 3.776   -11.867 0.852   1.00 80.84  ? 105 ILE A CA    1 
ATOM 747  C C     . ILE A 1 105 ? 2.411   -12.049 0.205   1.00 80.84  ? 105 ILE A C     1 
ATOM 748  O O     . ILE A 1 105 ? 2.061   -13.176 -0.165  1.00 80.84  ? 105 ILE A O     1 
ATOM 749  C CB    . ILE A 1 105 ? 3.653   -11.820 2.387   1.00 80.84  ? 105 ILE A CB    1 
ATOM 750  C CG1   . ILE A 1 105 ? 4.924   -12.361 3.032   1.00 80.84  ? 105 ILE A CG1   1 
ATOM 751  C CG2   . ILE A 1 105 ? 2.463   -12.615 2.852   1.00 80.84  ? 105 ILE A CG2   1 
ATOM 752  C CD1   . ILE A 1 105 ? 4.966   -13.867 3.125   1.00 80.84  ? 105 ILE A CD1   1 
ATOM 753  N N     . ILE A 1 106 ? 1.644   -10.976 0.030   1.00 78.95  ? 106 ILE A N     1 
ATOM 754  C CA    . ILE A 1 106 ? 0.374   -11.092 -0.668  1.00 78.95  ? 106 ILE A CA    1 
ATOM 755  C C     . ILE A 1 106 ? 0.600   -11.440 -2.126  1.00 78.95  ? 106 ILE A C     1 
ATOM 756  O O     . ILE A 1 106 ? -0.289  -11.998 -2.779  1.00 78.95  ? 106 ILE A O     1 
ATOM 757  C CB    . ILE A 1 106 ? -0.442  -9.801  -0.503  1.00 78.95  ? 106 ILE A CB    1 
ATOM 758  C CG1   . ILE A 1 106 ? -1.801  -10.114 0.116   1.00 78.95  ? 106 ILE A CG1   1 
ATOM 759  C CG2   . ILE A 1 106 ? -0.605  -9.075  -1.826  1.00 78.95  ? 106 ILE A CG2   1 
ATOM 760  C CD1   . ILE A 1 106 ? -2.693  -10.932 -0.772  1.00 78.95  ? 106 ILE A CD1   1 
ATOM 761  N N     . TRP A 1 107 ? 1.782   -11.142 -2.662  1.00 74.83  ? 107 TRP A N     1 
ATOM 762  C CA    . TRP A 1 107 ? 2.089   -11.568 -4.018  1.00 74.83  ? 107 TRP A CA    1 
ATOM 763  C C     . TRP A 1 107 ? 2.069   -13.080 -4.115  1.00 74.83  ? 107 TRP A C     1 
ATOM 764  O O     . TRP A 1 107 ? 1.390   -13.649 -4.971  1.00 74.83  ? 107 TRP A O     1 
ATOM 765  C CB    . TRP A 1 107 ? 3.444   -11.020 -4.454  1.00 74.83  ? 107 TRP A CB    1 
ATOM 766  C CG    . TRP A 1 107 ? 3.780   -11.318 -5.872  1.00 74.83  ? 107 TRP A CG    1 
ATOM 767  C CD1   . TRP A 1 107 ? 4.599   -12.293 -6.323  1.00 74.83  ? 107 TRP A CD1   1 
ATOM 768  C CD2   . TRP A 1 107 ? 3.314   -10.619 -7.024  1.00 74.83  ? 107 TRP A CD2   1 
ATOM 769  N NE1   . TRP A 1 107 ? 4.671   -12.258 -7.687  1.00 74.83  ? 107 TRP A NE1   1 
ATOM 770  C CE2   . TRP A 1 107 ? 3.884   -11.237 -8.142  1.00 74.83  ? 107 TRP A CE2   1 
ATOM 771  C CE3   . TRP A 1 107 ? 2.460   -9.536  -7.218  1.00 74.83  ? 107 TRP A CE3   1 
ATOM 772  C CZ2   . TRP A 1 107 ? 3.641   -10.806 -9.433  1.00 74.83  ? 107 TRP A CZ2   1 
ATOM 773  C CZ3   . TRP A 1 107 ? 2.216   -9.111  -8.500  1.00 74.83  ? 107 TRP A CZ3   1 
ATOM 774  C CH2   . TRP A 1 107 ? 2.804   -9.745  -9.592  1.00 74.83  ? 107 TRP A CH2   1 
ATOM 775  N N     . ASN A 1 108 ? 2.797   -13.752 -3.229  1.00 73.75  ? 108 ASN A N     1 
ATOM 776  C CA    . ASN A 1 108 ? 2.843   -15.206 -3.275  1.00 73.75  ? 108 ASN A CA    1 
ATOM 777  C C     . ASN A 1 108 ? 1.476   -15.805 -2.996  1.00 73.75  ? 108 ASN A C     1 
ATOM 778  O O     . ASN A 1 108 ? 1.059   -16.766 -3.651  1.00 73.75  ? 108 ASN A O     1 
ATOM 779  C CB    . ASN A 1 108 ? 3.868   -15.726 -2.279  1.00 73.75  ? 108 ASN A CB    1 
ATOM 780  C CG    . ASN A 1 108 ? 5.254   -15.762 -2.850  1.00 73.75  ? 108 ASN A CG    1 
ATOM 781  O OD1   . ASN A 1 108 ? 5.572   -15.019 -3.773  1.00 73.75  ? 108 ASN A OD1   1 
ATOM 782  N ND2   . ASN A 1 108 ? 6.092   -16.636 -2.312  1.00 73.75  ? 108 ASN A ND2   1 
ATOM 783  N N     . LEU A 1 109 ? 0.755   -15.239 -2.046  1.00 76.22  ? 109 LEU A N     1 
ATOM 784  C CA    . LEU A 1 109 ? -0.486  -15.822 -1.574  1.00 76.22  ? 109 LEU A CA    1 
ATOM 785  C C     . LEU A 1 109 ? -1.606  -15.742 -2.599  1.00 76.22  ? 109 LEU A C     1 
ATOM 786  O O     . LEU A 1 109 ? -2.529  -16.560 -2.548  1.00 76.22  ? 109 LEU A O     1 
ATOM 787  C CB    . LEU A 1 109 ? -0.903  -15.140 -0.269  1.00 76.22  ? 109 LEU A CB    1 
ATOM 788  C CG    . LEU A 1 109 ? -2.307  -15.332 0.303   1.00 76.22  ? 109 LEU A CG    1 
ATOM 789  C CD1   . LEU A 1 109 ? -2.616  -16.805 0.542   1.00 76.22  ? 109 LEU A CD1   1 
ATOM 790  C CD2   . LEU A 1 109 ? -2.470  -14.534 1.587   1.00 76.22  ? 109 LEU A CD2   1 
ATOM 791  N N     . ARG A 1 110 ? -1.548  -14.820 -3.557  1.00 74.88  ? 110 ARG A N     1 
ATOM 792  C CA    . ARG A 1 110 ? -2.724  -14.570 -4.380  1.00 74.88  ? 110 ARG A CA    1 
ATOM 793  C C     . ARG A 1 110 ? -2.460  -14.543 -5.879  1.00 74.88  ? 110 ARG A C     1 
ATOM 794  O O     . ARG A 1 110 ? -3.406  -14.628 -6.666  1.00 74.88  ? 110 ARG A O     1 
ATOM 795  C CB    . ARG A 1 110 ? -3.372  -13.253 -3.958  1.00 74.88  ? 110 ARG A CB    1 
ATOM 796  C CG    . ARG A 1 110 ? -4.845  -13.161 -4.267  1.00 74.88  ? 110 ARG A CG    1 
ATOM 797  C CD    . ARG A 1 110 ? -5.575  -12.376 -3.210  1.00 74.88  ? 110 ARG A CD    1 
ATOM 798  N NE    . ARG A 1 110 ? -6.684  -11.625 -3.780  1.00 74.88  ? 110 ARG A NE    1 
ATOM 799  C CZ    . ARG A 1 110 ? -7.887  -12.135 -4.007  1.00 74.88  ? 110 ARG A CZ    1 
ATOM 800  N NH1   . ARG A 1 110 ? -8.838  -11.382 -4.535  1.00 74.88  ? 110 ARG A NH1   1 
ATOM 801  N NH2   . ARG A 1 110 ? -8.138  -13.402 -3.707  1.00 74.88  ? 110 ARG A NH2   1 
ATOM 802  N N     . THR A 1 111 ? -1.208  -14.433 -6.303  1.00 73.48  ? 111 THR A N     1 
ATOM 803  C CA    . THR A 1 111 ? -0.952  -14.254 -7.722  1.00 73.48  ? 111 THR A CA    1 
ATOM 804  C C     . THR A 1 111 ? -1.185  -15.550 -8.482  1.00 73.48  ? 111 THR A C     1 
ATOM 805  O O     . THR A 1 111 ? -1.061  -16.649 -7.936  1.00 73.48  ? 111 THR A O     1 
ATOM 806  C CB    . THR A 1 111 ? 0.466   -13.766 -7.977  1.00 73.48  ? 111 THR A CB    1 
ATOM 807  O OG1   . THR A 1 111 ? 0.547   -13.247 -9.306  1.00 73.48  ? 111 THR A OG1   1 
ATOM 808  C CG2   . THR A 1 111 ? 1.445   -14.906 -7.859  1.00 73.48  ? 111 THR A CG2   1 
ATOM 809  N N     . ASP A 1 112 ? -1.570  -15.404 -9.748  1.00 73.43  ? 112 ASP A N     1 
ATOM 810  C CA    . ASP A 1 112 ? -1.818  -16.526 -10.648 1.00 73.43  ? 112 ASP A CA    1 
ATOM 811  C C     . ASP A 1 112 ? -2.903  -17.458 -10.116 1.00 73.43  ? 112 ASP A C     1 
ATOM 812  O O     . ASP A 1 112 ? -3.106  -18.550 -10.641 1.00 73.43  ? 112 ASP A O     1 
ATOM 813  C CB    . ASP A 1 112 ? -0.534  -17.299 -10.933 1.00 73.43  ? 112 ASP A CB    1 
ATOM 814  C CG    . ASP A 1 112 ? 0.607   -16.395 -11.332 1.00 73.43  ? 112 ASP A CG    1 
ATOM 815  O OD1   . ASP A 1 112 ? 1.770   -16.727 -11.020 1.00 73.43  ? 112 ASP A OD1   1 
ATOM 816  O OD2   . ASP A 1 112 ? 0.343   -15.348 -11.959 1.00 73.43  ? 112 ASP A OD2   1 
ATOM 817  N N     . LYS A 1 113 ? -3.609  -17.030 -9.074  1.00 71.38  ? 113 LYS A N     1 
ATOM 818  C CA    . LYS A 1 113 ? -4.683  -17.842 -8.525  1.00 71.38  ? 113 LYS A CA    1 
ATOM 819  C C     . LYS A 1 113 ? -5.980  -17.057 -8.415  1.00 71.38  ? 113 LYS A C     1 
ATOM 820  O O     . LYS A 1 113 ? -7.059  -17.595 -8.673  1.00 71.38  ? 113 LYS A O     1 
ATOM 821  C CB    . LYS A 1 113 ? -4.287  -18.390 -7.160  1.00 71.38  ? 113 LYS A CB    1 
ATOM 822  C CG    . LYS A 1 113 ? -3.292  -19.522 -7.228  1.00 71.38  ? 113 LYS A CG    1 
ATOM 823  C CD    . LYS A 1 113 ? -2.656  -19.782 -5.877  1.00 71.38  ? 113 LYS A CD    1 
ATOM 824  C CE    . LYS A 1 113 ? -2.301  -18.486 -5.169  1.00 71.38  ? 113 LYS A CE    1 
ATOM 825  N NZ    . LYS A 1 113 ? -1.612  -18.733 -3.872  1.00 71.38  ? 113 LYS A NZ    1 
ATOM 826  N N     . THR A 1 114 ? -5.892  -15.795 -8.032  1.00 70.33  ? 114 THR A N     1 
ATOM 827  C CA    . THR A 1 114 ? -7.077  -14.956 -7.929  1.00 70.33  ? 114 THR A CA    1 
ATOM 828  C C     . THR A 1 114 ? -6.682  -13.499 -8.109  1.00 70.33  ? 114 THR A C     1 
ATOM 829  O O     . THR A 1 114 ? -5.961  -12.943 -7.272  1.00 70.33  ? 114 THR A O     1 
ATOM 830  C CB    . THR A 1 114 ? -7.774  -15.145 -6.585  1.00 70.33  ? 114 THR A CB    1 
ATOM 831  O OG1   . THR A 1 114 ? -7.667  -16.511 -6.170  1.00 70.33  ? 114 THR A OG1   1 
ATOM 832  C CG2   . THR A 1 114 ? -9.241  -14.775 -6.702  1.00 70.33  ? 114 THR A CG2   1 
ATOM 833  N N     . PRO A 1 115 ? -7.130  -12.850 -9.173  1.00 67.33  ? 115 PRO A N     1 
ATOM 834  C CA    . PRO A 1 115 ? -6.707  -11.488 -9.439  1.00 67.33  ? 115 PRO A CA    1 
ATOM 835  C C     . PRO A 1 115 ? -7.365  -10.524 -8.476  1.00 67.33  ? 115 PRO A C     1 
ATOM 836  O O     . PRO A 1 115 ? -8.345  -10.880 -7.808  1.00 67.33  ? 115 PRO A O     1 
ATOM 837  C CB    . PRO A 1 115 ? -7.187  -11.245 -10.876 1.00 67.33  ? 115 PRO A CB    1 
ATOM 838  C CG    . PRO A 1 115 ? -7.601  -12.583 -11.392 1.00 67.33  ? 115 PRO A CG    1 
ATOM 839  C CD    . PRO A 1 115 ? -8.035  -13.350 -10.210 1.00 67.33  ? 115 PRO A CD    1 
ATOM 840  N N     . PRO A 1 116 ? -6.854  -9.312  -8.365  1.00 67.10  ? 116 PRO A N     1 
ATOM 841  C CA    . PRO A 1 116 ? -7.569  -8.282  -7.613  1.00 67.10  ? 116 PRO A CA    1 
ATOM 842  C C     . PRO A 1 116 ? -8.961  -8.072  -8.163  1.00 67.10  ? 116 PRO A C     1 
ATOM 843  O O     . PRO A 1 116 ? -9.183  -8.227  -9.364  1.00 67.10  ? 116 PRO A O     1 
ATOM 844  C CB    . PRO A 1 116 ? -6.698  -7.039  -7.800  1.00 67.10  ? 116 PRO A CB    1 
ATOM 845  C CG    . PRO A 1 116 ? -5.359  -7.565  -8.086  1.00 67.10  ? 116 PRO A CG    1 
ATOM 846  C CD    . PRO A 1 116 ? -5.558  -8.827  -8.856  1.00 67.10  ? 116 PRO A CD    1 
ATOM 847  N N     . ALA A 1 117 ? -9.909  -7.739  -7.299  1.00 66.63  ? 117 ALA A N     1 
ATOM 848  C CA    . ALA A 1 117 ? -11.296 -7.613  -7.713  1.00 66.63  ? 117 ALA A CA    1 
ATOM 849  C C     . ALA A 1 117 ? -11.473 -6.533  -8.765  1.00 66.63  ? 117 ALA A C     1 
ATOM 850  O O     . ALA A 1 117 ? -12.071 -6.777  -9.815  1.00 66.63  ? 117 ALA A O     1 
ATOM 851  C CB    . ALA A 1 117 ? -12.185 -7.319  -6.506  1.00 66.63  ? 117 ALA A CB    1 
ATOM 852  N N     . ASN A 1 118 ? -10.957 -5.344  -8.503  1.00 66.51  ? 118 ASN A N     1 
ATOM 853  C CA    . ASN A 1 118 ? -11.246 -4.185  -9.340  1.00 66.51  ? 118 ASN A CA    1 
ATOM 854  C C     . ASN A 1 118 ? -10.187 -4.016  -10.424 1.00 66.51  ? 118 ASN A C     1 
ATOM 855  O O     . ASN A 1 118 ? -9.483  -3.016  -10.494 1.00 66.51  ? 118 ASN A O     1 
ATOM 856  C CB    . ASN A 1 118 ? -11.355 -2.931  -8.483  1.00 66.51  ? 118 ASN A CB    1 
ATOM 857  C CG    . ASN A 1 118 ? -10.109 -2.667  -7.677  1.00 66.51  ? 118 ASN A CG    1 
ATOM 858  O OD1   . ASN A 1 118 ? -9.275  -1.850  -8.052  1.00 66.51  ? 118 ASN A OD1   1 
ATOM 859  N ND2   . ASN A 1 118 ? -9.976  -3.357  -6.556  1.00 66.51  ? 118 ASN A ND2   1 
ATOM 860  N N     . TRP A 1 119 ? -10.083 -5.012  -11.291 1.00 63.20  ? 119 TRP A N     1 
ATOM 861  C CA    . TRP A 1 119 ? -9.249  -4.886  -12.470 1.00 63.20  ? 119 TRP A CA    1 
ATOM 862  C C     . TRP A 1 119 ? -10.049 -4.854  -13.756 1.00 63.20  ? 119 TRP A C     1 
ATOM 863  O O     . TRP A 1 119 ? -9.657  -4.149  -14.688 1.00 63.20  ? 119 TRP A O     1 
ATOM 864  C CB    . TRP A 1 119 ? -8.243  -6.034  -12.542 1.00 63.20  ? 119 TRP A CB    1 
ATOM 865  C CG    . TRP A 1 119 ? -8.837  -7.294  -13.017 1.00 63.20  ? 119 TRP A CG    1 
ATOM 866  C CD1   . TRP A 1 119 ? -9.325  -8.292  -12.256 1.00 63.20  ? 119 TRP A CD1   1 
ATOM 867  C CD2   . TRP A 1 119 ? -9.017  -7.698  -14.373 1.00 63.20  ? 119 TRP A CD2   1 
ATOM 868  N NE1   . TRP A 1 119 ? -9.800  -9.301  -13.044 1.00 63.20  ? 119 TRP A NE1   1 
ATOM 869  C CE2   . TRP A 1 119 ? -9.622  -8.955  -14.353 1.00 63.20  ? 119 TRP A CE2   1 
ATOM 870  C CE3   . TRP A 1 119 ? -8.728  -7.110  -15.602 1.00 63.20  ? 119 TRP A CE3   1 
ATOM 871  C CZ2   . TRP A 1 119 ? -9.939  -9.641  -15.508 1.00 63.20  ? 119 TRP A CZ2   1 
ATOM 872  C CZ3   . TRP A 1 119 ? -9.044  -7.789  -16.744 1.00 63.20  ? 119 TRP A CZ3   1 
ATOM 873  C CH2   . TRP A 1 119 ? -9.643  -9.041  -16.693 1.00 63.20  ? 119 TRP A CH2   1 
ATOM 874  N N     . GLU A 1 120 ? -11.151 -5.602  -13.831 1.00 62.85  ? 120 GLU A N     1 
ATOM 875  C CA    . GLU A 1 120 ? -11.972 -5.608  -15.037 1.00 62.85  ? 120 GLU A CA    1 
ATOM 876  C C     . GLU A 1 120 ? -12.334 -4.188  -15.444 1.00 62.85  ? 120 GLU A C     1 
ATOM 877  O O     . GLU A 1 120 ? -12.551 -3.910  -16.627 1.00 62.85  ? 120 GLU A O     1 
ATOM 878  C CB    . GLU A 1 120 ? -13.239 -6.455  -14.808 1.00 62.85  ? 120 GLU A CB    1 
ATOM 879  C CG    . GLU A 1 120 ? -13.041 -7.995  -14.864 1.00 62.85  ? 120 GLU A CG    1 
ATOM 880  C CD    . GLU A 1 120 ? -14.277 -8.817  -14.423 1.00 62.85  ? 120 GLU A CD    1 
ATOM 881  O OE1   . GLU A 1 120 ? -14.638 -8.784  -13.227 1.00 62.85  ? 120 GLU A OE1   1 
ATOM 882  O OE2   . GLU A 1 120 ? -14.879 -9.516  -15.267 1.00 62.85  ? 120 GLU A OE2   1 
ATOM 883  N N     . ALA A 1 121 ? -12.379 -3.272  -14.479 1.00 57.51  ? 121 ALA A N     1 
ATOM 884  C CA    . ALA A 1 121 ? -12.819 -1.904  -14.704 1.00 57.51  ? 121 ALA A CA    1 
ATOM 885  C C     . ALA A 1 121 ? -11.889 -0.924  -14.018 1.00 57.51  ? 121 ALA A C     1 
ATOM 886  O O     . ALA A 1 121 ? -12.327 0.056   -13.412 1.00 57.51  ? 121 ALA A O     1 
ATOM 887  C CB    . ALA A 1 121 ? -14.256 -1.703  -14.229 1.00 57.51  ? 121 ALA A CB    1 
ATOM 888  N N     . ASN A 1 122 ? -10.588 -1.175  -14.097 1.00 59.82  ? 122 ASN A N     1 
ATOM 889  C CA    . ASN A 1 122 ? -9.593  -0.202  -13.676 1.00 59.82  ? 122 ASN A CA    1 
ATOM 890  C C     . ASN A 1 122 ? -8.581  0.072   -14.772 1.00 59.82  ? 122 ASN A C     1 
ATOM 891  O O     . ASN A 1 122 ? -7.604  0.786   -14.537 1.00 59.82  ? 122 ASN A O     1 
ATOM 892  C CB    . ASN A 1 122 ? -8.878  -0.669  -12.413 1.00 59.82  ? 122 ASN A CB    1 
ATOM 893  C CG    . ASN A 1 122 ? -8.324  0.473   -11.615 1.00 59.82  ? 122 ASN A CG    1 
ATOM 894  O OD1   . ASN A 1 122 ? -8.666  1.627   -11.851 1.00 59.82  ? 122 ASN A OD1   1 
ATOM 895  N ND2   . ASN A 1 122 ? -7.461  0.164   -10.659 1.00 59.82  ? 122 ASN A ND2   1 
ATOM 896  N N     . GLY A 1 123 ? -8.787  -0.486  -15.958 1.00 63.02  ? 123 GLY A N     1 
ATOM 897  C CA    . GLY A 1 123 ? -7.942  -0.194  -17.089 1.00 63.02  ? 123 GLY A CA    1 
ATOM 898  C C     . GLY A 1 123 ? -6.789  -1.140  -17.287 1.00 63.02  ? 123 GLY A C     1 
ATOM 899  O O     . GLY A 1 123 ? -5.790  -0.750  -17.898 1.00 63.02  ? 123 GLY A O     1 
ATOM 900  N N     . PHE A 1 124 ? -6.888  -2.366  -16.800 1.00 62.71  ? 124 PHE A N     1 
ATOM 901  C CA    . PHE A 1 124 ? -5.818  -3.338  -16.937 1.00 62.71  ? 124 PHE A CA    1 
ATOM 902  C C     . PHE A 1 124 ? -6.193  -4.358  -17.996 1.00 62.71  ? 124 PHE A C     1 
ATOM 903  O O     . PHE A 1 124 ? -7.316  -4.867  -18.003 1.00 62.71  ? 124 PHE A O     1 
ATOM 904  C CB    . PHE A 1 124 ? -5.545  -4.028  -15.609 1.00 62.71  ? 124 PHE A CB    1 
ATOM 905  C CG    . PHE A 1 124 ? -4.703  -3.227  -14.677 1.00 62.71  ? 124 PHE A CG    1 
ATOM 906  C CD1   . PHE A 1 124 ? -3.346  -3.415  -14.628 1.00 62.71  ? 124 PHE A CD1   1 
ATOM 907  C CD2   . PHE A 1 124 ? -5.267  -2.290  -13.849 1.00 62.71  ? 124 PHE A CD2   1 
ATOM 908  C CE1   . PHE A 1 124 ? -2.569  -2.685  -13.773 1.00 62.71  ? 124 PHE A CE1   1 
ATOM 909  C CE2   . PHE A 1 124 ? -4.492  -1.561  -12.997 1.00 62.71  ? 124 PHE A CE2   1 
ATOM 910  C CZ    . PHE A 1 124 ? -3.142  -1.758  -12.960 1.00 62.71  ? 124 PHE A CZ    1 
ATOM 911  N N     . LYS A 1 125 ? -5.263  -4.641  -18.891 1.00 66.64  ? 125 LYS A N     1 
ATOM 912  C CA    . LYS A 1 125 ? -5.493  -5.681  -19.874 1.00 66.64  ? 125 LYS A CA    1 
ATOM 913  C C     . LYS A 1 125 ? -5.432  -7.044  -19.194 1.00 66.64  ? 125 LYS A C     1 
ATOM 914  O O     . LYS A 1 125 ? -4.751  -7.198  -18.180 1.00 66.64  ? 125 LYS A O     1 
ATOM 915  C CB    . LYS A 1 125 ? -4.463  -5.586  -20.992 1.00 66.64  ? 125 LYS A CB    1 
ATOM 916  C CG    . LYS A 1 125 ? -4.279  -4.178  -21.513 1.00 66.64  ? 125 LYS A CG    1 
ATOM 917  C CD    . LYS A 1 125 ? -3.390  -4.142  -22.736 1.00 66.64  ? 125 LYS A CD    1 
ATOM 918  C CE    . LYS A 1 125 ? -4.088  -4.729  -23.942 1.00 66.64  ? 125 LYS A CE    1 
ATOM 919  N NZ    . LYS A 1 125 ? -3.258  -4.605  -25.170 1.00 66.64  ? 125 LYS A NZ    1 
ATOM 920  N N     . PRO A 1 126 ? -6.132  -8.035  -19.710 1.00 66.95  ? 126 PRO A N     1 
ATOM 921  C CA    . PRO A 1 126 ? -6.250  -9.305  -18.989 1.00 66.95  ? 126 PRO A CA    1 
ATOM 922  C C     . PRO A 1 126 ? -4.935  -10.009 -18.727 1.00 66.95  ? 126 PRO A C     1 
ATOM 923  O O     . PRO A 1 126 ? -4.841  -10.808 -17.795 1.00 66.95  ? 126 PRO A O     1 
ATOM 924  C CB    . PRO A 1 126 ? -7.137  -10.141 -19.914 1.00 66.95  ? 126 PRO A CB    1 
ATOM 925  C CG    . PRO A 1 126 ? -7.904  -9.151  -20.692 1.00 66.95  ? 126 PRO A CG    1 
ATOM 926  C CD    . PRO A 1 126 ? -6.968  -8.013  -20.918 1.00 66.95  ? 126 PRO A CD    1 
ATOM 927  N N     . THR A 1 127 ? -3.916  -9.739  -19.526 1.00 66.85  ? 127 THR A N     1 
ATOM 928  C CA    . THR A 1 127 ? -2.643  -10.431 -19.388 1.00 66.85  ? 127 THR A CA    1 
ATOM 929  C C     . THR A 1 127 ? -1.797  -9.892  -18.254 1.00 66.85  ? 127 THR A C     1 
ATOM 930  O O     . THR A 1 127 ? -1.013  -10.632 -17.667 1.00 66.85  ? 127 THR A O     1 
ATOM 931  C CB    . THR A 1 127 ? -1.844  -10.332 -20.685 1.00 66.85  ? 127 THR A CB    1 
ATOM 932  O OG1   . THR A 1 127 ? -1.141  -9.088  -20.707 1.00 66.85  ? 127 THR A OG1   1 
ATOM 933  C CG2   . THR A 1 127 ? -2.773  -10.397 -21.880 1.00 66.85  ? 127 THR A CG2   1 
ATOM 934  N N     . GLU A 1 128 ? -1.945  -8.616  -17.942 1.00 68.23  ? 128 GLU A N     1 
ATOM 935  C CA    . GLU A 1 128 ? -1.176  -7.941  -16.905 1.00 68.23  ? 128 GLU A CA    1 
ATOM 936  C C     . GLU A 1 128 ? -2.057  -7.588  -15.723 1.00 68.23  ? 128 GLU A C     1 
ATOM 937  O O     . GLU A 1 128 ? -1.950  -6.514  -15.144 1.00 68.23  ? 128 GLU A O     1 
ATOM 938  C CB    . GLU A 1 128 ? -0.522  -6.702  -17.489 1.00 68.23  ? 128 GLU A CB    1 
ATOM 939  C CG    . GLU A 1 128 ? -1.481  -5.844  -18.296 1.00 68.23  ? 128 GLU A CG    1 
ATOM 940  C CD    . GLU A 1 128 ? -0.783  -4.734  -19.055 1.00 68.23  ? 128 GLU A CD    1 
ATOM 941  O OE1   . GLU A 1 128 ? -1.482  -3.858  -19.606 1.00 68.23  ? 128 GLU A OE1   1 
ATOM 942  O OE2   . GLU A 1 128 ? 0.465   -4.737  -19.102 1.00 68.23  ? 128 GLU A OE2   1 
ATOM 943  N N     . LYS A 1 129 ? -2.954  -8.492  -15.361 1.00 68.68  ? 129 LYS A N     1 
ATOM 944  C CA    . LYS A 1 129 ? -3.985  -8.182  -14.386 1.00 68.68  ? 129 LYS A CA    1 
ATOM 945  C C     . LYS A 1 129 ? -3.559  -8.414  -12.947 1.00 68.68  ? 129 LYS A C     1 
ATOM 946  O O     . LYS A 1 129 ? -4.260  -7.969  -12.038 1.00 68.68  ? 129 LYS A O     1 
ATOM 947  C CB    . LYS A 1 129 ? -5.245  -9.000  -14.667 1.00 68.68  ? 129 LYS A CB    1 
ATOM 948  C CG    . LYS A 1 129 ? -5.114  -10.468 -14.358 1.00 68.68  ? 129 LYS A CG    1 
ATOM 949  C CD    . LYS A 1 129 ? -6.396  -11.198 -14.689 1.00 68.68  ? 129 LYS A CD    1 
ATOM 950  C CE    . LYS A 1 129 ? -6.139  -12.667 -14.933 1.00 68.68  ? 129 LYS A CE    1 
ATOM 951  N NZ    . LYS A 1 129 ? -7.334  -13.342 -15.497 1.00 68.68  ? 129 LYS A NZ    1 
ATOM 952  N N     . PHE A 1 130 ? -2.455  -9.101  -12.706 1.00 69.50  ? 130 PHE A N     1 
ATOM 953  C CA    . PHE A 1 130 ? -2.053  -9.387  -11.341 1.00 69.50  ? 130 PHE A CA    1 
ATOM 954  C C     . PHE A 1 130 ? -1.193  -8.293  -10.746 1.00 69.50  ? 130 PHE A C     1 
ATOM 955  O O     . PHE A 1 130 ? -0.686  -8.456  -9.636  1.00 69.50  ? 130 PHE A O     1 
ATOM 956  C CB    . PHE A 1 130 ? -1.337  -10.723 -11.275 1.00 69.50  ? 130 PHE A CB    1 
ATOM 957  C CG    . PHE A 1 130 ? -2.253  -11.883 -11.391 1.00 69.50  ? 130 PHE A CG    1 
ATOM 958  C CD1   . PHE A 1 130 ? -3.007  -12.288 -10.316 1.00 69.50  ? 130 PHE A CD1   1 
ATOM 959  C CD2   . PHE A 1 130 ? -2.376  -12.560 -12.578 1.00 69.50  ? 130 PHE A CD2   1 
ATOM 960  C CE1   . PHE A 1 130 ? -3.860  -13.355 -10.421 1.00 69.50  ? 130 PHE A CE1   1 
ATOM 961  C CE2   . PHE A 1 130 ? -3.225  -13.625 -12.691 1.00 69.50  ? 130 PHE A CE2   1 
ATOM 962  C CZ    . PHE A 1 130 ? -3.971  -14.023 -11.613 1.00 69.50  ? 130 PHE A CZ    1 
ATOM 963  N N     . ALA A 1 131 ? -1.014  -7.194  -11.455 1.00 66.95  ? 131 ALA A N     1 
ATOM 964  C CA    . ALA A 1 131 ? -0.395  -5.995  -10.923 1.00 66.95  ? 131 ALA A CA    1 
ATOM 965  C C     . ALA A 1 131 ? -1.427  -4.891  -10.869 1.00 66.95  ? 131 ALA A C     1 
ATOM 966  O O     . ALA A 1 131 ? -1.123  -3.701  -10.936 1.00 66.95  ? 131 ALA A O     1 
ATOM 967  C CB    . ALA A 1 131 ? 0.811   -5.578  -11.754 1.00 66.95  ? 131 ALA A CB    1 
ATOM 968  N N     . ALA A 1 132 ? -2.686  -5.292  -10.748 1.00 66.31  ? 132 ALA A N     1 
ATOM 969  C CA    . ALA A 1 132 ? -3.779  -4.336  -10.765 1.00 66.31  ? 132 ALA A CA    1 
ATOM 970  C C     . ALA A 1 132 ? -4.084  -3.781  -9.392  1.00 66.31  ? 132 ALA A C     1 
ATOM 971  O O     . ALA A 1 132 ? -5.218  -3.361  -9.151  1.00 66.31  ? 132 ALA A O     1 
ATOM 972  C CB    . ALA A 1 132 ? -5.036  -4.979  -11.344 1.00 66.31  ? 132 ALA A CB    1 
ATOM 973  N N     . PHE A 1 133 ? -3.117  -3.781  -8.489  1.00 70.76  ? 133 PHE A N     1 
ATOM 974  C CA    . PHE A 1 133 ? -3.307  -3.243  -7.160  1.00 70.76  ? 133 PHE A CA    1 
ATOM 975  C C     . PHE A 1 133 ? -2.284  -2.152  -6.932  1.00 70.76  ? 133 PHE A C     1 
ATOM 976  O O     . PHE A 1 133 ? -1.169  -2.197  -7.457  1.00 70.76  ? 133 PHE A O     1 
ATOM 977  C CB    . PHE A 1 133 ? -3.198  -4.334  -6.095  1.00 70.76  ? 133 PHE A CB    1 
ATOM 978  C CG    . PHE A 1 133 ? -1.886  -5.056  -6.081  1.00 70.76  ? 133 PHE A CG    1 
ATOM 979  C CD1   . PHE A 1 133 ? -1.493  -5.840  -7.137  1.00 70.76  ? 133 PHE A CD1   1 
ATOM 980  C CD2   . PHE A 1 133 ? -1.070  -4.986  -4.985  1.00 70.76  ? 133 PHE A CD2   1 
ATOM 981  C CE1   . PHE A 1 133 ? -0.301  -6.507  -7.106  1.00 70.76  ? 133 PHE A CE1   1 
ATOM 982  C CE2   . PHE A 1 133 ? 0.120   -5.651  -4.952  1.00 70.76  ? 133 PHE A CE2   1 
ATOM 983  C CZ    . PHE A 1 133 ? 0.504   -6.411  -6.011  1.00 70.76  ? 133 PHE A CZ    1 
ATOM 984  N N     . ASP A 1 134 ? -2.662  -1.162  -6.140  1.00 75.26  ? 134 ASP A N     1 
ATOM 985  C CA    . ASP A 1 134 ? -1.716  -0.156  -5.702  1.00 75.26  ? 134 ASP A CA    1 
ATOM 986  C C     . ASP A 1 134 ? -0.716  -0.831  -4.774  1.00 75.26  ? 134 ASP A C     1 
ATOM 987  O O     . ASP A 1 134 ? -0.750  -2.047  -4.585  1.00 75.26  ? 134 ASP A O     1 
ATOM 988  C CB    . ASP A 1 134 ? -2.444  1.006   -5.046  1.00 75.26  ? 134 ASP A CB    1 
ATOM 989  C CG    . ASP A 1 134 ? -3.502  0.549   -4.076  1.00 75.26  ? 134 ASP A CG    1 
ATOM 990  O OD1   . ASP A 1 134 ? -4.047  -0.558  -4.273  1.00 75.26  ? 134 ASP A OD1   1 
ATOM 991  O OD2   . ASP A 1 134 ? -3.797  1.296   -3.122  1.00 75.26  ? 134 ASP A OD2   1 
ATOM 992  N N     . PHE A 1 135 ? 0.224   -0.065  -4.240  1.00 75.28  ? 135 PHE A N     1 
ATOM 993  C CA    . PHE A 1 135 ? 1.304   -0.592  -3.415  1.00 75.28  ? 135 PHE A CA    1 
ATOM 994  C C     . PHE A 1 135 ? 1.995   -1.780  -4.075  1.00 75.28  ? 135 PHE A C     1 
ATOM 995  O O     . PHE A 1 135 ? 2.682   -2.557  -3.406  1.00 75.28  ? 135 PHE A O     1 
ATOM 996  C CB    . PHE A 1 135 ? 0.813   -0.932  -1.995  1.00 75.28  ? 135 PHE A CB    1 
ATOM 997  C CG    . PHE A 1 135 ? -0.128  -2.105  -1.899  1.00 75.28  ? 135 PHE A CG    1 
ATOM 998  C CD1   . PHE A 1 135 ? -1.488  -1.906  -1.791  1.00 75.28  ? 135 PHE A CD1   1 
ATOM 999  C CD2   . PHE A 1 135 ? 0.347   -3.395  -1.839  1.00 75.28  ? 135 PHE A CD2   1 
ATOM 1000 C CE1   . PHE A 1 135 ? -2.344  -2.970  -1.683  1.00 75.28  ? 135 PHE A CE1   1 
ATOM 1001 C CE2   . PHE A 1 135 ? -0.509  -4.455  -1.724  1.00 75.28  ? 135 PHE A CE2   1 
ATOM 1002 C CZ    . PHE A 1 135 ? -1.852  -4.244  -1.648  1.00 75.28  ? 135 PHE A CZ    1 
ATOM 1003 N N     . PHE A 1 136 ? 1.849   -1.912  -5.391  1.00 71.48  ? 136 PHE A N     1 
ATOM 1004 C CA    . PHE A 1 136 ? 2.567   -2.929  -6.139  1.00 71.48  ? 136 PHE A CA    1 
ATOM 1005 C C     . PHE A 1 136 ? 4.064   -2.703  -6.109  1.00 71.48  ? 136 PHE A C     1 
ATOM 1006 O O     . PHE A 1 136 ? 4.826   -3.634  -6.378  1.00 71.48  ? 136 PHE A O     1 
ATOM 1007 C CB    . PHE A 1 136 ? 2.064   -2.962  -7.580  1.00 71.48  ? 136 PHE A CB    1 
ATOM 1008 C CG    . PHE A 1 136 ? 2.932   -3.739  -8.512  1.00 71.48  ? 136 PHE A CG    1 
ATOM 1009 C CD1   . PHE A 1 136 ? 2.894   -5.110  -8.532  1.00 71.48  ? 136 PHE A CD1   1 
ATOM 1010 C CD2   . PHE A 1 136 ? 3.773   -3.093  -9.384  1.00 71.48  ? 136 PHE A CD2   1 
ATOM 1011 C CE1   . PHE A 1 136 ? 3.687   -5.818  -9.393  1.00 71.48  ? 136 PHE A CE1   1 
ATOM 1012 C CE2   . PHE A 1 136 ? 4.563   -3.798  -10.245 1.00 71.48  ? 136 PHE A CE2   1 
ATOM 1013 C CZ    . PHE A 1 136 ? 4.521   -5.161  -10.248 1.00 71.48  ? 136 PHE A CZ    1 
ATOM 1014 N N     . ASP A 1 137 ? 4.503   -1.508  -5.755  1.00 76.12  ? 137 ASP A N     1 
ATOM 1015 C CA    . ASP A 1 137 ? 5.912   -1.218  -5.588  1.00 76.12  ? 137 ASP A CA    1 
ATOM 1016 C C     . ASP A 1 137 ? 6.479   -1.802  -4.315  1.00 76.12  ? 137 ASP A C     1 
ATOM 1017 O O     . ASP A 1 137 ? 7.575   -1.423  -3.904  1.00 76.12  ? 137 ASP A O     1 
ATOM 1018 C CB    . ASP A 1 137 ? 6.141   0.292   -5.623  1.00 76.12  ? 137 ASP A CB    1 
ATOM 1019 C CG    . ASP A 1 137 ? 5.081   1.055   -4.869  1.00 76.12  ? 137 ASP A CG    1 
ATOM 1020 O OD1   . ASP A 1 137 ? 5.438   1.877   -4.000  1.00 76.12  ? 137 ASP A OD1   1 
ATOM 1021 O OD2   . ASP A 1 137 ? 3.885   0.835   -5.150  1.00 76.12  ? 137 ASP A OD2   1 
ATOM 1022 N N     . GLY A 1 138 ? 5.756   -2.705  -3.673  1.00 75.85  ? 138 GLY A N     1 
ATOM 1023 C CA    . GLY A 1 138 ? 6.246   -3.391  -2.508  1.00 75.85  ? 138 GLY A CA    1 
ATOM 1024 C C     . GLY A 1 138 ? 7.097   -4.596  -2.806  1.00 75.85  ? 138 GLY A C     1 
ATOM 1025 O O     . GLY A 1 138 ? 7.833   -5.049  -1.927  1.00 75.85  ? 138 GLY A O     1 
ATOM 1026 N N     . VAL A 1 139 ? 7.026   -5.133  -4.021  1.00 74.00  ? 139 VAL A N     1 
ATOM 1027 C CA    . VAL A 1 139 ? 7.943   -6.182  -4.438  1.00 74.00  ? 139 VAL A CA    1 
ATOM 1028 C C     . VAL A 1 139 ? 9.227   -5.622  -5.039  1.00 74.00  ? 139 VAL A C     1 
ATOM 1029 O O     . VAL A 1 139 ? 10.215  -6.360  -5.160  1.00 74.00  ? 139 VAL A O     1 
ATOM 1030 C CB    . VAL A 1 139 ? 7.256   -7.130  -5.437  1.00 74.00  ? 139 VAL A CB    1 
ATOM 1031 C CG1   . VAL A 1 139 ? 5.850   -7.407  -4.982  1.00 74.00  ? 139 VAL A CG1   1 
ATOM 1032 C CG2   . VAL A 1 139 ? 7.251   -6.517  -6.821  1.00 74.00  ? 139 VAL A CG2   1 
ATOM 1033 N N     . GLU A 1 140 ? 9.253   -4.339  -5.403  1.00 77.17  ? 140 GLU A N     1 
ATOM 1034 C CA    . GLU A 1 140 ? 10.465  -3.671  -5.867  1.00 77.17  ? 140 GLU A CA    1 
ATOM 1035 C C     . GLU A 1 140 ? 11.287  -3.266  -4.651  1.00 77.17  ? 140 GLU A C     1 
ATOM 1036 O O     . GLU A 1 140 ? 12.166  -2.404  -4.743  1.00 77.17  ? 140 GLU A O     1 
ATOM 1037 C CB    . GLU A 1 140 ? 10.126  -2.440  -6.735  1.00 77.17  ? 140 GLU A CB    1 
ATOM 1038 C CG    . GLU A 1 140 ? 11.232  -1.970  -7.725  1.00 77.17  ? 140 GLU A CG    1 
ATOM 1039 C CD    . GLU A 1 140 ? 11.017  -0.550  -8.289  1.00 77.17  ? 140 GLU A CD    1 
ATOM 1040 O OE1   . GLU A 1 140 ? 11.973  0.256   -8.282  1.00 77.17  ? 140 GLU A OE1   1 
ATOM 1041 O OE2   . GLU A 1 140 ? 9.901   -0.246  -8.746  1.00 77.17  ? 140 GLU A OE2   1 
ATOM 1042 N N     . ASN A 1 141 ? 11.007  -3.887  -3.503  1.00 79.22  ? 141 ASN A N     1 
ATOM 1043 C CA    . ASN A 1 141 ? 11.588  -3.428  -2.252  1.00 79.22  ? 141 ASN A CA    1 
ATOM 1044 C C     . ASN A 1 141 ? 12.149  -4.583  -1.443  1.00 79.22  ? 141 ASN A C     1 
ATOM 1045 O O     . ASN A 1 141 ? 11.390  -5.406  -0.924  1.00 79.22  ? 141 ASN A O     1 
ATOM 1046 C CB    . ASN A 1 141 ? 10.543  -2.677  -1.434  1.00 79.22  ? 141 ASN A CB    1 
ATOM 1047 C CG    . ASN A 1 141 ? 11.063  -1.373  -0.900  1.00 79.22  ? 141 ASN A CG    1 
ATOM 1048 O OD1   . ASN A 1 141 ? 12.140  -1.317  -0.313  1.00 79.22  ? 141 ASN A OD1   1 
ATOM 1049 N ND2   . ASN A 1 141 ? 10.308  -0.306  -1.112  1.00 79.22  ? 141 ASN A ND2   1 
ATOM 1050 N N     . PRO A 1 142 ? 13.472  -4.680  -1.311  1.00 77.89  ? 142 PRO A N     1 
ATOM 1051 C CA    . PRO A 1 142 ? 14.058  -5.694  -0.435  1.00 77.89  ? 142 PRO A CA    1 
ATOM 1052 C C     . PRO A 1 142 ? 13.920  -5.384  1.039   1.00 77.89  ? 142 PRO A C     1 
ATOM 1053 O O     . PRO A 1 142 ? 14.462  -6.128  1.861   1.00 77.89  ? 142 PRO A O     1 
ATOM 1054 C CB    . PRO A 1 142 ? 15.534  -5.694  -0.848  1.00 77.89  ? 142 PRO A CB    1 
ATOM 1055 C CG    . PRO A 1 142 ? 15.578  -4.996  -2.159  1.00 77.89  ? 142 PRO A CG    1 
ATOM 1056 C CD    . PRO A 1 142 ? 14.494  -3.988  -2.100  1.00 77.89  ? 142 PRO A CD    1 
ATOM 1057 N N     . ALA A 1 143 ? 13.221  -4.314  1.400   1.00 78.84  ? 143 ALA A N     1 
ATOM 1058 C CA    . ALA A 1 143 ? 13.027  -3.988  2.802   1.00 78.84  ? 143 ALA A CA    1 
ATOM 1059 C C     . ALA A 1 143 ? 11.736  -4.568  3.354   1.00 78.84  ? 143 ALA A C     1 
ATOM 1060 O O     . ALA A 1 143 ? 11.630  -4.802  4.560   1.00 78.84  ? 143 ALA A O     1 
ATOM 1061 C CB    . ALA A 1 143 ? 13.043  -2.472  2.997   1.00 78.84  ? 143 ALA A CB    1 
ATOM 1062 N N     . ALA A 1 144 ? 10.752  -4.809  2.496   1.00 82.20  ? 144 ALA A N     1 
ATOM 1063 C CA    . ALA A 1 144 ? 9.487   -5.358  2.953   1.00 82.20  ? 144 ALA A CA    1 
ATOM 1064 C C     . ALA A 1 144 ? 9.663   -6.795  3.425   1.00 82.20  ? 144 ALA A C     1 
ATOM 1065 O O     . ALA A 1 144 ? 10.692  -7.430  3.187   1.00 82.20  ? 144 ALA A O     1 
ATOM 1066 C CB    . ALA A 1 144 ? 8.448   -5.291  1.837   1.00 82.20  ? 144 ALA A CB    1 
ATOM 1067 N N     . MET A 1 145 ? 8.644   -7.302  4.111   1.00 85.86  ? 145 MET A N     1 
ATOM 1068 C CA    . MET A 1 145 ? 8.704   -8.650  4.652   1.00 85.86  ? 145 MET A CA    1 
ATOM 1069 C C     . MET A 1 145 ? 8.757   -9.664  3.523   1.00 85.86  ? 145 MET A C     1 
ATOM 1070 O O     . MET A 1 145 ? 7.845   -9.740  2.696   1.00 85.86  ? 145 MET A O     1 
ATOM 1071 C CB    . MET A 1 145 ? 7.497   -8.913  5.546   1.00 85.86  ? 145 MET A CB    1 
ATOM 1072 C CG    . MET A 1 145 ? 7.501   -10.278 6.197   1.00 85.86  ? 145 MET A CG    1 
ATOM 1073 S SD    . MET A 1 145 ? 6.324   -10.402 7.553   1.00 85.86  ? 145 MET A SD    1 
ATOM 1074 C CE    . MET A 1 145 ? 6.752   -12.005 8.229   1.00 85.86  ? 145 MET A CE    1 
ATOM 1075 N N     . GLN A 1 146 ? 9.761   -10.404 3.496   1.00 83.73  ? 146 GLN A N     1 
ATOM 1076 C CA    . GLN A 1 146 ? 9.888   -11.276 2.345   1.00 83.73  ? 146 GLN A CA    1 
ATOM 1077 C C     . GLN A 1 146 ? 9.333   -12.659 2.656   1.00 83.73  ? 146 GLN A C     1 
ATOM 1078 O O     . GLN A 1 146 ? 9.385   -13.113 3.800   1.00 83.73  ? 146 GLN A O     1 
ATOM 1079 C CB    . GLN A 1 146 ? 11.348  -11.393 1.934   1.00 83.73  ? 146 GLN A CB    1 
ATOM 1080 C CG    . GLN A 1 146 ? 11.931  -10.112 1.392   1.00 83.73  ? 146 GLN A CG    1 
ATOM 1081 C CD    . GLN A 1 146 ? 11.248  -9.666  0.128   1.00 83.73  ? 146 GLN A CD    1 
ATOM 1082 O OE1   . GLN A 1 146 ? 10.969  -8.483  -0.056  1.00 83.73  ? 146 GLN A OE1   1 
ATOM 1083 N NE2   . GLN A 1 146 ? 10.970  -10.614 -0.756  1.00 83.73  ? 146 GLN A NE2   1 
ATOM 1084 N N     . PRO A 1 147 ? 8.793   -13.346 1.658   1.00 81.04  ? 147 PRO A N     1 
ATOM 1085 C CA    . PRO A 1 147 ? 8.276   -14.686 1.879   1.00 81.04  ? 147 PRO A CA    1 
ATOM 1086 C C     . PRO A 1 147 ? 9.407   -15.651 2.172   1.00 81.04  ? 147 PRO A C     1 
ATOM 1087 O O     . PRO A 1 147 ? 10.570  -15.366 1.852   1.00 81.04  ? 147 PRO A O     1 
ATOM 1088 C CB    . PRO A 1 147 ? 7.590   -15.022 0.550   1.00 81.04  ? 147 PRO A CB    1 
ATOM 1089 C CG    . PRO A 1 147 ? 8.276   -14.187 -0.438  1.00 81.04  ? 147 PRO A CG    1 
ATOM 1090 C CD    . PRO A 1 147 ? 8.634   -12.920 0.262   1.00 81.04  ? 147 PRO A CD    1 
ATOM 1091 N N     . PRO A 1 148 ? 9.112   -16.781 2.802   1.00 82.37  ? 148 PRO A N     1 
ATOM 1092 C CA    . PRO A 1 148 ? 10.164  -17.755 3.109   1.00 82.37  ? 148 PRO A CA    1 
ATOM 1093 C C     . PRO A 1 148 ? 11.001  -18.149 1.905   1.00 82.37  ? 148 PRO A C     1 
ATOM 1094 O O     . PRO A 1 148 ? 12.221  -17.968 1.906   1.00 82.37  ? 148 PRO A O     1 
ATOM 1095 C CB    . PRO A 1 148 ? 9.383   -18.959 3.645   1.00 82.37  ? 148 PRO A CB    1 
ATOM 1096 C CG    . PRO A 1 148 ? 8.060   -18.436 4.060   1.00 82.37  ? 148 PRO A CG    1 
ATOM 1097 C CD    . PRO A 1 148 ? 7.863   -17.057 3.524   1.00 82.37  ? 148 PRO A CD    1 
ATOM 1098 N N     . GLY A 1 149 ? 10.359  -18.679 0.871   1.00 83.35  ? 149 GLY A N     1 
ATOM 1099 C CA    . GLY A 1 149 ? 11.090  -19.225 -0.255  1.00 83.35  ? 149 GLY A CA    1 
ATOM 1100 C C     . GLY A 1 149 ? 11.239  -18.274 -1.419  1.00 83.35  ? 149 GLY A C     1 
ATOM 1101 O O     . GLY A 1 149 ? 11.364  -18.706 -2.567  1.00 83.35  ? 149 GLY A O     1 
ATOM 1102 N N     . GLY A 1 150 ? 11.231  -16.981 -1.144  1.00 80.10  ? 150 GLY A N     1 
ATOM 1103 C CA    . GLY A 1 150 ? 11.298  -15.998 -2.203  1.00 80.10  ? 150 GLY A CA    1 
ATOM 1104 C C     . GLY A 1 150 ? 9.984   -15.882 -2.939  1.00 80.10  ? 150 GLY A C     1 
ATOM 1105 O O     . GLY A 1 150 ? 9.004   -16.577 -2.660  1.00 80.10  ? 150 GLY A O     1 
ATOM 1106 N N     . LEU A 1 151 ? 9.962   -14.975 -3.905  1.00 72.76  ? 151 LEU A N     1 
ATOM 1107 C CA    . LEU A 1 151 ? 8.751   -14.765 -4.673  1.00 72.76  ? 151 LEU A CA    1 
ATOM 1108 C C     . LEU A 1 151 ? 8.485   -15.957 -5.581  1.00 72.76  ? 151 LEU A C     1 
ATOM 1109 O O     . LEU A 1 151 ? 9.400   -16.653 -6.020  1.00 72.76  ? 151 LEU A O     1 
ATOM 1110 C CB    . LEU A 1 151 ? 8.852   -13.488 -5.492  1.00 72.76  ? 151 LEU A CB    1 
ATOM 1111 C CG    . LEU A 1 151 ? 9.103   -12.231 -4.669  1.00 72.76  ? 151 LEU A CG    1 
ATOM 1112 C CD1   . LEU A 1 151 ? 9.106   -11.011 -5.565  1.00 72.76  ? 151 LEU A CD1   1 
ATOM 1113 C CD2   . LEU A 1 151 ? 8.056   -12.099 -3.584  1.00 72.76  ? 151 LEU A CD2   1 
ATOM 1114 N N     . VAL A 1 152 ? 7.204   -16.192 -5.851  1.00 70.71  ? 152 VAL A N     1 
ATOM 1115 C CA    . VAL A 1 152 ? 6.816   -17.290 -6.729  1.00 70.71  ? 152 VAL A CA    1 
ATOM 1116 C C     . VAL A 1 152 ? 7.359   -17.056 -8.131  1.00 70.71  ? 152 VAL A C     1 
ATOM 1117 O O     . VAL A 1 152 ? 8.030   -17.917 -8.711  1.00 70.71  ? 152 VAL A O     1 
ATOM 1118 C CB    . VAL A 1 152 ? 5.291   -17.462 -6.734  1.00 70.71  ? 152 VAL A CB    1 
ATOM 1119 C CG1   . VAL A 1 152 ? 4.612   -16.113 -6.762  1.00 70.71  ? 152 VAL A CG1   1 
ATOM 1120 C CG2   . VAL A 1 152 ? 4.861   -18.299 -7.920  1.00 70.71  ? 152 VAL A CG2   1 
ATOM 1121 N N     . ARG A 1 153 ? 7.079   -15.890 -8.694  1.00 70.36  ? 153 ARG A N     1 
ATOM 1122 C CA    . ARG A 1 153 ? 7.660   -15.478 -9.957  1.00 70.36  ? 153 ARG A CA    1 
ATOM 1123 C C     . ARG A 1 153 ? 7.825   -13.973 -9.937  1.00 70.36  ? 153 ARG A C     1 
ATOM 1124 O O     . ARG A 1 153 ? 6.994   -13.251 -9.388  1.00 70.36  ? 153 ARG A O     1 
ATOM 1125 C CB    . ARG A 1 153 ? 6.805   -15.897 -11.147 1.00 70.36  ? 153 ARG A CB    1 
ATOM 1126 C CG    . ARG A 1 153 ? 5.459   -15.228 -11.197 1.00 70.36  ? 153 ARG A CG    1 
ATOM 1127 C CD    . ARG A 1 153 ? 4.783   -15.463 -12.524 1.00 70.36  ? 153 ARG A CD    1 
ATOM 1128 N NE    . ARG A 1 153 ? 3.478   -14.824 -12.580 1.00 70.36  ? 153 ARG A NE    1 
ATOM 1129 C CZ    . ARG A 1 153 ? 3.289   -13.559 -12.922 1.00 70.36  ? 153 ARG A CZ    1 
ATOM 1130 N NH1   . ARG A 1 153 ? 4.326   -12.798 -13.235 1.00 70.36  ? 153 ARG A NH1   1 
ATOM 1131 N NH2   . ARG A 1 153 ? 2.068   -13.052 -12.949 1.00 70.36  ? 153 ARG A NH2   1 
ATOM 1132 N N     . THR A 1 154 ? 8.918   -13.507 -10.521 1.00 71.84  ? 154 THR A N     1 
ATOM 1133 C CA    . THR A 1 154 ? 9.169   -12.087 -10.561 1.00 71.84  ? 154 THR A CA    1 
ATOM 1134 C C     . THR A 1 154 ? 8.127   -11.409 -11.436 1.00 71.84  ? 154 THR A C     1 
ATOM 1135 O O     . THR A 1 154 ? 7.637   -11.997 -12.400 1.00 71.84  ? 154 THR A O     1 
ATOM 1136 C CB    . THR A 1 154 ? 10.568  -11.808 -11.097 1.00 71.84  ? 154 THR A CB    1 
ATOM 1137 O OG1   . THR A 1 154 ? 10.581  -11.985 -12.519 1.00 71.84  ? 154 THR A OG1   1 
ATOM 1138 C CG2   . THR A 1 154 ? 11.579  -12.754 -10.464 1.00 71.84  ? 154 THR A CG2   1 
ATOM 1139 N N     . PRO A 1 155 ? 7.752   -10.183 -11.103 1.00 69.60  ? 155 PRO A N     1 
ATOM 1140 C CA    . PRO A 1 155 ? 6.813   -9.450  -11.951 1.00 69.60  ? 155 PRO A CA    1 
ATOM 1141 C C     . PRO A 1 155 ? 7.394   -9.240  -13.336 1.00 69.60  ? 155 PRO A C     1 
ATOM 1142 O O     . PRO A 1 155 ? 8.579   -8.951  -13.495 1.00 69.60  ? 155 PRO A O     1 
ATOM 1143 C CB    . PRO A 1 155 ? 6.632   -8.126  -11.207 1.00 69.60  ? 155 PRO A CB    1 
ATOM 1144 C CG    . PRO A 1 155 ? 7.086   -8.393  -9.839  1.00 69.60  ? 155 PRO A CG    1 
ATOM 1145 C CD    . PRO A 1 155 ? 8.169   -9.390  -9.945  1.00 69.60  ? 155 PRO A CD    1 
ATOM 1146 N N     . SER A 1 156 ? 6.555   -9.396  -14.347 1.00 67.64  ? 156 SER A N     1 
ATOM 1147 C CA    . SER A 1 156 ? 7.011   -9.220  -15.710 1.00 67.64  ? 156 SER A CA    1 
ATOM 1148 C C     . SER A 1 156 ? 7.123   -7.742  -16.029 1.00 67.64  ? 156 SER A C     1 
ATOM 1149 O O     . SER A 1 156 ? 6.613   -6.882  -15.310 1.00 67.64  ? 156 SER A O     1 
ATOM 1150 C CB    . SER A 1 156 ? 6.062   -9.901  -16.688 1.00 67.64  ? 156 SER A CB    1 
ATOM 1151 O OG    . SER A 1 156 ? 5.130   -8.975  -17.206 1.00 67.64  ? 156 SER A OG    1 
ATOM 1152 N N     . GLN A 1 157 ? 7.809   -7.447  -17.128 1.00 66.94  ? 157 GLN A N     1 
ATOM 1153 C CA    . GLN A 1 157 ? 7.977   -6.059  -17.524 1.00 66.94  ? 157 GLN A CA    1 
ATOM 1154 C C     . GLN A 1 157 ? 6.655   -5.439  -17.940 1.00 66.94  ? 157 GLN A C     1 
ATOM 1155 O O     . GLN A 1 157 ? 6.418   -4.253  -17.684 1.00 66.94  ? 157 GLN A O     1 
ATOM 1156 C CB    . GLN A 1 157 ? 8.992   -5.963  -18.654 1.00 66.94  ? 157 GLN A CB    1 
ATOM 1157 C CG    . GLN A 1 157 ? 9.529   -4.578  -18.868 1.00 66.94  ? 157 GLN A CG    1 
ATOM 1158 C CD    . GLN A 1 157 ? 10.366  -4.109  -17.712 1.00 66.94  ? 157 GLN A CD    1 
ATOM 1159 O OE1   . GLN A 1 157 ? 10.898  -4.915  -16.950 1.00 66.94  ? 157 GLN A OE1   1 
ATOM 1160 N NE2   . GLN A 1 157 ? 10.487  -2.799  -17.565 1.00 66.94  ? 157 GLN A NE2   1 
ATOM 1161 N N     . ALA A 1 158 ? 5.789   -6.220  -18.579 1.00 64.50  ? 158 ALA A N     1 
ATOM 1162 C CA    . ALA A 1 158 ? 4.472   -5.719  -18.944 1.00 64.50  ? 158 ALA A CA    1 
ATOM 1163 C C     . ALA A 1 158 ? 3.707   -5.282  -17.709 1.00 64.50  ? 158 ALA A C     1 
ATOM 1164 O O     . ALA A 1 158 ? 3.059   -4.231  -17.698 1.00 64.50  ? 158 ALA A O     1 
ATOM 1165 C CB    . ALA A 1 158 ? 3.701   -6.790  -19.710 1.00 64.50  ? 158 ALA A CB    1 
ATOM 1166 N N     . GLU A 1 159 ? 3.787   -6.078  -16.648 1.00 67.36  ? 159 GLU A N     1 
ATOM 1167 C CA    . GLU A 1 159 ? 3.064   -5.771  -15.425 1.00 67.36  ? 159 GLU A CA    1 
ATOM 1168 C C     . GLU A 1 159 ? 3.557   -4.474  -14.811 1.00 67.36  ? 159 GLU A C     1 
ATOM 1169 O O     . GLU A 1 159 ? 2.765   -3.657  -14.332 1.00 67.36  ? 159 GLU A O     1 
ATOM 1170 C CB    . GLU A 1 159 ? 3.216   -6.920  -14.434 1.00 67.36  ? 159 GLU A CB    1 
ATOM 1171 C CG    . GLU A 1 159 ? 2.942   -8.283  -15.025 1.00 67.36  ? 159 GLU A CG    1 
ATOM 1172 C CD    . GLU A 1 159 ? 2.513   -9.291  -13.985 1.00 67.36  ? 159 GLU A CD    1 
ATOM 1173 O OE1   . GLU A 1 159 ? 2.222   -8.880  -12.842 1.00 67.36  ? 159 GLU A OE1   1 
ATOM 1174 O OE2   . GLU A 1 159 ? 2.470   -10.497 -14.307 1.00 67.36  ? 159 GLU A OE2   1 
ATOM 1175 N N     . ARG A 1 160 ? 4.870   -4.270  -14.809 1.00 65.63  ? 160 ARG A N     1 
ATOM 1176 C CA    . ARG A 1 160 ? 5.411   -3.036  -14.260 1.00 65.63  ? 160 ARG A CA    1 
ATOM 1177 C C     . ARG A 1 160 ? 5.014   -1.831  -15.091 1.00 65.63  ? 160 ARG A C     1 
ATOM 1178 O O     . ARG A 1 160 ? 4.622   -0.802  -14.530 1.00 65.63  ? 160 ARG A O     1 
ATOM 1179 C CB    . ARG A 1 160 ? 6.926   -3.123  -14.165 1.00 65.63  ? 160 ARG A CB    1 
ATOM 1180 C CG    . ARG A 1 160 ? 7.422   -4.072  -13.109 1.00 65.63  ? 160 ARG A CG    1 
ATOM 1181 C CD    . ARG A 1 160 ? 8.909   -3.934  -12.918 1.00 65.63  ? 160 ARG A CD    1 
ATOM 1182 N NE    . ARG A 1 160 ? 9.631   -4.965  -13.643 1.00 65.63  ? 160 ARG A NE    1 
ATOM 1183 C CZ    . ARG A 1 160 ? 10.350  -5.914  -13.061 1.00 65.63  ? 160 ARG A CZ    1 
ATOM 1184 N NH1   . ARG A 1 160 ? 10.981  -6.816  -13.797 1.00 65.63  ? 160 ARG A NH1   1 
ATOM 1185 N NH2   . ARG A 1 160 ? 10.432  -5.965  -11.742 1.00 65.63  ? 160 ARG A NH2   1 
ATOM 1186 N N     . ILE A 1 161 ? 5.125   -1.923  -16.416 1.00 61.98  ? 161 ILE A N     1 
ATOM 1187 C CA    . ILE A 1 161 ? 4.711   -0.804  -17.253 1.00 61.98  ? 161 ILE A CA    1 
ATOM 1188 C C     . ILE A 1 161 ? 3.247   -0.490  -17.013 1.00 61.98  ? 161 ILE A C     1 
ATOM 1189 O O     . ILE A 1 161 ? 2.847   0.678   -16.960 1.00 61.98  ? 161 ILE A O     1 
ATOM 1190 C CB    . ILE A 1 161 ? 4.987   -1.099  -18.737 1.00 61.98  ? 161 ILE A CB    1 
ATOM 1191 C CG1   . ILE A 1 161 ? 6.477   -1.302  -18.978 1.00 61.98  ? 161 ILE A CG1   1 
ATOM 1192 C CG2   . ILE A 1 161 ? 4.489   0.032   -19.604 1.00 61.98  ? 161 ILE A CG2   1 
ATOM 1193 C CD1   . ILE A 1 161 ? 7.270   -0.020  -19.019 1.00 61.98  ? 161 ILE A CD1   1 
ATOM 1194 N N     . ALA A 1 162 ? 2.426   -1.521  -16.846 1.00 61.69  ? 162 ALA A N     1 
ATOM 1195 C CA    . ALA A 1 162 ? 1.018   -1.298  -16.572 1.00 61.69  ? 162 ALA A CA    1 
ATOM 1196 C C     . ALA A 1 162 ? 0.796   -0.609  -15.242 1.00 61.69  ? 162 ALA A C     1 
ATOM 1197 O O     . ALA A 1 162 ? 0.048   0.369   -15.185 1.00 61.69  ? 162 ALA A O     1 
ATOM 1198 C CB    . ALA A 1 162 ? 0.262   -2.621  -16.594 1.00 61.69  ? 162 ALA A CB    1 
ATOM 1199 N N     . ASN A 1 163 ? 1.422   -1.089  -14.176 1.00 62.15  ? 163 ASN A N     1 
ATOM 1200 C CA    . ASN A 1 163 ? 1.217   -0.466  -12.881 1.00 62.15  ? 163 ASN A CA    1 
ATOM 1201 C C     . ASN A 1 163 ? 1.715   0.963   -12.865 1.00 62.15  ? 163 ASN A C     1 
ATOM 1202 O O     . ASN A 1 163 ? 1.171   1.793   -12.136 1.00 62.15  ? 163 ASN A O     1 
ATOM 1203 C CB    . ASN A 1 163 ? 1.912   -1.266  -11.791 1.00 62.15  ? 163 ASN A CB    1 
ATOM 1204 C CG    . ASN A 1 163 ? 1.744   -0.647  -10.435 1.00 62.15  ? 163 ASN A CG    1 
ATOM 1205 O OD1   . ASN A 1 163 ? 0.740   -0.863  -9.766  1.00 62.15  ? 163 ASN A OD1   1 
ATOM 1206 N ND2   . ASN A 1 163 ? 2.729   0.132   -10.014 1.00 62.15  ? 163 ASN A ND2   1 
ATOM 1207 N N     . ALA A 1 164 ? 2.735   1.273   -13.650 1.00 62.46  ? 164 ALA A N     1 
ATOM 1208 C CA    . ALA A 1 164 ? 3.185   2.651   -13.731 1.00 62.46  ? 164 ALA A CA    1 
ATOM 1209 C C     . ALA A 1 164 ? 2.159   3.487   -14.469 1.00 62.46  ? 164 ALA A C     1 
ATOM 1210 O O     . ALA A 1 164 ? 1.699   4.506   -13.952 1.00 62.46  ? 164 ALA A O     1 
ATOM 1211 C CB    . ALA A 1 164 ? 4.543   2.738   -14.422 1.00 62.46  ? 164 ALA A CB    1 
ATOM 1212 N N     . THR A 1 165 ? 1.784   3.064   -15.673 1.00 60.54  ? 165 THR A N     1 
ATOM 1213 C CA    . THR A 1 165 ? 0.931   3.888   -16.512 1.00 60.54  ? 165 THR A CA    1 
ATOM 1214 C C     . THR A 1 165 ? -0.471  4.004   -15.940 1.00 60.54  ? 165 THR A C     1 
ATOM 1215 O O     . THR A 1 165 ? -1.157  4.997   -16.186 1.00 60.54  ? 165 THR A O     1 
ATOM 1216 C CB    . THR A 1 165 ? 0.873   3.347   -17.935 1.00 60.54  ? 165 THR A CB    1 
ATOM 1217 O OG1   . THR A 1 165 ? 0.115   4.248   -18.746 1.00 60.54  ? 165 THR A OG1   1 
ATOM 1218 C CG2   . THR A 1 165 ? 0.197   1.998   -17.970 1.00 60.54  ? 165 THR A CG2   1 
ATOM 1219 N N     . ASN A 1 166 ? -0.912  3.014   -15.177 1.00 61.98  ? 166 ASN A N     1 
ATOM 1220 C CA    . ASN A 1 166 ? -2.220  3.076   -14.548 1.00 61.98  ? 166 ASN A CA    1 
ATOM 1221 C C     . ASN A 1 166 ? -2.190  3.795   -13.216 1.00 61.98  ? 166 ASN A C     1 
ATOM 1222 O O     . ASN A 1 166 ? -3.242  4.213   -12.727 1.00 61.98  ? 166 ASN A O     1 
ATOM 1223 C CB    . ASN A 1 166 ? -2.784  1.673   -14.355 1.00 61.98  ? 166 ASN A CB    1 
ATOM 1224 C CG    . ASN A 1 166 ? -3.728  1.275   -15.458 1.00 61.98  ? 166 ASN A CG    1 
ATOM 1225 O OD1   . ASN A 1 166 ? -4.909  1.618   -15.430 1.00 61.98  ? 166 ASN A OD1   1 
ATOM 1226 N ND2   . ASN A 1 166 ? -3.217  0.544   -16.440 1.00 61.98  ? 166 ASN A ND2   1 
ATOM 1227 N N     . LYS A 1 167 ? -1.018  3.953   -12.619 1.00 63.48  ? 167 LYS A N     1 
ATOM 1228 C CA    . LYS A 1 167 ? -0.913  4.767   -11.422 1.00 63.48  ? 167 LYS A CA    1 
ATOM 1229 C C     . LYS A 1 167 ? -1.122  6.232   -11.744 1.00 63.48  ? 167 LYS A C     1 
ATOM 1230 O O     . LYS A 1 167 ? -1.730  6.958   -10.953 1.00 63.48  ? 167 LYS A O     1 
ATOM 1231 C CB    . LYS A 1 167 ? 0.448   4.549   -10.770 1.00 63.48  ? 167 LYS A CB    1 
ATOM 1232 C CG    . LYS A 1 167 ? 0.905   5.628   -9.829  1.00 63.48  ? 167 LYS A CG    1 
ATOM 1233 C CD    . LYS A 1 167 ? 2.349   5.389   -9.442  1.00 63.48  ? 167 LYS A CD    1 
ATOM 1234 C CE    . LYS A 1 167 ? 2.827   6.395   -8.420  1.00 63.48  ? 167 LYS A CE    1 
ATOM 1235 N NZ    . LYS A 1 167 ? 4.224   6.112   -7.999  1.00 63.48  ? 167 LYS A NZ    1 
ATOM 1236 N N     . GLN A 1 168 ? -0.648  6.673   -12.902 1.00 61.05  ? 168 GLN A N     1 
ATOM 1237 C CA    . GLN A 1 168 ? -0.808  8.058   -13.299 1.00 61.05  ? 168 GLN A CA    1 
ATOM 1238 C C     . GLN A 1 168 ? -2.225  8.378   -13.728 1.00 61.05  ? 168 GLN A C     1 
ATOM 1239 O O     . GLN A 1 168 ? -2.693  9.495   -13.486 1.00 61.05  ? 168 GLN A O     1 
ATOM 1240 C CB    . GLN A 1 168 ? 0.162   8.389   -14.423 1.00 61.05  ? 168 GLN A CB    1 
ATOM 1241 C CG    . GLN A 1 168 ? 1.593   8.152   -14.059 1.00 61.05  ? 168 GLN A CG    1 
ATOM 1242 C CD    . GLN A 1 168 ? 2.077   9.120   -13.021 1.00 61.05  ? 168 GLN A CD    1 
ATOM 1243 O OE1   . GLN A 1 168 ? 2.317   8.748   -11.877 1.00 61.05  ? 168 GLN A OE1   1 
ATOM 1244 N NE2   . GLN A 1 168 ? 2.227   10.375  -13.410 1.00 61.05  ? 168 GLN A NE2   1 
ATOM 1245 N N     . VAL A 1 169 ? -2.924  7.429   -14.355 1.00 62.50  ? 169 VAL A N     1 
ATOM 1246 C CA    . VAL A 1 169 ? -4.309  7.659   -14.727 1.00 62.50  ? 169 VAL A CA    1 
ATOM 1247 C C     . VAL A 1 169 ? -5.194  7.878   -13.520 1.00 62.50  ? 169 VAL A C     1 
ATOM 1248 O O     . VAL A 1 169 ? -6.059  8.761   -13.554 1.00 62.50  ? 169 VAL A O     1 
ATOM 1249 C CB    . VAL A 1 169 ? -4.852  6.488   -15.563 1.00 62.50  ? 169 VAL A CB    1 
ATOM 1250 C CG1   . VAL A 1 169 ? -6.271  6.761   -15.992 1.00 62.50  ? 169 VAL A CG1   1 
ATOM 1251 C CG2   . VAL A 1 169 ? -3.984  6.280   -16.772 1.00 62.50  ? 169 VAL A CG2   1 
ATOM 1252 N N     . ASN A 1 170 ? -4.988  7.135   -12.442 1.00 67.53  ? 170 ASN A N     1 
ATOM 1253 C CA    . ASN A 1 170 ? -5.753  7.325   -11.221 1.00 67.53  ? 170 ASN A CA    1 
ATOM 1254 C C     . ASN A 1 170 ? -5.429  8.637   -10.531 1.00 67.53  ? 170 ASN A C     1 
ATOM 1255 O O     . ASN A 1 170 ? -6.325  9.292   -9.983  1.00 67.53  ? 170 ASN A O     1 
ATOM 1256 C CB    . ASN A 1 170 ? -5.502  6.166   -10.264 1.00 67.53  ? 170 ASN A CB    1 
ATOM 1257 C CG    . ASN A 1 170 ? -5.930  4.845   -10.839 1.00 67.53  ? 170 ASN A CG    1 
ATOM 1258 O OD1   . ASN A 1 170 ? -6.874  4.777   -11.622 1.00 67.53  ? 170 ASN A OD1   1 
ATOM 1259 N ND2   . ASN A 1 170 ? -5.239  3.780   -10.459 1.00 67.53  ? 170 ASN A ND2   1 
ATOM 1260 N N     . LEU A 1 171 ? -4.165  9.042   -10.557 1.00 64.49  ? 171 LEU A N     1 
ATOM 1261 C CA    . LEU A 1 171 ? -3.811  10.340  -10.011 1.00 64.49  ? 171 LEU A CA    1 
ATOM 1262 C C     . LEU A 1 171 ? -4.443  11.456  -10.827 1.00 64.49  ? 171 LEU A C     1 
ATOM 1263 O O     . LEU A 1 171 ? -4.811  12.499  -10.281 1.00 64.49  ? 171 LEU A O     1 
ATOM 1264 C CB    . LEU A 1 171 ? -2.297  10.478  -9.952  1.00 64.49  ? 171 LEU A CB    1 
ATOM 1265 C CG    . LEU A 1 171 ? -1.666  9.491   -8.980  1.00 64.49  ? 171 LEU A CG    1 
ATOM 1266 C CD1   . LEU A 1 171 ? -0.163  9.585   -9.033  1.00 64.49  ? 171 LEU A CD1   1 
ATOM 1267 C CD2   . LEU A 1 171 ? -2.165  9.750   -7.582  1.00 64.49  ? 171 LEU A CD2   1 
ATOM 1268 N N     . PHE A 1 172 ? -4.598  11.258  -12.133 1.00 63.13  ? 172 PHE A N     1 
ATOM 1269 C CA    . PHE A 1 172 ? -5.414  12.189  -12.907 1.00 63.13  ? 172 PHE A CA    1 
ATOM 1270 C C     . PHE A 1 172 ? -6.836  11.662  -12.939 1.00 63.13  ? 172 PHE A C     1 
ATOM 1271 O O     . PHE A 1 172 ? -7.488  11.611  -13.979 1.00 63.13  ? 172 PHE A O     1 
ATOM 1272 C CB    . PHE A 1 172 ? -4.868  12.369  -14.314 1.00 63.13  ? 172 PHE A CB    1 
ATOM 1273 C CG    . PHE A 1 172 ? -5.557  13.449  -15.085 1.00 63.13  ? 172 PHE A CG    1 
ATOM 1274 C CD1   . PHE A 1 172 ? -5.366  14.772  -14.755 1.00 63.13  ? 172 PHE A CD1   1 
ATOM 1275 C CD2   . PHE A 1 172 ? -6.396  13.145  -16.127 1.00 63.13  ? 172 PHE A CD2   1 
ATOM 1276 C CE1   . PHE A 1 172 ? -6.001  15.769  -15.457 1.00 63.13  ? 172 PHE A CE1   1 
ATOM 1277 C CE2   . PHE A 1 172 ? -7.035  14.131  -16.827 1.00 63.13  ? 172 PHE A CE2   1 
ATOM 1278 C CZ    . PHE A 1 172 ? -6.838  15.445  -16.496 1.00 63.13  ? 172 PHE A CZ    1 
ATOM 1279 N N     . GLN A 1 173 ? -7.327  11.250  -11.785 1.00 65.27  ? 173 GLN A N     1 
ATOM 1280 C CA    . GLN A 1 173 ? -8.753  11.061  -11.610 1.00 65.27  ? 173 GLN A CA    1 
ATOM 1281 C C     . GLN A 1 173 ? -9.083  11.611  -10.242 1.00 65.27  ? 173 GLN A C     1 
ATOM 1282 O O     . GLN A 1 173 ? -10.212 12.025  -9.969  1.00 65.27  ? 173 GLN A O     1 
ATOM 1283 C CB    . GLN A 1 173 ? -9.139  9.592   -11.724 1.00 65.27  ? 173 GLN A CB    1 
ATOM 1284 C CG    . GLN A 1 173 ? -9.078  9.045   -13.124 1.00 65.27  ? 173 GLN A CG    1 
ATOM 1285 C CD    . GLN A 1 173 ? -10.395 9.110   -13.835 1.00 65.27  ? 173 GLN A CD    1 
ATOM 1286 O OE1   . GLN A 1 173 ? -11.124 10.091  -13.728 1.00 65.27  ? 173 GLN A OE1   1 
ATOM 1287 N NE2   . GLN A 1 173 ? -10.715 8.057   -14.572 1.00 65.27  ? 173 GLN A NE2   1 
ATOM 1288 N N     . ALA A 1 174 ? -8.074  11.620  -9.380  1.00 68.04  ? 174 ALA A N     1 
ATOM 1289 C CA    . ALA A 1 174 ? -8.235  12.247  -8.082  1.00 68.04  ? 174 ALA A CA    1 
ATOM 1290 C C     . ALA A 1 174 ? -7.835  13.707  -8.123  1.00 68.04  ? 174 ALA A C     1 
ATOM 1291 O O     . ALA A 1 174 ? -8.550  14.554  -7.584  1.00 68.04  ? 174 ALA A O     1 
ATOM 1292 C CB    . ALA A 1 174 ? -7.413  11.503  -7.032  1.00 68.04  ? 174 ALA A CB    1 
ATOM 1293 N N     . ALA A 1 175 ? -6.723  14.025  -8.766  1.00 69.53  ? 175 ALA A N     1 
ATOM 1294 C CA    . ALA A 1 175 ? -6.290  15.407  -8.847  1.00 69.53  ? 175 ALA A CA    1 
ATOM 1295 C C     . ALA A 1 175 ? -7.113  16.215  -9.829  1.00 69.53  ? 175 ALA A C     1 
ATOM 1296 O O     . ALA A 1 175 ? -7.041  17.447  -9.809  1.00 69.53  ? 175 ALA A O     1 
ATOM 1297 C CB    . ALA A 1 175 ? -4.812  15.484  -9.239  1.00 69.53  ? 175 ALA A CB    1 
ATOM 1298 N N     . ALA A 1 176 ? -7.888  15.558  -10.679 1.00 69.11  ? 176 ALA A N     1 
ATOM 1299 C CA    . ALA A 1 176 ? -8.754  16.233  -11.624 1.00 69.11  ? 176 ALA A CA    1 
ATOM 1300 C C     . ALA A 1 176 ? -10.146 16.441  -11.066 1.00 69.11  ? 176 ALA A C     1 
ATOM 1301 O O     . ALA A 1 176 ? -10.981 17.064  -11.723 1.00 69.11  ? 176 ALA A O     1 
ATOM 1302 C CB    . ALA A 1 176 ? -8.818  15.444  -12.929 1.00 69.11  ? 176 ALA A CB    1 
ATOM 1303 N N     . GLN A 1 177 ? -10.415 15.931  -9.869  1.00 69.63  ? 177 GLN A N     1 
ATOM 1304 C CA    . GLN A 1 177 ? -11.659 16.205  -9.173  1.00 69.63  ? 177 GLN A CA    1 
ATOM 1305 C C     . GLN A 1 177 ? -11.522 17.285  -8.118  1.00 69.63  ? 177 GLN A C     1 
ATOM 1306 O O     . GLN A 1 177 ? -12.504 17.973  -7.831  1.00 69.63  ? 177 GLN A O     1 
ATOM 1307 C CB    . GLN A 1 177 ? -12.194 14.931  -8.508  1.00 69.63  ? 177 GLN A CB    1 
ATOM 1308 C CG    . GLN A 1 177 ? -13.475 14.395  -9.123  1.00 69.63  ? 177 GLN A CG    1 
ATOM 1309 C CD    . GLN A 1 177 ? -13.240 13.687  -10.443 1.00 69.63  ? 177 GLN A CD    1 
ATOM 1310 O OE1   . GLN A 1 177 ? -13.095 12.466  -10.488 1.00 69.63  ? 177 GLN A OE1   1 
ATOM 1311 N NE2   . GLN A 1 177 ? -13.209 14.452  -11.528 1.00 69.63  ? 177 GLN A NE2   1 
ATOM 1312 N N     . ASP A 1 178 ? -10.335 17.457  -7.549  1.00 71.91  ? 178 ASP A N     1 
ATOM 1313 C CA    . ASP A 1 178 ? -10.101 18.496  -6.561  1.00 71.91  ? 178 ASP A CA    1 
ATOM 1314 C C     . ASP A 1 178 ? -9.746  19.806  -7.244  1.00 71.91  ? 178 ASP A C     1 
ATOM 1315 O O     . ASP A 1 178 ? -9.946  19.958  -8.450  1.00 71.91  ? 178 ASP A O     1 
ATOM 1316 C CB    . ASP A 1 178 ? -9.004  18.069  -5.583  1.00 71.91  ? 178 ASP A CB    1 
ATOM 1317 C CG    . ASP A 1 178 ? -7.688  17.736  -6.270  1.00 71.91  ? 178 ASP A CG    1 
ATOM 1318 O OD1   . ASP A 1 178 ? -7.205  18.533  -7.102  1.00 71.91  ? 178 ASP A OD1   1 
ATOM 1319 O OD2   . ASP A 1 178 ? -7.128  16.661  -5.969  1.00 71.91  ? 178 ASP A OD2   1 
ATOM 1320 N N     . ASN A 1 179 ? -9.235  20.759  -6.478  1.00 72.78  ? 179 ASN A N     1 
ATOM 1321 C CA    . ASN A 1 179 ? -8.908  22.063  -7.020  1.00 72.78  ? 179 ASN A CA    1 
ATOM 1322 C C     . ASN A 1 179 ? -7.518  22.447  -6.552  1.00 72.78  ? 179 ASN A C     1 
ATOM 1323 O O     . ASN A 1 179 ? -6.996  21.896  -5.583  1.00 72.78  ? 179 ASN A O     1 
ATOM 1324 C CB    . ASN A 1 179 ? -9.926  23.105  -6.579  1.00 72.78  ? 179 ASN A CB    1 
ATOM 1325 C CG    . ASN A 1 179 ? -10.287 22.968  -5.123  1.00 72.78  ? 179 ASN A CG    1 
ATOM 1326 O OD1   . ASN A 1 179 ? -9.526  22.415  -4.335  1.00 72.78  ? 179 ASN A OD1   1 
ATOM 1327 N ND2   . ASN A 1 179 ? -11.460 23.463  -4.755  1.00 72.78  ? 179 ASN A ND2   1 
ATOM 1328 N N     . ASN A 1 180 ? -6.925  23.406  -7.253  1.00 71.51  ? 180 ASN A N     1 
ATOM 1329 C CA    . ASN A 1 180 ? -5.634  23.959  -6.863  1.00 71.51  ? 180 ASN A CA    1 
ATOM 1330 C C     . ASN A 1 180 ? -5.835  25.244  -6.061  1.00 71.51  ? 180 ASN A C     1 
ATOM 1331 O O     . ASN A 1 180 ? -5.352  26.318  -6.412  1.00 71.51  ? 180 ASN A O     1 
ATOM 1332 C CB    . ASN A 1 180 ? -4.787  24.206  -8.100  1.00 71.51  ? 180 ASN A CB    1 
ATOM 1333 C CG    . ASN A 1 180 ? -5.486  25.083  -9.098  1.00 71.51  ? 180 ASN A CG    1 
ATOM 1334 O OD1   . ASN A 1 180 ? -6.699  24.992  -9.271  1.00 71.51  ? 180 ASN A OD1   1 
ATOM 1335 N ND2   . ASN A 1 180 ? -4.729  25.945  -9.765  1.00 71.51  ? 180 ASN A ND2   1 
ATOM 1336 N N     . PHE A 1 181 ? -6.560  25.118  -4.956  1.00 72.42  ? 181 PHE A N     1 
ATOM 1337 C CA    . PHE A 1 181 ? -7.034  26.285  -4.231  1.00 72.42  ? 181 PHE A CA    1 
ATOM 1338 C C     . PHE A 1 181 ? -6.346  26.503  -2.894  1.00 72.42  ? 181 PHE A C     1 
ATOM 1339 O O     . PHE A 1 181 ? -6.281  27.640  -2.418  1.00 72.42  ? 181 PHE A O     1 
ATOM 1340 C CB    . PHE A 1 181 ? -8.544  26.180  -4.032  1.00 72.42  ? 181 PHE A CB    1 
ATOM 1341 C CG    . PHE A 1 181 ? -9.330  26.879  -5.088  1.00 72.42  ? 181 PHE A CG    1 
ATOM 1342 C CD1   . PHE A 1 181 ? -8.839  28.018  -5.687  1.00 72.42  ? 181 PHE A CD1   1 
ATOM 1343 C CD2   . PHE A 1 181 ? -10.555 26.397  -5.487  1.00 72.42  ? 181 PHE A CD2   1 
ATOM 1344 C CE1   . PHE A 1 181 ? -9.557  28.663  -6.658  1.00 72.42  ? 181 PHE A CE1   1 
ATOM 1345 C CE2   . PHE A 1 181 ? -11.276 27.038  -6.459  1.00 72.42  ? 181 PHE A CE2   1 
ATOM 1346 C CZ    . PHE A 1 181 ? -10.775 28.173  -7.046  1.00 72.42  ? 181 PHE A CZ    1 
ATOM 1347 N N     . ALA A 1 182 ? -5.850  25.447  -2.264  1.00 71.36  ? 182 ALA A N     1 
ATOM 1348 C CA    . ALA A 1 182 ? -5.072  25.550  -1.035  1.00 71.36  ? 182 ALA A CA    1 
ATOM 1349 C C     . ALA A 1 182 ? -5.852  26.159  0.119   1.00 71.36  ? 182 ALA A C     1 
ATOM 1350 O O     . ALA A 1 182 ? -5.259  26.563  1.122   1.00 71.36  ? 182 ALA A O     1 
ATOM 1351 C CB    . ALA A 1 182 ? -3.795  26.356  -1.277  1.00 71.36  ? 182 ALA A CB    1 
ATOM 1352 N N     . SER A 1 183 ? -7.174  26.216  -0.001  1.00 69.21  ? 183 SER A N     1 
ATOM 1353 C CA    . SER A 1 183 ? -8.041  26.587  1.108   1.00 69.21  ? 183 SER A CA    1 
ATOM 1354 C C     . SER A 1 183 ? -9.480  26.275  0.740   1.00 69.21  ? 183 SER A C     1 
ATOM 1355 O O     . SER A 1 183 ? -9.916  26.575  -0.373  1.00 69.21  ? 183 SER A O     1 
ATOM 1356 C CB    . SER A 1 183 ? -7.896  28.063  1.459   1.00 69.21  ? 183 SER A CB    1 
ATOM 1357 O OG    . SER A 1 183 ? -8.886  28.829  0.804   1.00 69.21  ? 183 SER A OG    1 
ATOM 1358 N N     . ASN A 1 184 ? -10.228 25.675  1.659   1.00 67.56  ? 184 ASN A N     1 
ATOM 1359 C CA    . ASN A 1 184 ? -11.595 25.286  1.342   1.00 67.56  ? 184 ASN A CA    1 
ATOM 1360 C C     . ASN A 1 184 ? -12.564 26.432  1.577   1.00 67.56  ? 184 ASN A C     1 
ATOM 1361 O O     . ASN A 1 184 ? -13.771 26.284  1.375   1.00 67.56  ? 184 ASN A O     1 
ATOM 1362 C CB    . ASN A 1 184 ? -11.991 24.073  2.169   1.00 67.56  ? 184 ASN A CB    1 
ATOM 1363 C CG    . ASN A 1 184 ? -11.760 22.784  1.439   1.00 67.56  ? 184 ASN A CG    1 
ATOM 1364 O OD1   . ASN A 1 184 ? -11.670 22.764  0.214   1.00 67.56  ? 184 ASN A OD1   1 
ATOM 1365 N ND2   . ASN A 1 184 ? -11.663 21.691  2.182   1.00 67.56  ? 184 ASN A ND2   1 
ATOM 1366 N N     . SER A 1 185 ? -12.054 27.581  2.005   1.00 66.33  ? 185 SER A N     1 
ATOM 1367 C CA    . SER A 1 185 ? -12.904 28.695  2.399   1.00 66.33  ? 185 SER A CA    1 
ATOM 1368 C C     . SER A 1 185 ? -13.785 29.166  1.258   1.00 66.33  ? 185 SER A C     1 
ATOM 1369 O O     . SER A 1 185 ? -13.529 28.849  0.095   1.00 66.33  ? 185 SER A O     1 
ATOM 1370 C CB    . SER A 1 185 ? -12.059 29.858  2.903   1.00 66.33  ? 185 SER A CB    1 
ATOM 1371 O OG    . SER A 1 185 ? -12.759 31.073  2.737   1.00 66.33  ? 185 SER A OG    1 
ATOM 1372 N N     . ALA A 1 186 ? -14.812 29.941  1.574   1.00 66.08  ? 186 ALA A N     1 
ATOM 1373 C CA    . ALA A 1 186 ? -15.794 30.311  0.568   1.00 66.08  ? 186 ALA A CA    1 
ATOM 1374 C C     . ALA A 1 186 ? -15.359 31.565  -0.167  1.00 66.08  ? 186 ALA A C     1 
ATOM 1375 O O     . ALA A 1 186 ? -15.967 31.950  -1.169  1.00 66.08  ? 186 ALA A O     1 
ATOM 1376 C CB    . ALA A 1 186 ? -17.163 30.519  1.210   1.00 66.08  ? 186 ALA A CB    1 
ATOM 1377 N N     . PHE A 1 187 ? -14.307 32.206  0.322   1.00 63.28  ? 187 PHE A N     1 
ATOM 1378 C CA    . PHE A 1 187 ? -13.784 33.408  -0.297  1.00 63.28  ? 187 PHE A CA    1 
ATOM 1379 C C     . PHE A 1 187 ? -12.685 33.123  -1.301  1.00 63.28  ? 187 PHE A C     1 
ATOM 1380 O O     . PHE A 1 187 ? -12.441 33.951  -2.180  1.00 63.28  ? 187 PHE A O     1 
ATOM 1381 C CB    . PHE A 1 187 ? -13.255 34.354  0.771   1.00 63.28  ? 187 PHE A CB    1 
ATOM 1382 C CG    . PHE A 1 187 ? -14.304 34.867  1.691   1.00 63.28  ? 187 PHE A CG    1 
ATOM 1383 C CD1   . PHE A 1 187 ? -14.957 36.042  1.417   1.00 63.28  ? 187 PHE A CD1   1 
ATOM 1384 C CD2   . PHE A 1 187 ? -14.623 34.187  2.842   1.00 63.28  ? 187 PHE A CD2   1 
ATOM 1385 C CE1   . PHE A 1 187 ? -15.911 36.523  2.267   1.00 63.28  ? 187 PHE A CE1   1 
ATOM 1386 C CE2   . PHE A 1 187 ? -15.576 34.665  3.693   1.00 63.28  ? 187 PHE A CE2   1 
ATOM 1387 C CZ    . PHE A 1 187 ? -16.222 35.831  3.405   1.00 63.28  ? 187 PHE A CZ    1 
ATOM 1388 N N     . ILE A 1 188 ? -12.011 31.988  -1.185  1.00 66.40  ? 188 ILE A N     1 
ATOM 1389 C CA    . ILE A 1 188 ? -11.043 31.561  -2.174  1.00 66.40  ? 188 ILE A CA    1 
ATOM 1390 C C     . ILE A 1 188 ? -11.689 30.692  -3.240  1.00 66.40  ? 188 ILE A C     1 
ATOM 1391 O O     . ILE A 1 188 ? -11.433 30.872  -4.430  1.00 66.40  ? 188 ILE A O     1 
ATOM 1392 C CB    . ILE A 1 188 ? -9.881  30.820  -1.488  1.00 66.40  ? 188 ILE A CB    1 
ATOM 1393 C CG1   . ILE A 1 188 ? -9.134  31.773  -0.572  1.00 66.40  ? 188 ILE A CG1   1 
ATOM 1394 C CG2   . ILE A 1 188 ? -8.944  30.239  -2.516  1.00 66.40  ? 188 ILE A CG2   1 
ATOM 1395 C CD1   . ILE A 1 188 ? -8.542  32.944  -1.289  1.00 66.40  ? 188 ILE A CD1   1 
ATOM 1396 N N     . THR A 1 189 ? -12.540 29.757  -2.832  1.00 68.67  ? 189 THR A N     1 
ATOM 1397 C CA    . THR A 1 189 ? -13.196 28.876  -3.781  1.00 68.67  ? 189 THR A CA    1 
ATOM 1398 C C     . THR A 1 189 ? -14.323 29.556  -4.534  1.00 68.67  ? 189 THR A C     1 
ATOM 1399 O O     . THR A 1 189 ? -14.676 29.099  -5.623  1.00 68.67  ? 189 THR A O     1 
ATOM 1400 C CB    . THR A 1 189 ? -13.744 27.649  -3.066  1.00 68.67  ? 189 THR A CB    1 
ATOM 1401 O OG1   . THR A 1 189 ? -14.455 28.065  -1.897  1.00 68.67  ? 189 THR A OG1   1 
ATOM 1402 C CG2   . THR A 1 189 ? -12.614 26.734  -2.658  1.00 68.67  ? 189 THR A CG2   1 
ATOM 1403 N N     . LYS A 1 190 ? -14.907 30.611  -3.975  1.00 66.41  ? 190 LYS A N     1 
ATOM 1404 C CA    . LYS A 1 190 ? -15.965 31.372  -4.625  1.00 66.41  ? 190 LYS A CA    1 
ATOM 1405 C C     . LYS A 1 190 ? -17.181 30.504  -4.898  1.00 66.41  ? 190 LYS A C     1 
ATOM 1406 O O     . LYS A 1 190 ? -18.066 30.893  -5.663  1.00 66.41  ? 190 LYS A O     1 
ATOM 1407 C CB    . LYS A 1 190 ? -15.457 31.998  -5.922  1.00 66.41  ? 190 LYS A CB    1 
ATOM 1408 C CG    . LYS A 1 190 ? -14.136 32.712  -5.774  1.00 66.41  ? 190 LYS A CG    1 
ATOM 1409 C CD    . LYS A 1 190 ? -13.862 33.608  -6.953  1.00 66.41  ? 190 LYS A CD    1 
ATOM 1410 C CE    . LYS A 1 190 ? -13.873 35.063  -6.534  1.00 66.41  ? 190 LYS A CE    1 
ATOM 1411 N NZ    . LYS A 1 190 ? -12.945 35.313  -5.399  1.00 66.41  ? 190 LYS A NZ    1 
ATOM 1412 N N     . GLY A 1 191 ? -17.241 29.330  -4.274  1.00 70.59  ? 191 GLY A N     1 
ATOM 1413 C CA    . GLY A 1 191 ? -18.321 28.383  -4.467  1.00 70.59  ? 191 GLY A CA    1 
ATOM 1414 C C     . GLY A 1 191 ? -17.971 27.270  -5.431  1.00 70.59  ? 191 GLY A C     1 
ATOM 1415 O O     . GLY A 1 191 ? -18.618 26.221  -5.420  1.00 70.59  ? 191 GLY A O     1 
ATOM 1416 N N     . GLN A 1 192 ? -16.963 27.483  -6.266  1.00 71.05  ? 192 GLN A N     1 
ATOM 1417 C CA    . GLN A 1 192 ? -16.575 26.486  -7.248  1.00 71.05  ? 192 GLN A CA    1 
ATOM 1418 C C     . GLN A 1 192 ? -16.097 25.222  -6.560  1.00 71.05  ? 192 GLN A C     1 
ATOM 1419 O O     . GLN A 1 192 ? -15.211 25.260  -5.707  1.00 71.05  ? 192 GLN A O     1 
ATOM 1420 C CB    . GLN A 1 192 ? -15.472 27.043  -8.144  1.00 71.05  ? 192 GLN A CB    1 
ATOM 1421 C CG    . GLN A 1 192 ? -15.965 27.701  -9.401  1.00 71.05  ? 192 GLN A CG    1 
ATOM 1422 C CD    . GLN A 1 192 ? -16.818 28.904  -9.121  1.00 71.05  ? 192 GLN A CD    1 
ATOM 1423 O OE1   . GLN A 1 192 ? -18.044 28.820  -9.110  1.00 71.05  ? 192 GLN A OE1   1 
ATOM 1424 N NE2   . GLN A 1 192 ? -16.176 30.042  -8.890  1.00 71.05  ? 192 GLN A NE2   1 
ATOM 1425 N N     . LEU A 1 193 ? -16.688 24.094  -6.941  1.00 69.65  ? 193 LEU A N     1 
ATOM 1426 C CA    . LEU A 1 193 ? -16.263 22.818  -6.375  1.00 69.65  ? 193 LEU A CA    1 
ATOM 1427 C C     . LEU A 1 193 ? -14.950 22.381  -7.008  1.00 69.65  ? 193 LEU A C     1 
ATOM 1428 O O     . LEU A 1 193 ? -13.937 22.226  -6.322  1.00 69.65  ? 193 LEU A O     1 
ATOM 1429 C CB    . LEU A 1 193 ? -17.356 21.769  -6.574  1.00 69.65  ? 193 LEU A CB    1 
ATOM 1430 C CG    . LEU A 1 193 ? -17.476 20.721  -5.474  1.00 69.65  ? 193 LEU A CG    1 
ATOM 1431 C CD1   . LEU A 1 193 ? -18.865 20.116  -5.488  1.00 69.65  ? 193 LEU A CD1   1 
ATOM 1432 C CD2   . LEU A 1 193 ? -16.427 19.642  -5.650  1.00 69.65  ? 193 LEU A CD2   1 
ATOM 1433 N N     . SER A 1 194 ? -14.952 22.186  -8.317  1.00 72.22  ? 194 SER A N     1 
ATOM 1434 C CA    . SER A 1 194 ? -13.726 21.909  -9.035  1.00 72.22  ? 194 SER A CA    1 
ATOM 1435 C C     . SER A 1 194 ? -13.229 23.169  -9.721  1.00 72.22  ? 194 SER A C     1 
ATOM 1436 O O     . SER A 1 194 ? -13.993 24.080  -10.039 1.00 72.22  ? 194 SER A O     1 
ATOM 1437 C CB    . SER A 1 194 ? -13.939 20.810  -10.067 1.00 72.22  ? 194 SER A CB    1 
ATOM 1438 O OG    . SER A 1 194 ? -12.977 20.908  -11.101 1.00 72.22  ? 194 SER A OG    1 
ATOM 1439 N N     . SER A 1 195 ? -11.927 23.216  -9.950  1.00 73.75  ? 195 SER A N     1 
ATOM 1440 C CA    . SER A 1 195 ? -11.304 24.369  -10.568 1.00 73.75  ? 195 SER A CA    1 
ATOM 1441 C C     . SER A 1 195 ? -10.958 24.138  -12.025 1.00 73.75  ? 195 SER A C     1 
ATOM 1442 O O     . SER A 1 195 ? -10.312 24.993  -12.635 1.00 73.75  ? 195 SER A O     1 
ATOM 1443 C CB    . SER A 1 195 ? -10.041 24.765  -9.801  1.00 73.75  ? 195 SER A CB    1 
ATOM 1444 O OG    . SER A 1 195 ? -8.961  23.908  -10.126 1.00 73.75  ? 195 SER A OG    1 
ATOM 1445 N N     . ASN A 1 196 ? -11.366 23.014  -12.601 1.00 72.27  ? 196 ASN A N     1 
ATOM 1446 C CA    . ASN A 1 196 ? -11.022 22.695  -13.976 1.00 72.27  ? 196 ASN A CA    1 
ATOM 1447 C C     . ASN A 1 196 ? -12.228 22.123  -14.699 1.00 72.27  ? 196 ASN A C     1 
ATOM 1448 O O     . ASN A 1 196 ? -13.003 21.356  -14.125 1.00 72.27  ? 196 ASN A O     1 
ATOM 1449 C CB    . ASN A 1 196 ? -9.856  21.720  -14.030 1.00 72.27  ? 196 ASN A CB    1 
ATOM 1450 C CG    . ASN A 1 196 ? -9.791  20.846  -12.821 1.00 72.27  ? 196 ASN A CG    1 
ATOM 1451 O OD1   . ASN A 1 196 ? -10.652 19.997  -12.610 1.00 72.27  ? 196 ASN A OD1   1 
ATOM 1452 N ND2   . ASN A 1 196 ? -8.768  21.046  -12.004 1.00 72.27  ? 196 ASN A ND2   1 
ATOM 1453 N N     . SER A 1 197 ? -12.362 22.491  -15.964 1.00 70.35  ? 197 SER A N     1 
ATOM 1454 C CA    . SER A 1 197 ? -13.508 22.132  -16.778 1.00 70.35  ? 197 SER A CA    1 
ATOM 1455 C C     . SER A 1 197 ? -13.492 20.646  -17.093 1.00 70.35  ? 197 SER A C     1 
ATOM 1456 O O     . SER A 1 197 ? -12.579 19.922  -16.696 1.00 70.35  ? 197 SER A O     1 
ATOM 1457 C CB    . SER A 1 197 ? -13.488 22.951  -18.062 1.00 70.35  ? 197 SER A CB    1 
ATOM 1458 O OG    . SER A 1 197 ? -12.599 22.381  -19.003 1.00 70.35  ? 197 SER A OG    1 
ATOM 1459 N N     . PRO A 1 198 ? -14.495 20.152  -17.814 1.00 68.78  ? 198 PRO A N     1 
ATOM 1460 C CA    . PRO A 1 198 ? -14.415 18.774  -18.309 1.00 68.78  ? 198 PRO A CA    1 
ATOM 1461 C C     . PRO A 1 198 ? -13.310 18.547  -19.333 1.00 68.78  ? 198 PRO A C     1 
ATOM 1462 O O     . PRO A 1 198 ? -13.550 18.260  -20.509 1.00 68.78  ? 198 PRO A O     1 
ATOM 1463 C CB    . PRO A 1 198 ? -15.802 18.557  -18.909 1.00 68.78  ? 198 PRO A CB    1 
ATOM 1464 C CG    . PRO A 1 198 ? -16.670 19.357  -18.033 1.00 68.78  ? 198 PRO A CG    1 
ATOM 1465 C CD    . PRO A 1 198 ? -15.893 20.592  -17.701 1.00 68.78  ? 198 PRO A CD    1 
ATOM 1466 N N     . THR A 1 199 ? -12.077 18.728  -18.866 1.00 70.40  ? 199 THR A N     1 
ATOM 1467 C CA    . THR A 1 199 ? -10.929 17.988  -19.356 1.00 70.40  ? 199 THR A CA    1 
ATOM 1468 C C     . THR A 1 199 ? -10.617 16.831  -18.431 1.00 70.40  ? 199 THR A C     1 
ATOM 1469 O O     . THR A 1 199 ? -9.548  16.228  -18.556 1.00 70.40  ? 199 THR A O     1 
ATOM 1470 C CB    . THR A 1 199 ? -9.691  18.887  -19.465 1.00 70.40  ? 199 THR A CB    1 
ATOM 1471 O OG1   . THR A 1 199 ? -8.628  18.161  -20.089 1.00 70.40  ? 199 THR A OG1   1 
ATOM 1472 C CG2   . THR A 1 199 ? -9.240  19.328  -18.091 1.00 70.40  ? 199 THR A CG2   1 
ATOM 1473 N N     . ILE A 1 200 ? -11.515 16.507  -17.510 1.00 69.56  ? 200 ILE A N     1 
ATOM 1474 C CA    . ILE A 1 200 ? -11.275 15.526  -16.469 1.00 69.56  ? 200 ILE A CA    1 
ATOM 1475 C C     . ILE A 1 200 ? -12.072 14.269  -16.776 1.00 69.56  ? 200 ILE A C     1 
ATOM 1476 O O     . ILE A 1 200 ? -11.956 13.261  -16.073 1.00 69.56  ? 200 ILE A O     1 
ATOM 1477 C CB    . ILE A 1 200 ? -11.651 16.100  -15.098 1.00 69.56  ? 200 ILE A CB    1 
ATOM 1478 C CG1   . ILE A 1 200 ? -13.167 16.195  -14.964 1.00 69.56  ? 200 ILE A CG1   1 
ATOM 1479 C CG2   . ILE A 1 200 ? -11.034 17.474  -14.923 1.00 69.56  ? 200 ILE A CG2   1 
ATOM 1480 C CD1   . ILE A 1 200 ? -13.631 17.075  -13.827 1.00 69.56  ? 200 ILE A CD1   1 
ATOM 1481 N N     . GLN A 1 201 ? -12.890 14.323  -17.822 1.00 69.09  ? 201 GLN A N     1 
ATOM 1482 C CA    . GLN A 1 201 ? -13.647 13.153  -18.235 1.00 69.09  ? 201 GLN A CA    1 
ATOM 1483 C C     . GLN A 1 201 ? -13.266 12.729  -19.648 1.00 69.09  ? 201 GLN A C     1 
ATOM 1484 O O     . GLN A 1 201 ? -12.951 11.560  -19.881 1.00 69.09  ? 201 GLN A O     1 
ATOM 1485 C CB    . GLN A 1 201 ? -15.143 13.427  -18.130 1.00 69.09  ? 201 GLN A CB    1 
ATOM 1486 C CG    . GLN A 1 201 ? -15.540 14.145  -16.863 1.00 69.09  ? 201 GLN A CG    1 
ATOM 1487 C CD    . GLN A 1 201 ? -15.923 13.208  -15.753 1.00 69.09  ? 201 GLN A CD    1 
ATOM 1488 O OE1   . GLN A 1 201 ? -15.438 12.085  -15.682 1.00 69.09  ? 201 GLN A OE1   1 
ATOM 1489 N NE2   . GLN A 1 201 ? -16.800 13.662  -14.877 1.00 69.09  ? 201 GLN A NE2   1 
ATOM 1490 N N     . TYR A 1 202 ? -13.284 13.660  -20.594 1.00 62.93  ? 202 TYR A N     1 
ATOM 1491 C CA    . TYR A 1 202 ? -12.962 13.319  -21.971 1.00 62.93  ? 202 TYR A CA    1 
ATOM 1492 C C     . TYR A 1 202 ? -11.461 13.135  -22.137 1.00 62.93  ? 202 TYR A C     1 
ATOM 1493 O O     . TYR A 1 202 ? -10.672 13.458  -21.249 1.00 62.93  ? 202 TYR A O     1 
ATOM 1494 C CB    . TYR A 1 202 ? -13.467 14.389  -22.933 1.00 62.93  ? 202 TYR A CB    1 
ATOM 1495 N N     . LEU A 1 203 ? -11.072 12.616  -23.292 1.00 60.06  ? 203 LEU A N     1 
ATOM 1496 C CA    . LEU A 1 203 ? -9.701  12.187  -23.525 1.00 60.06  ? 203 LEU A CA    1 
ATOM 1497 C C     . LEU A 1 203 ? -8.711  13.331  -23.666 1.00 60.06  ? 203 LEU A C     1 
ATOM 1498 O O     . LEU A 1 203 ? -7.497  13.126  -23.602 1.00 60.06  ? 203 LEU A O     1 
ATOM 1499 C CB    . LEU A 1 203 ? -9.652  11.322  -24.771 1.00 60.06  ? 203 LEU A CB    1 
ATOM 1500 C CG    . LEU A 1 203 ? -10.837 10.373  -24.935 1.00 60.06  ? 203 LEU A CG    1 
ATOM 1501 C CD1   . LEU A 1 203 ? -10.687 9.552   -26.206 1.00 60.06  ? 203 LEU A CD1   1 
ATOM 1502 C CD2   . LEU A 1 203 ? -10.965 9.457   -23.729 1.00 60.06  ? 203 LEU A CD2   1 
ATOM 1503 P P     . U   B 2 1   ? 6.345   9.461   0.833   1.00 75.53  ? 42  U   R P     1 
ATOM 1504 O OP1   . U   B 2 1   ? 7.402   8.473   0.537   1.00 75.53  ? 42  U   R OP1   1 
ATOM 1505 O OP2   . U   B 2 1   ? 6.637   10.892  0.554   1.00 75.53  ? 42  U   R OP2   1 
ATOM 1506 O "O5'" . U   B 2 1   ? 5.035   9.022   0.032   1.00 75.53  ? 42  U   R "O5'" 1 
ATOM 1507 C "C5'" . U   B 2 1   ? 3.817   8.709   0.697   1.00 75.53  ? 42  U   R "C5'" 1 
ATOM 1508 C "C4'" . U   B 2 1   ? 2.983   9.944   0.954   1.00 75.53  ? 42  U   R "C4'" 1 
ATOM 1509 O "O4'" . U   B 2 1   ? 3.663   11.108  0.432   1.00 75.53  ? 42  U   R "O4'" 1 
ATOM 1510 C "C3'" . U   B 2 1   ? 1.607   9.998   0.306   1.00 75.53  ? 42  U   R "C3'" 1 
ATOM 1511 O "O3'" . U   B 2 1   ? 0.626   9.308   1.056   1.00 75.53  ? 42  U   R "O3'" 1 
ATOM 1512 C "C2'" . U   B 2 1   ? 1.328   11.491  0.219   1.00 75.53  ? 42  U   R "C2'" 1 
ATOM 1513 O "O2'" . U   B 2 1   ? 0.823   11.970  1.451   1.00 75.53  ? 42  U   R "O2'" 1 
ATOM 1514 C "C1'" . U   B 2 1   ? 2.726   12.068  0.010   1.00 75.53  ? 42  U   R "C1'" 1 
ATOM 1515 N N1    . U   B 2 1   ? 3.000   12.407  -1.399  1.00 75.53  ? 42  U   R N1    1 
ATOM 1516 C C2    . U   B 2 1   ? 2.643   13.656  -1.828  1.00 75.53  ? 42  U   R C2    1 
ATOM 1517 O O2    . U   B 2 1   ? 2.110   14.470  -1.101  1.00 75.53  ? 42  U   R O2    1 
ATOM 1518 N N3    . U   B 2 1   ? 2.926   13.925  -3.136  1.00 75.53  ? 42  U   R N3    1 
ATOM 1519 C C4    . U   B 2 1   ? 3.517   13.079  -4.035  1.00 75.53  ? 42  U   R C4    1 
ATOM 1520 O O4    . U   B 2 1   ? 3.705   13.463  -5.183  1.00 75.53  ? 42  U   R O4    1 
ATOM 1521 C C5    . U   B 2 1   ? 3.867   11.804  -3.512  1.00 75.53  ? 42  U   R C5    1 
ATOM 1522 C C6    . U   B 2 1   ? 3.603   11.518  -2.239  1.00 75.53  ? 42  U   R C6    1 
ATOM 1523 P P     . U   B 2 2   ? -0.672  8.694   0.339   1.00 75.31  ? 43  U   R P     1 
ATOM 1524 O OP1   . U   B 2 2   ? -1.579  8.168   1.380   1.00 75.31  ? 43  U   R OP1   1 
ATOM 1525 O OP2   . U   B 2 2   ? -0.221  7.799   -0.747  1.00 75.31  ? 43  U   R OP2   1 
ATOM 1526 O "O5'" . U   B 2 2   ? -1.395  9.945   -0.320  1.00 75.31  ? 43  U   R "O5'" 1 
ATOM 1527 C "C5'" . U   B 2 2   ? -2.770  9.879   -0.654  1.00 75.31  ? 43  U   R "C5'" 1 
ATOM 1528 C "C4'" . U   B 2 2   ? -3.125  10.801  -1.794  1.00 75.31  ? 43  U   R "C4'" 1 
ATOM 1529 O "O4'" . U   B 2 2   ? -1.968  11.566  -2.196  1.00 75.31  ? 43  U   R "O4'" 1 
ATOM 1530 C "C3'" . U   B 2 2   ? -3.582  10.133  -3.075  1.00 75.31  ? 43  U   R "C3'" 1 
ATOM 1531 O "O3'" . U   B 2 2   ? -4.938  9.746   -3.030  1.00 75.31  ? 43  U   R "O3'" 1 
ATOM 1532 C "C2'" . U   B 2 2   ? -3.300  11.196  -4.125  1.00 75.31  ? 43  U   R "C2'" 1 
ATOM 1533 O "O2'" . U   B 2 2   ? -4.330  12.170  -4.130  1.00 75.31  ? 43  U   R "O2'" 1 
ATOM 1534 C "C1'" . U   B 2 2   ? -2.035  11.847  -3.575  1.00 75.31  ? 43  U   R "C1'" 1 
ATOM 1535 N N1    . U   B 2 2   ? -0.801  11.357  -4.218  1.00 75.31  ? 43  U   R N1    1 
ATOM 1536 C C2    . U   B 2 2   ? -0.285  12.112  -5.236  1.00 75.31  ? 43  U   R C2    1 
ATOM 1537 O O2    . U   B 2 2   ? -0.818  13.130  -5.625  1.00 75.31  ? 43  U   R O2    1 
ATOM 1538 N N3    . U   B 2 2   ? 0.871   11.643  -5.784  1.00 75.31  ? 43  U   R N3    1 
ATOM 1539 C C4    . U   B 2 2   ? 1.549   10.512  -5.420  1.00 75.31  ? 43  U   R C4    1 
ATOM 1540 O O4    . U   B 2 2   ? 2.580   10.209  -6.009  1.00 75.31  ? 43  U   R O4    1 
ATOM 1541 C C5    . U   B 2 2   ? 0.959   9.785   -4.352  1.00 75.31  ? 43  U   R C5    1 
ATOM 1542 C C6    . U   B 2 2   ? -0.166  10.226  -3.795  1.00 75.31  ? 43  U   R C6    1 
ATOM 1543 P P     . U   B 2 3   ? -5.326  8.201   -2.887  1.00 76.87  ? 44  U   R P     1 
ATOM 1544 O OP1   . U   B 2 3   ? -6.771  8.116   -2.596  1.00 76.87  ? 44  U   R OP1   1 
ATOM 1545 O OP2   . U   B 2 3   ? -4.355  7.559   -1.978  1.00 76.87  ? 44  U   R OP2   1 
ATOM 1546 O "O5'" . U   B 2 3   ? -5.081  7.608   -4.335  1.00 76.87  ? 44  U   R "O5'" 1 
ATOM 1547 C "C5'" . U   B 2 3   ? -5.920  7.975   -5.419  1.00 76.87  ? 44  U   R "C5'" 1 
ATOM 1548 C "C4'" . U   B 2 3   ? -6.009  6.878   -6.444  1.00 76.87  ? 44  U   R "C4'" 1 
ATOM 1549 O "O4'" . U   B 2 3   ? -4.680  6.591   -6.952  1.00 76.87  ? 44  U   R "O4'" 1 
ATOM 1550 C "C3'" . U   B 2 3   ? -6.562  5.554   -5.934  1.00 76.87  ? 44  U   R "C3'" 1 
ATOM 1551 O "O3'" . U   B 2 3   ? -7.297  4.922   -6.976  1.00 76.87  ? 44  U   R "O3'" 1 
ATOM 1552 C "C2'" . U   B 2 3   ? -5.297  4.754   -5.663  1.00 76.87  ? 44  U   R "C2'" 1 
ATOM 1553 O "O2'" . U   B 2 3   ? -5.475  3.354   -5.675  1.00 76.87  ? 44  U   R "O2'" 1 
ATOM 1554 C "C1'" . U   B 2 3   ? -4.410  5.218   -6.804  1.00 76.87  ? 44  U   R "C1'" 1 
ATOM 1555 N N1    . U   B 2 3   ? -2.971  5.042   -6.580  1.00 76.87  ? 44  U   R N1    1 
ATOM 1556 C C2    . U   B 2 3   ? -2.367  3.991   -7.227  1.00 76.87  ? 44  U   R C2    1 
ATOM 1557 O O2    . U   B 2 3   ? -2.979  3.224   -7.946  1.00 76.87  ? 44  U   R O2    1 
ATOM 1558 N N3    . U   B 2 3   ? -1.027  3.857   -7.007  1.00 76.87  ? 44  U   R N3    1 
ATOM 1559 C C4    . U   B 2 3   ? -0.244  4.657   -6.219  1.00 76.87  ? 44  U   R C4    1 
ATOM 1560 O O4    . U   B 2 3   ? 0.951   4.410   -6.115  1.00 76.87  ? 44  U   R O4    1 
ATOM 1561 C C5    . U   B 2 3   ? -0.937  5.728   -5.586  1.00 76.87  ? 44  U   R C5    1 
ATOM 1562 C C6    . U   B 2 3   ? -2.245  5.882   -5.785  1.00 76.87  ? 44  U   R C6    1 
ATOM 1563 P P     . U   B 2 4   ? -8.876  5.160   -7.121  1.00 83.12  ? 45  U   R P     1 
ATOM 1564 O OP1   . U   B 2 4   ? -9.408  4.278   -8.183  1.00 83.12  ? 45  U   R OP1   1 
ATOM 1565 O OP2   . U   B 2 4   ? -9.116  6.616   -7.214  1.00 83.12  ? 45  U   R OP2   1 
ATOM 1566 O "O5'" . U   B 2 4   ? -9.463  4.663   -5.733  1.00 83.12  ? 45  U   R "O5'" 1 
ATOM 1567 C "C5'" . U   B 2 4   ? -9.281  3.325   -5.306  1.00 83.12  ? 45  U   R "C5'" 1 
ATOM 1568 C "C4'" . U   B 2 4   ? -10.388 2.892   -4.388  1.00 83.12  ? 45  U   R "C4'" 1 
ATOM 1569 O "O4'" . U   B 2 4   ? -10.426 3.751   -3.228  1.00 83.12  ? 45  U   R "O4'" 1 
ATOM 1570 C "C3'" . U   B 2 4   ? -11.791 2.987   -4.953  1.00 83.12  ? 45  U   R "C3'" 1 
ATOM 1571 O "O3'" . U   B 2 4   ? -12.111 1.897   -5.791  1.00 83.12  ? 45  U   R "O3'" 1 
ATOM 1572 C "C2'" . U   B 2 4   ? -12.649 3.058   -3.702  1.00 83.12  ? 45  U   R "C2'" 1 
ATOM 1573 O "O2'" . U   B 2 4   ? -12.841 1.762   -3.155  1.00 83.12  ? 45  U   R "O2'" 1 
ATOM 1574 C "C1'" . U   B 2 4   ? -11.749 3.851   -2.756  1.00 83.12  ? 45  U   R "C1'" 1 
ATOM 1575 N N1    . U   B 2 4   ? -12.122 5.277   -2.657  1.00 83.12  ? 45  U   R N1    1 
ATOM 1576 C C2    . U   B 2 4   ? -13.248 5.601   -1.938  1.00 83.12  ? 45  U   R C2    1 
ATOM 1577 O O2    . U   B 2 4   ? -13.957 4.774   -1.403  1.00 83.12  ? 45  U   R O2    1 
ATOM 1578 N N3    . U   B 2 4   ? -13.538 6.929   -1.870  1.00 83.12  ? 45  U   R N3    1 
ATOM 1579 C C4    . U   B 2 4   ? -12.821 7.950   -2.429  1.00 83.12  ? 45  U   R C4    1 
ATOM 1580 O O4    . U   B 2 4   ? -13.208 9.106   -2.276  1.00 83.12  ? 45  U   R O4    1 
ATOM 1581 C C5    . U   B 2 4   ? -11.663 7.542   -3.149  1.00 83.12  ? 45  U   R C5    1 
ATOM 1582 C C6    . U   B 2 4   ? -11.357 6.248   -3.233  1.00 83.12  ? 45  U   R C6    1 
ATOM 1583 P P     . U   B 2 5   ? -13.028 2.123   -7.081  1.00 81.57  ? 46  U   R P     1 
ATOM 1584 O OP1   . U   B 2 5   ? -13.268 0.797   -7.684  1.00 81.57  ? 46  U   R OP1   1 
ATOM 1585 O OP2   . U   B 2 5   ? -12.443 3.202   -7.908  1.00 81.57  ? 46  U   R OP2   1 
ATOM 1586 O "O5'" . U   B 2 5   ? -14.401 2.647   -6.479  1.00 81.57  ? 46  U   R "O5'" 1 
ATOM 1587 C "C5'" . U   B 2 5   ? -15.255 1.773   -5.765  1.00 81.57  ? 46  U   R "C5'" 1 
ATOM 1588 C "C4'" . U   B 2 5   ? -16.340 2.522   -5.036  1.00 81.57  ? 46  U   R "C4'" 1 
ATOM 1589 O "O4'" . U   B 2 5   ? -15.758 3.547   -4.202  1.00 81.57  ? 46  U   R "O4'" 1 
ATOM 1590 C "C3'" . U   B 2 5   ? -17.330 3.279   -5.897  1.00 81.57  ? 46  U   R "C3'" 1 
ATOM 1591 O "O3'" . U   B 2 5   ? -18.332 2.446   -6.439  1.00 81.57  ? 46  U   R "O3'" 1 
ATOM 1592 C "C2'" . U   B 2 5   ? -17.880 4.314   -4.932  1.00 81.57  ? 46  U   R "C2'" 1 
ATOM 1593 O "O2'" . U   B 2 5   ? -18.877 3.739   -4.101  1.00 81.57  ? 46  U   R "O2'" 1 
ATOM 1594 C "C1'" . U   B 2 5   ? -16.655 4.620   -4.073  1.00 81.57  ? 46  U   R "C1'" 1 
ATOM 1595 N N1    . U   B 2 5   ? -15.977 5.871   -4.469  1.00 81.57  ? 46  U   R N1    1 
ATOM 1596 C C2    . U   B 2 5   ? -16.542 7.047   -4.054  1.00 81.57  ? 46  U   R C2    1 
ATOM 1597 O O2    . U   B 2 5   ? -17.567 7.094   -3.398  1.00 81.57  ? 46  U   R O2    1 
ATOM 1598 N N3    . U   B 2 5   ? -15.878 8.175   -4.425  1.00 81.57  ? 46  U   R N3    1 
ATOM 1599 C C4    . U   B 2 5   ? -14.730 8.243   -5.157  1.00 81.57  ? 46  U   R C4    1 
ATOM 1600 O O4    . U   B 2 5   ? -14.254 9.342   -5.416  1.00 81.57  ? 46  U   R O4    1 
ATOM 1601 C C5    . U   B 2 5   ? -14.203 6.983   -5.551  1.00 81.57  ? 46  U   R C5    1 
ATOM 1602 C C6    . U   B 2 5   ? -14.828 5.864   -5.199  1.00 81.57  ? 46  U   R C6    1 
# 
